data_5XXL
#
_entry.id   5XXL
#
_cell.length_a   81.940
_cell.length_b   167.880
_cell.length_c   224.090
_cell.angle_alpha   90.00
_cell.angle_beta   90.00
_cell.angle_gamma   90.00
#
_symmetry.space_group_name_H-M   'C 2 2 21'
#
loop_
_entity.id
_entity.type
_entity.pdbx_description
1 polymer 'Periplasmic beta-glucosidase'
2 non-polymer 'MAGNESIUM ION'
3 non-polymer DI(HYDROXYETHYL)ETHER
4 non-polymer 'TETRAETHYLENE GLYCOL'
5 water water
#
_entity_poly.entity_id   1
_entity_poly.type   'polypeptide(L)'
_entity_poly.pdbx_seq_one_letter_code
;MAAQKSPQDMDRFIDALMKKMTVEEKIGQLNLPVTGEITTGQAKSSDIAAKIKRGEVGGLFNLKGVEKIRDVQKQAVEQS
RLGIPLLFGMDVIHGYETMFPIPLGLSCTWDMTAIEESARIAAIEASADGISWTFSPMVDISRDPRWGRVSEGSGEDPFL
GAMIAEAMVLGYQGKDMQRNDEIMACVKHFALYGAGEGGRDYNTVDMSRQRMFNEYMLPYEAAVEAGVGSVMASFNEVDG
VPATANKWLMTDVLRGQWGFNGFVVTDYTGISEMIDHGIGDLQTVSARAINAGVDMDMVSEGFVSTLKKSIQEGKVSMET
LNTACRRILEAKYKLGLFDNPYKYCDLKRPARDIFTKAHRDAARRIAAESFVLLKNDNVTLRPGTPAEPLLPFNPKGNIA
VIGPLADSRTNMPGTWSVAAVLDRCPSLVEGLKEMTAGKANILYAKGSNLISDASYEERATMFGRSLNRDNRTDEQLLNE
ALTVANQSDIIIAALGESSEMSGESSSRTDLNIPDVQQNLLKELLKTGKPVVLVLFTGRPLTLTWEQEHVPAILNVWFGG
SEAAYAIGDALFGYVNPGGKLTMSFPKNVGQIPLYYAHKNTGRPLAQGKWFEKFRSNYLDVDNEPLYPFGYGLSYTTFSY
GDIDLSRSTIDMTGELTAAVMVTNTGTWPGSEVVQLYIRDLVGSTTRPVKELKGFQKIFLEPGQSEIVRFKIAPEMLRYY
NYDLQLVAEPGEFEVMIGTNSRDVKSARFTLKLEHHHHHH
;
_entity_poly.pdbx_strand_id   A,B
#
loop_
_chem_comp.id
_chem_comp.type
_chem_comp.name
_chem_comp.formula
MG non-polymer 'MAGNESIUM ION' 'Mg 2'
PEG non-polymer DI(HYDROXYETHYL)ETHER 'C4 H10 O3'
PG4 non-polymer 'TETRAETHYLENE GLYCOL' 'C8 H18 O5'
#
# COMPACT_ATOMS: atom_id res chain seq x y z
N ASP A 9 10.96 -43.96 -26.39
CA ASP A 9 10.94 -43.12 -25.16
C ASP A 9 9.83 -42.08 -25.29
N MET A 10 9.80 -41.13 -24.38
CA MET A 10 8.77 -40.10 -24.39
C MET A 10 8.81 -39.28 -25.66
N ASP A 11 10.01 -38.82 -26.04
CA ASP A 11 10.20 -38.02 -27.26
C ASP A 11 9.68 -38.75 -28.50
N ARG A 12 10.04 -40.04 -28.64
CA ARG A 12 9.55 -40.84 -29.77
C ARG A 12 8.04 -40.99 -29.78
N PHE A 13 7.46 -41.32 -28.61
CA PHE A 13 6.03 -41.50 -28.52
C PHE A 13 5.31 -40.20 -28.88
N ILE A 14 5.76 -39.11 -28.27
CA ILE A 14 5.14 -37.81 -28.50
C ILE A 14 5.36 -37.33 -29.94
N ASP A 15 6.55 -37.58 -30.51
CA ASP A 15 6.80 -37.30 -31.93
C ASP A 15 5.75 -37.97 -32.82
N ALA A 16 5.53 -39.27 -32.57
CA ALA A 16 4.55 -40.09 -33.32
C ALA A 16 3.13 -39.60 -33.16
N LEU A 17 2.74 -39.33 -31.91
CA LEU A 17 1.40 -38.85 -31.66
C LEU A 17 1.21 -37.50 -32.38
N MET A 18 2.17 -36.59 -32.22
CA MET A 18 2.07 -35.27 -32.88
C MET A 18 2.04 -35.29 -34.40
N LYS A 19 2.71 -36.26 -35.00
CA LYS A 19 2.65 -36.51 -36.46
C LYS A 19 1.23 -36.86 -36.98
N LYS A 20 0.39 -37.45 -36.13
CA LYS A 20 -1.03 -37.73 -36.50
C LYS A 20 -1.99 -36.60 -36.36
N MET A 21 -1.63 -35.57 -35.59
N MET A 21 -1.59 -35.53 -35.68
CA MET A 21 -2.60 -34.60 -35.11
CA MET A 21 -2.53 -34.54 -35.22
C MET A 21 -2.82 -33.45 -36.11
C MET A 21 -2.81 -33.44 -36.20
N THR A 22 -4.08 -33.13 -36.37
CA THR A 22 -4.47 -31.93 -37.13
C THR A 22 -4.07 -30.70 -36.28
N VAL A 23 -4.08 -29.54 -36.92
CA VAL A 23 -3.88 -28.27 -36.19
C VAL A 23 -4.97 -28.13 -35.10
N GLU A 24 -6.21 -28.46 -35.43
CA GLU A 24 -7.32 -28.43 -34.48
C GLU A 24 -7.10 -29.34 -33.27
N GLU A 25 -6.52 -30.53 -33.49
CA GLU A 25 -6.20 -31.45 -32.39
C GLU A 25 -5.09 -30.95 -31.47
N LYS A 26 -4.07 -30.33 -32.04
CA LYS A 26 -3.01 -29.72 -31.26
C LYS A 26 -3.54 -28.56 -30.43
N ILE A 27 -4.40 -27.73 -31.04
CA ILE A 27 -5.09 -26.64 -30.34
C ILE A 27 -5.98 -27.17 -29.22
N GLY A 28 -6.73 -28.24 -29.50
CA GLY A 28 -7.56 -28.89 -28.47
C GLY A 28 -6.87 -29.31 -27.18
N GLN A 29 -5.59 -29.71 -27.27
CA GLN A 29 -4.82 -30.08 -26.08
C GLN A 29 -4.55 -28.92 -25.13
N LEU A 30 -4.63 -27.71 -25.66
CA LEU A 30 -4.41 -26.49 -24.87
C LEU A 30 -5.68 -25.98 -24.21
N ASN A 31 -6.80 -26.69 -24.38
CA ASN A 31 -8.10 -26.20 -23.95
C ASN A 31 -8.54 -26.90 -22.67
N LEU A 32 -8.92 -26.10 -21.68
CA LEU A 32 -9.31 -26.59 -20.35
C LEU A 32 -10.68 -26.04 -19.95
N PRO A 33 -11.77 -26.66 -20.42
CA PRO A 33 -13.08 -26.30 -19.95
C PRO A 33 -13.32 -26.66 -18.49
N VAL A 34 -14.37 -26.08 -17.94
CA VAL A 34 -14.81 -26.37 -16.59
C VAL A 34 -16.09 -27.18 -16.63
N THR A 35 -16.23 -28.11 -15.70
CA THR A 35 -17.48 -28.86 -15.58
C THR A 35 -17.69 -29.23 -14.10
N GLY A 36 -18.72 -30.04 -13.84
CA GLY A 36 -19.01 -30.50 -12.50
C GLY A 36 -19.79 -29.52 -11.64
N GLU A 37 -19.76 -29.77 -10.33
CA GLU A 37 -20.62 -29.05 -9.37
C GLU A 37 -19.89 -27.92 -8.63
N ILE A 38 -18.57 -27.93 -8.67
CA ILE A 38 -17.74 -26.97 -7.95
C ILE A 38 -17.72 -25.64 -8.69
N THR A 39 -17.92 -24.54 -7.96
CA THR A 39 -17.87 -23.17 -8.50
C THR A 39 -16.60 -22.47 -8.04
N THR A 40 -15.71 -22.16 -8.97
CA THR A 40 -14.53 -21.36 -8.65
C THR A 40 -14.37 -20.14 -9.55
N GLY A 41 -15.45 -19.78 -10.23
CA GLY A 41 -15.49 -18.63 -11.14
C GLY A 41 -16.86 -18.46 -11.76
N GLN A 42 -17.01 -17.37 -12.50
CA GLN A 42 -18.29 -16.99 -13.10
C GLN A 42 -18.60 -17.79 -14.37
N ALA A 43 -17.68 -17.81 -15.33
CA ALA A 43 -17.92 -18.40 -16.65
C ALA A 43 -18.14 -19.91 -16.56
N LYS A 44 -19.06 -20.40 -17.39
CA LYS A 44 -19.30 -21.83 -17.49
C LYS A 44 -19.12 -22.31 -18.92
N SER A 45 -18.76 -23.58 -19.05
CA SER A 45 -18.52 -24.21 -20.37
C SER A 45 -19.78 -24.94 -20.82
N SER A 46 -19.80 -25.37 -22.09
CA SER A 46 -20.93 -26.06 -22.66
C SER A 46 -20.45 -27.07 -23.69
N ASP A 47 -21.30 -28.07 -23.97
CA ASP A 47 -21.12 -29.01 -25.08
C ASP A 47 -19.85 -29.85 -24.94
N ILE A 48 -19.48 -30.14 -23.69
CA ILE A 48 -18.21 -30.78 -23.41
C ILE A 48 -18.11 -32.19 -24.00
N ALA A 49 -19.19 -32.96 -24.00
CA ALA A 49 -19.09 -34.32 -24.51
C ALA A 49 -18.73 -34.35 -26.00
N ALA A 50 -19.42 -33.54 -26.80
CA ALA A 50 -19.13 -33.45 -28.23
C ALA A 50 -17.74 -32.86 -28.50
N LYS A 51 -17.32 -31.90 -27.67
CA LYS A 51 -16.00 -31.29 -27.80
C LYS A 51 -14.90 -32.30 -27.56
N ILE A 52 -15.09 -33.17 -26.56
CA ILE A 52 -14.14 -34.23 -26.28
C ILE A 52 -14.01 -35.18 -27.48
N LYS A 53 -15.15 -35.64 -27.98
CA LYS A 53 -15.20 -36.52 -29.18
C LYS A 53 -14.42 -35.93 -30.37
N ARG A 54 -14.54 -34.63 -30.57
CA ARG A 54 -13.82 -33.90 -31.64
C ARG A 54 -12.32 -33.61 -31.36
N GLY A 55 -11.83 -34.01 -30.18
CA GLY A 55 -10.44 -33.78 -29.79
C GLY A 55 -10.14 -32.34 -29.41
N GLU A 56 -11.16 -31.59 -29.00
CA GLU A 56 -11.03 -30.16 -28.65
C GLU A 56 -10.75 -29.89 -27.17
N VAL A 57 -10.50 -30.93 -26.39
CA VAL A 57 -10.33 -30.80 -24.93
C VAL A 57 -9.06 -31.49 -24.44
N GLY A 58 -8.22 -30.75 -23.73
CA GLY A 58 -7.01 -31.30 -23.12
C GLY A 58 -7.15 -31.73 -21.69
N GLY A 59 -8.06 -31.10 -20.98
CA GLY A 59 -8.29 -31.45 -19.59
C GLY A 59 -9.59 -30.83 -19.14
N LEU A 60 -10.01 -31.23 -17.95
CA LEU A 60 -11.18 -30.66 -17.28
C LEU A 60 -10.84 -30.41 -15.82
N PHE A 61 -11.64 -29.57 -15.19
CA PHE A 61 -11.53 -29.35 -13.76
C PHE A 61 -12.90 -29.04 -13.15
N ASN A 62 -12.92 -29.17 -11.82
CA ASN A 62 -14.10 -28.99 -10.95
C ASN A 62 -15.13 -30.13 -10.99
N LEU A 63 -14.75 -31.23 -11.65
CA LEU A 63 -15.52 -32.47 -11.62
C LEU A 63 -15.04 -33.34 -10.46
N LYS A 64 -15.98 -33.68 -9.57
CA LYS A 64 -15.70 -34.51 -8.40
C LYS A 64 -16.40 -35.84 -8.55
N GLY A 65 -15.64 -36.92 -8.36
CA GLY A 65 -16.17 -38.27 -8.16
C GLY A 65 -15.64 -39.22 -9.23
N VAL A 66 -15.02 -40.30 -8.79
CA VAL A 66 -14.34 -41.24 -9.68
C VAL A 66 -15.27 -41.84 -10.76
N GLU A 67 -16.53 -42.07 -10.44
CA GLU A 67 -17.47 -42.61 -11.43
C GLU A 67 -17.70 -41.64 -12.60
N LYS A 68 -17.89 -40.37 -12.27
CA LYS A 68 -18.08 -39.32 -13.28
C LYS A 68 -16.81 -39.12 -14.10
N ILE A 69 -15.66 -39.10 -13.44
CA ILE A 69 -14.38 -38.89 -14.12
C ILE A 69 -14.07 -40.07 -15.03
N ARG A 70 -14.31 -41.29 -14.55
CA ARG A 70 -14.10 -42.47 -15.38
C ARG A 70 -14.97 -42.46 -16.65
N ASP A 71 -16.26 -42.13 -16.50
CA ASP A 71 -17.14 -42.00 -17.67
C ASP A 71 -16.59 -41.01 -18.67
N VAL A 72 -16.10 -39.86 -18.20
CA VAL A 72 -15.62 -38.83 -19.09
C VAL A 72 -14.29 -39.27 -19.75
N GLN A 73 -13.42 -39.93 -18.99
CA GLN A 73 -12.15 -40.42 -19.53
C GLN A 73 -12.38 -41.52 -20.56
N LYS A 74 -13.36 -42.38 -20.31
CA LYS A 74 -13.76 -43.37 -21.32
C LYS A 74 -14.25 -42.72 -22.63
N GLN A 75 -14.91 -41.57 -22.53
N GLN A 75 -14.95 -41.58 -22.54
CA GLN A 75 -15.29 -40.82 -23.74
CA GLN A 75 -15.29 -40.83 -23.76
C GLN A 75 -14.06 -40.30 -24.48
C GLN A 75 -14.01 -40.38 -24.47
N ALA A 76 -13.08 -39.78 -23.73
CA ALA A 76 -11.81 -39.28 -24.31
C ALA A 76 -11.02 -40.38 -25.01
N VAL A 77 -10.78 -41.46 -24.28
CA VAL A 77 -9.98 -42.57 -24.76
C VAL A 77 -10.66 -43.32 -25.91
N GLU A 78 -11.92 -43.69 -25.73
CA GLU A 78 -12.58 -44.60 -26.67
C GLU A 78 -13.22 -43.93 -27.85
N GLN A 79 -13.56 -42.66 -27.70
CA GLN A 79 -14.41 -41.99 -28.68
C GLN A 79 -13.83 -40.78 -29.39
N SER A 80 -12.66 -40.30 -29.00
CA SER A 80 -11.98 -39.33 -29.86
C SER A 80 -11.12 -40.12 -30.85
N ARG A 81 -10.86 -39.49 -31.98
CA ARG A 81 -10.05 -40.08 -33.06
C ARG A 81 -8.73 -40.66 -32.52
N LEU A 82 -8.01 -39.88 -31.74
CA LEU A 82 -6.69 -40.26 -31.25
C LEU A 82 -6.65 -40.80 -29.82
N GLY A 83 -7.75 -40.69 -29.09
CA GLY A 83 -7.87 -41.30 -27.77
C GLY A 83 -7.01 -40.67 -26.68
N ILE A 84 -6.72 -39.37 -26.81
CA ILE A 84 -5.75 -38.75 -25.92
C ILE A 84 -6.43 -38.51 -24.56
N PRO A 85 -5.87 -39.07 -23.48
CA PRO A 85 -6.52 -39.00 -22.15
C PRO A 85 -6.50 -37.58 -21.59
N LEU A 86 -7.48 -37.28 -20.76
CA LEU A 86 -7.61 -35.97 -20.13
C LEU A 86 -6.88 -35.90 -18.80
N LEU A 87 -6.35 -34.72 -18.49
CA LEU A 87 -6.07 -34.33 -17.11
C LEU A 87 -7.39 -33.99 -16.42
N PHE A 88 -7.49 -34.29 -15.13
CA PHE A 88 -8.63 -33.87 -14.31
C PHE A 88 -8.09 -33.10 -13.11
N GLY A 89 -8.39 -31.81 -13.06
CA GLY A 89 -7.89 -30.92 -12.02
C GLY A 89 -8.91 -30.53 -10.98
N MET A 90 -8.39 -30.08 -9.85
CA MET A 90 -9.21 -29.52 -8.78
C MET A 90 -8.32 -28.70 -7.87
N ASP A 91 -8.91 -27.72 -7.19
CA ASP A 91 -8.19 -27.04 -6.13
C ASP A 91 -8.16 -27.93 -4.89
N VAL A 92 -7.12 -28.75 -4.79
CA VAL A 92 -6.91 -29.57 -3.60
C VAL A 92 -5.85 -28.79 -2.86
N ILE A 93 -6.31 -27.98 -1.90
CA ILE A 93 -5.51 -26.87 -1.34
C ILE A 93 -4.95 -27.20 0.05
N HIS A 94 -5.82 -27.70 0.91
CA HIS A 94 -5.43 -28.17 2.23
C HIS A 94 -6.29 -29.37 2.62
N GLY A 95 -6.55 -30.22 1.64
CA GLY A 95 -7.29 -31.44 1.86
C GLY A 95 -8.29 -31.71 0.78
N TYR A 96 -8.60 -32.99 0.63
CA TYR A 96 -9.62 -33.43 -0.28
C TYR A 96 -10.96 -33.54 0.48
N GLU A 97 -11.15 -34.60 1.28
CA GLU A 97 -12.30 -34.68 2.21
C GLU A 97 -11.83 -34.57 3.66
N THR A 98 -10.73 -35.24 3.99
CA THR A 98 -10.07 -35.02 5.25
C THR A 98 -9.38 -33.66 5.17
N MET A 99 -9.88 -32.68 5.92
CA MET A 99 -9.40 -31.31 5.76
C MET A 99 -8.38 -30.95 6.84
N PHE A 100 -7.21 -30.48 6.40
CA PHE A 100 -6.15 -29.94 7.26
C PHE A 100 -6.42 -28.45 7.49
N PRO A 101 -5.65 -27.80 8.37
CA PRO A 101 -5.80 -26.35 8.48
C PRO A 101 -5.65 -25.61 7.14
N ILE A 102 -6.30 -24.46 7.03
CA ILE A 102 -6.04 -23.60 5.89
C ILE A 102 -4.53 -23.37 5.78
N PRO A 103 -4.01 -23.23 4.54
CA PRO A 103 -2.56 -23.09 4.41
C PRO A 103 -1.88 -22.09 5.36
N LEU A 104 -2.49 -20.92 5.56
CA LEU A 104 -1.87 -19.92 6.45
C LEU A 104 -1.76 -20.45 7.87
N GLY A 105 -2.79 -21.15 8.35
CA GLY A 105 -2.73 -21.80 9.64
C GLY A 105 -1.70 -22.91 9.67
N LEU A 106 -1.70 -23.77 8.65
CA LEU A 106 -0.74 -24.87 8.55
C LEU A 106 0.72 -24.40 8.58
N SER A 107 0.99 -23.25 7.98
CA SER A 107 2.36 -22.70 7.95
C SER A 107 2.91 -22.43 9.37
N CYS A 108 2.02 -22.16 10.32
CA CYS A 108 2.37 -21.92 11.71
C CYS A 108 2.84 -23.16 12.46
N THR A 109 2.71 -24.34 11.87
CA THR A 109 3.35 -25.54 12.43
C THR A 109 4.86 -25.51 12.31
N TRP A 110 5.38 -24.76 11.34
CA TRP A 110 6.83 -24.71 11.06
C TRP A 110 7.41 -26.14 11.01
N ASP A 111 6.64 -27.04 10.40
CA ASP A 111 6.90 -28.47 10.42
C ASP A 111 6.75 -28.99 9.00
N MET A 112 7.88 -29.08 8.30
CA MET A 112 7.86 -29.48 6.89
C MET A 112 7.46 -30.93 6.70
N THR A 113 7.79 -31.79 7.68
CA THR A 113 7.36 -33.19 7.68
C THR A 113 5.83 -33.28 7.74
N ALA A 114 5.22 -32.55 8.66
CA ALA A 114 3.75 -32.53 8.75
C ALA A 114 3.08 -31.92 7.53
N ILE A 115 3.68 -30.85 7.00
CA ILE A 115 3.15 -30.20 5.81
C ILE A 115 3.17 -31.21 4.65
N GLU A 116 4.30 -31.89 4.46
CA GLU A 116 4.42 -32.87 3.38
C GLU A 116 3.40 -33.99 3.55
N GLU A 117 3.30 -34.47 4.79
CA GLU A 117 2.32 -35.48 5.18
C GLU A 117 0.91 -35.08 4.79
N SER A 118 0.53 -33.85 5.13
CA SER A 118 -0.81 -33.36 4.77
C SER A 118 -1.07 -33.36 3.25
N ALA A 119 -0.05 -32.99 2.46
CA ALA A 119 -0.16 -32.99 0.99
C ALA A 119 -0.24 -34.43 0.46
N ARG A 120 0.55 -35.33 1.07
CA ARG A 120 0.52 -36.77 0.74
C ARG A 120 -0.87 -37.35 0.92
N ILE A 121 -1.47 -37.09 2.08
CA ILE A 121 -2.80 -37.58 2.38
C ILE A 121 -3.84 -37.04 1.39
N ALA A 122 -3.73 -35.75 1.08
CA ALA A 122 -4.65 -35.12 0.13
C ALA A 122 -4.54 -35.75 -1.25
N ALA A 123 -3.30 -35.98 -1.68
CA ALA A 123 -3.03 -36.66 -2.96
C ALA A 123 -3.59 -38.09 -3.00
N ILE A 124 -3.42 -38.82 -1.90
CA ILE A 124 -4.00 -40.17 -1.79
C ILE A 124 -5.54 -40.13 -1.94
N GLU A 125 -6.20 -39.18 -1.30
CA GLU A 125 -7.66 -39.10 -1.37
C GLU A 125 -8.14 -38.62 -2.74
N ALA A 126 -7.47 -37.59 -3.27
CA ALA A 126 -7.85 -37.02 -4.56
C ALA A 126 -7.66 -38.02 -5.69
N SER A 127 -6.51 -38.70 -5.68
CA SER A 127 -6.17 -39.70 -6.70
C SER A 127 -7.09 -40.91 -6.64
N ALA A 128 -7.43 -41.35 -5.42
CA ALA A 128 -8.48 -42.35 -5.20
C ALA A 128 -9.80 -42.00 -5.89
N ASP A 129 -10.08 -40.71 -6.03
CA ASP A 129 -11.36 -40.25 -6.58
C ASP A 129 -11.25 -39.65 -8.00
N GLY A 130 -10.17 -39.98 -8.72
CA GLY A 130 -10.05 -39.60 -10.14
C GLY A 130 -9.18 -38.40 -10.51
N ILE A 131 -8.79 -37.60 -9.51
CA ILE A 131 -8.05 -36.36 -9.77
C ILE A 131 -6.58 -36.66 -10.02
N SER A 132 -6.05 -36.13 -11.13
CA SER A 132 -4.63 -36.29 -11.50
C SER A 132 -3.80 -35.02 -11.30
N TRP A 133 -4.44 -33.94 -10.89
CA TRP A 133 -3.84 -32.60 -10.96
C TRP A 133 -4.48 -31.71 -9.93
N THR A 134 -3.66 -31.14 -9.05
CA THR A 134 -4.15 -30.16 -8.08
C THR A 134 -3.54 -28.80 -8.34
N PHE A 135 -4.40 -27.78 -8.24
CA PHE A 135 -3.97 -26.37 -8.35
C PHE A 135 -3.38 -25.89 -7.01
N SER A 136 -2.23 -26.46 -6.67
CA SER A 136 -1.61 -26.29 -5.36
C SER A 136 -0.13 -26.64 -5.51
N PRO A 137 0.81 -25.96 -4.83
CA PRO A 137 0.55 -25.00 -3.76
C PRO A 137 0.41 -23.54 -4.21
N MET A 138 -0.35 -22.77 -3.45
CA MET A 138 -0.32 -21.32 -3.55
C MET A 138 0.83 -20.80 -2.66
N VAL A 139 1.77 -20.08 -3.27
CA VAL A 139 3.03 -19.68 -2.62
C VAL A 139 3.24 -18.16 -2.69
N ASP A 140 2.18 -17.42 -2.95
CA ASP A 140 2.31 -15.97 -3.13
C ASP A 140 2.69 -15.33 -1.83
N ILE A 141 3.75 -14.51 -1.86
CA ILE A 141 4.13 -13.69 -0.72
C ILE A 141 3.15 -12.55 -0.56
N SER A 142 2.70 -12.28 0.66
CA SER A 142 1.90 -11.08 0.90
C SER A 142 2.24 -10.46 2.23
N ARG A 143 2.26 -9.14 2.19
CA ARG A 143 2.46 -8.30 3.34
C ARG A 143 1.18 -7.54 3.67
N ASP A 144 0.08 -7.93 3.04
CA ASP A 144 -1.14 -7.15 3.09
C ASP A 144 -2.30 -8.01 3.59
N PRO A 145 -2.63 -7.92 4.88
CA PRO A 145 -3.65 -8.79 5.47
C PRO A 145 -5.09 -8.44 5.08
N ARG A 146 -5.30 -7.33 4.38
CA ARG A 146 -6.60 -7.06 3.75
C ARG A 146 -6.99 -8.11 2.70
N TRP A 147 -5.99 -8.68 2.03
CA TRP A 147 -6.21 -9.66 0.96
C TRP A 147 -6.68 -11.00 1.50
N GLY A 148 -7.82 -11.46 1.01
CA GLY A 148 -8.40 -12.70 1.51
C GLY A 148 -7.55 -13.92 1.25
N ARG A 149 -6.71 -13.84 0.22
CA ARG A 149 -5.96 -15.01 -0.21
C ARG A 149 -4.70 -15.25 0.63
N VAL A 150 -4.41 -14.40 1.62
CA VAL A 150 -3.38 -14.75 2.59
C VAL A 150 -3.68 -16.10 3.26
N SER A 151 -4.95 -16.44 3.40
CA SER A 151 -5.35 -17.76 3.94
C SER A 151 -4.77 -18.96 3.19
N GLU A 152 -4.49 -18.75 1.91
CA GLU A 152 -4.08 -19.81 0.98
C GLU A 152 -2.61 -20.02 0.89
N GLY A 153 -1.84 -19.07 1.42
CA GLY A 153 -0.40 -19.11 1.38
C GLY A 153 0.24 -19.42 2.71
N SER A 154 1.50 -19.04 2.84
CA SER A 154 2.29 -19.42 4.00
C SER A 154 2.95 -18.23 4.69
N GLY A 155 2.38 -17.05 4.47
CA GLY A 155 2.79 -15.85 5.16
C GLY A 155 3.68 -14.92 4.36
N GLU A 156 4.35 -14.05 5.09
CA GLU A 156 5.09 -12.96 4.46
C GLU A 156 6.55 -13.28 4.09
N ASP A 157 7.07 -14.42 4.54
CA ASP A 157 8.51 -14.69 4.44
C ASP A 157 8.88 -15.65 3.32
N PRO A 158 9.82 -15.22 2.46
CA PRO A 158 10.17 -16.09 1.32
C PRO A 158 10.99 -17.34 1.64
N PHE A 159 11.83 -17.31 2.68
CA PHE A 159 12.61 -18.50 3.09
C PHE A 159 11.67 -19.62 3.55
N LEU A 160 10.81 -19.31 4.51
CA LEU A 160 9.82 -20.28 4.97
C LEU A 160 8.86 -20.67 3.85
N GLY A 161 8.44 -19.68 3.07
CA GLY A 161 7.58 -19.93 1.92
C GLY A 161 8.19 -20.94 0.95
N ALA A 162 9.48 -20.78 0.69
CA ALA A 162 10.19 -21.68 -0.21
C ALA A 162 10.27 -23.11 0.31
N MET A 163 10.61 -23.28 1.58
N MET A 163 10.61 -23.28 1.60
CA MET A 163 10.64 -24.61 2.20
CA MET A 163 10.63 -24.60 2.27
C MET A 163 9.26 -25.28 2.12
C MET A 163 9.27 -25.29 2.19
N ILE A 164 8.20 -24.53 2.41
CA ILE A 164 6.83 -25.05 2.35
C ILE A 164 6.43 -25.45 0.93
N ALA A 165 6.77 -24.63 -0.05
CA ALA A 165 6.52 -24.93 -1.46
C ALA A 165 7.12 -26.30 -1.83
N GLU A 166 8.37 -26.52 -1.44
CA GLU A 166 9.06 -27.80 -1.69
C GLU A 166 8.32 -28.97 -1.04
N ALA A 167 7.92 -28.78 0.22
CA ALA A 167 7.24 -29.81 1.01
C ALA A 167 5.91 -30.20 0.39
N MET A 168 5.16 -29.21 -0.07
CA MET A 168 3.87 -29.47 -0.71
C MET A 168 4.01 -30.19 -2.05
N VAL A 169 4.93 -29.72 -2.89
CA VAL A 169 5.16 -30.34 -4.20
C VAL A 169 5.56 -31.81 -4.04
N LEU A 170 6.53 -32.05 -3.17
CA LEU A 170 7.01 -33.41 -2.88
C LEU A 170 5.88 -34.28 -2.32
N GLY A 171 5.04 -33.71 -1.46
CA GLY A 171 3.95 -34.45 -0.88
C GLY A 171 2.97 -34.92 -1.94
N TYR A 172 2.62 -34.02 -2.87
CA TYR A 172 1.69 -34.36 -3.94
C TYR A 172 2.27 -35.31 -4.98
N GLN A 173 3.48 -35.01 -5.44
CA GLN A 173 4.07 -35.65 -6.62
C GLN A 173 4.96 -36.84 -6.34
N GLY A 174 5.52 -36.90 -5.14
CA GLY A 174 6.60 -37.82 -4.80
C GLY A 174 7.82 -37.60 -5.71
N LYS A 175 8.60 -38.65 -5.87
CA LYS A 175 9.84 -38.63 -6.68
C LYS A 175 9.56 -38.26 -8.16
N ASP A 176 8.52 -38.85 -8.74
CA ASP A 176 8.26 -38.74 -10.19
C ASP A 176 6.80 -38.91 -10.66
N MET A 177 5.83 -38.83 -9.75
CA MET A 177 4.40 -39.00 -10.06
C MET A 177 4.01 -40.39 -10.63
N GLN A 178 4.87 -41.40 -10.45
CA GLN A 178 4.64 -42.71 -11.08
C GLN A 178 3.52 -43.50 -10.38
N ARG A 179 3.36 -43.30 -9.08
CA ARG A 179 2.40 -44.09 -8.29
C ARG A 179 0.99 -43.63 -8.55
N ASN A 180 0.02 -44.51 -8.35
CA ASN A 180 -1.37 -44.09 -8.54
C ASN A 180 -1.93 -43.25 -7.41
N ASP A 181 -1.15 -42.99 -6.36
CA ASP A 181 -1.55 -42.07 -5.30
C ASP A 181 -0.71 -40.80 -5.28
N GLU A 182 -0.04 -40.55 -6.41
CA GLU A 182 0.70 -39.32 -6.67
C GLU A 182 0.01 -38.58 -7.80
N ILE A 183 -0.03 -37.25 -7.68
CA ILE A 183 -0.71 -36.38 -8.64
C ILE A 183 0.23 -35.24 -9.01
N MET A 184 -0.08 -34.58 -10.12
N MET A 184 -0.06 -34.56 -10.10
CA MET A 184 0.65 -33.37 -10.59
CA MET A 184 0.77 -33.42 -10.48
C MET A 184 0.26 -32.18 -9.70
C MET A 184 0.29 -32.14 -9.81
N ALA A 185 1.26 -31.40 -9.30
CA ALA A 185 1.04 -30.15 -8.58
C ALA A 185 1.20 -28.96 -9.53
N CYS A 186 0.76 -27.81 -9.06
CA CYS A 186 0.70 -26.60 -9.87
C CYS A 186 0.99 -25.41 -8.98
N VAL A 187 2.20 -24.87 -9.06
CA VAL A 187 2.55 -23.73 -8.24
C VAL A 187 1.82 -22.50 -8.78
N LYS A 188 1.23 -21.75 -7.87
CA LYS A 188 0.45 -20.58 -8.24
C LYS A 188 0.70 -19.46 -7.23
N HIS A 189 0.43 -18.20 -7.55
CA HIS A 189 -0.01 -17.71 -8.83
C HIS A 189 1.13 -16.88 -9.37
N PHE A 190 1.72 -17.35 -10.46
CA PHE A 190 2.95 -16.76 -10.99
C PHE A 190 2.57 -15.51 -11.80
N ALA A 191 2.89 -14.28 -11.37
CA ALA A 191 3.68 -13.93 -10.20
C ALA A 191 3.19 -12.61 -9.57
N LEU A 192 3.46 -12.49 -8.28
CA LEU A 192 3.39 -11.23 -7.49
C LEU A 192 1.96 -10.87 -7.05
N TYR A 193 1.06 -11.83 -7.16
CA TYR A 193 -0.39 -11.65 -6.98
C TYR A 193 -0.74 -11.16 -5.56
N GLY A 194 0.08 -11.53 -4.58
CA GLY A 194 -0.08 -11.03 -3.21
C GLY A 194 0.20 -9.56 -2.95
N ALA A 195 0.68 -8.83 -3.94
CA ALA A 195 0.96 -7.39 -3.79
C ALA A 195 -0.10 -6.49 -4.45
N GLY A 196 -1.30 -7.02 -4.68
CA GLY A 196 -2.34 -6.23 -5.33
C GLY A 196 -2.67 -4.98 -4.51
N GLU A 197 -2.81 -3.84 -5.20
CA GLU A 197 -3.01 -2.59 -4.51
C GLU A 197 -4.27 -2.58 -3.65
N GLY A 198 -4.13 -1.96 -2.49
CA GLY A 198 -5.22 -1.85 -1.55
C GLY A 198 -5.58 -3.13 -0.83
N GLY A 199 -4.80 -4.20 -1.03
CA GLY A 199 -5.17 -5.55 -0.58
C GLY A 199 -6.44 -6.05 -1.25
N ARG A 200 -6.80 -5.41 -2.38
CA ARG A 200 -8.06 -5.69 -3.07
C ARG A 200 -7.77 -6.73 -4.14
N ASP A 201 -8.49 -7.84 -4.08
CA ASP A 201 -8.17 -8.97 -4.96
C ASP A 201 -8.26 -8.53 -6.43
N TYR A 202 -7.30 -9.04 -7.19
CA TYR A 202 -7.16 -8.82 -8.64
C TYR A 202 -6.57 -7.46 -9.05
N ASN A 203 -6.29 -6.60 -8.08
CA ASN A 203 -5.87 -5.24 -8.38
C ASN A 203 -4.42 -5.17 -8.84
N THR A 204 -4.11 -4.04 -9.44
CA THR A 204 -2.79 -3.71 -9.96
C THR A 204 -1.65 -4.09 -9.01
N VAL A 205 -0.63 -4.74 -9.56
CA VAL A 205 0.63 -4.97 -8.87
C VAL A 205 1.71 -4.17 -9.58
N ASP A 206 2.58 -3.54 -8.80
CA ASP A 206 3.73 -2.85 -9.35
C ASP A 206 4.88 -2.91 -8.36
N MET A 207 6.04 -3.30 -8.87
CA MET A 207 7.24 -3.26 -8.04
C MET A 207 8.47 -3.29 -8.93
N SER A 208 9.61 -3.03 -8.30
CA SER A 208 10.90 -3.06 -9.00
C SER A 208 11.31 -4.50 -9.23
N ARG A 209 12.20 -4.71 -10.20
CA ARG A 209 12.77 -6.04 -10.44
C ARG A 209 13.54 -6.54 -9.24
N GLN A 210 14.26 -5.65 -8.57
CA GLN A 210 15.03 -6.02 -7.40
C GLN A 210 14.10 -6.53 -6.28
N ARG A 211 12.96 -5.86 -6.08
CA ARG A 211 12.00 -6.30 -5.08
C ARG A 211 11.42 -7.66 -5.45
N MET A 212 11.10 -7.86 -6.71
CA MET A 212 10.55 -9.14 -7.16
C MET A 212 11.47 -10.27 -6.71
N PHE A 213 12.74 -10.18 -7.11
CA PHE A 213 13.67 -11.27 -6.86
C PHE A 213 14.09 -11.42 -5.41
N ASN A 214 14.30 -10.33 -4.70
CA ASN A 214 14.68 -10.43 -3.28
C ASN A 214 13.57 -10.77 -2.30
N GLU A 215 12.35 -10.39 -2.66
CA GLU A 215 11.25 -10.33 -1.71
C GLU A 215 10.03 -11.18 -2.07
N TYR A 216 9.84 -11.49 -3.37
CA TYR A 216 8.62 -12.20 -3.84
C TYR A 216 8.80 -13.50 -4.60
N MET A 217 9.89 -13.67 -5.32
CA MET A 217 9.99 -14.76 -6.30
C MET A 217 10.43 -16.12 -5.76
N LEU A 218 11.16 -16.15 -4.65
CA LEU A 218 11.85 -17.38 -4.23
C LEU A 218 10.88 -18.56 -4.11
N PRO A 219 9.68 -18.35 -3.53
CA PRO A 219 8.84 -19.54 -3.41
C PRO A 219 8.40 -20.20 -4.70
N TYR A 220 8.24 -19.41 -5.77
CA TYR A 220 7.91 -19.95 -7.07
C TYR A 220 9.09 -20.74 -7.60
N GLU A 221 10.28 -20.17 -7.46
CA GLU A 221 11.52 -20.83 -7.91
C GLU A 221 11.73 -22.16 -7.18
N ALA A 222 11.42 -22.17 -5.88
CA ALA A 222 11.60 -23.39 -5.06
C ALA A 222 10.69 -24.53 -5.53
N ALA A 223 9.44 -24.20 -5.86
CA ALA A 223 8.50 -25.17 -6.43
C ALA A 223 9.00 -25.73 -7.75
N VAL A 224 9.51 -24.85 -8.61
CA VAL A 224 10.05 -25.26 -9.90
C VAL A 224 11.21 -26.20 -9.69
N GLU A 225 12.12 -25.82 -8.79
CA GLU A 225 13.28 -26.64 -8.49
C GLU A 225 12.97 -27.96 -7.78
N ALA A 226 11.81 -28.04 -7.14
CA ALA A 226 11.31 -29.31 -6.59
C ALA A 226 10.66 -30.22 -7.64
N GLY A 227 10.59 -29.75 -8.88
CA GLY A 227 10.06 -30.53 -10.01
C GLY A 227 8.56 -30.39 -10.21
N VAL A 228 7.96 -29.31 -9.73
CA VAL A 228 6.52 -29.10 -9.95
C VAL A 228 6.21 -29.24 -11.44
N GLY A 229 5.11 -29.91 -11.76
CA GLY A 229 4.78 -30.27 -13.13
C GLY A 229 4.15 -29.16 -13.94
N SER A 230 3.55 -28.19 -13.25
CA SER A 230 2.79 -27.12 -13.89
C SER A 230 2.91 -25.83 -13.06
N VAL A 231 2.63 -24.71 -13.74
CA VAL A 231 2.63 -23.37 -13.17
C VAL A 231 1.33 -22.70 -13.58
N MET A 232 0.70 -21.97 -12.67
CA MET A 232 -0.49 -21.19 -13.00
C MET A 232 -0.16 -19.70 -13.09
N ALA A 233 -0.44 -19.11 -14.24
CA ALA A 233 -0.28 -17.66 -14.45
C ALA A 233 -1.29 -16.87 -13.62
N SER A 234 -0.87 -15.75 -13.04
CA SER A 234 -1.73 -14.99 -12.13
C SER A 234 -2.59 -13.94 -12.84
N PHE A 235 -3.60 -13.43 -12.14
CA PHE A 235 -4.58 -12.50 -12.69
C PHE A 235 -4.04 -11.09 -12.80
N ASN A 236 -3.05 -10.75 -11.99
CA ASN A 236 -2.56 -9.39 -11.92
C ASN A 236 -1.66 -9.07 -13.09
N GLU A 237 -1.62 -7.79 -13.45
CA GLU A 237 -0.52 -7.27 -14.26
C GLU A 237 0.81 -7.18 -13.51
N VAL A 238 1.88 -7.24 -14.28
CA VAL A 238 3.24 -7.05 -13.80
C VAL A 238 3.91 -6.17 -14.87
N ASP A 239 4.50 -5.05 -14.46
CA ASP A 239 5.10 -4.10 -15.43
C ASP A 239 4.12 -3.69 -16.55
N GLY A 240 2.86 -3.52 -16.18
CA GLY A 240 1.80 -3.13 -17.11
C GLY A 240 1.32 -4.20 -18.07
N VAL A 241 1.79 -5.44 -17.91
CA VAL A 241 1.36 -6.52 -18.77
C VAL A 241 0.72 -7.58 -17.89
N PRO A 242 -0.54 -7.95 -18.17
CA PRO A 242 -1.13 -9.08 -17.46
C PRO A 242 -0.14 -10.25 -17.46
N ALA A 243 0.00 -10.93 -16.33
CA ALA A 243 0.96 -12.01 -16.21
C ALA A 243 0.74 -13.09 -17.29
N THR A 244 -0.52 -13.30 -17.69
CA THR A 244 -0.88 -14.27 -18.74
C THR A 244 -0.39 -13.88 -20.14
N ALA A 245 0.03 -12.62 -20.34
CA ALA A 245 0.67 -12.20 -21.62
C ALA A 245 2.13 -11.81 -21.41
N ASN A 246 2.67 -12.05 -20.23
CA ASN A 246 3.99 -11.54 -19.87
C ASN A 246 5.09 -12.54 -20.21
N LYS A 247 5.68 -12.36 -21.41
CA LYS A 247 6.70 -13.27 -21.91
C LYS A 247 7.97 -13.23 -21.05
N TRP A 248 8.30 -12.08 -20.48
CA TRP A 248 9.44 -12.05 -19.56
C TRP A 248 9.24 -13.03 -18.37
N LEU A 249 8.04 -13.03 -17.79
CA LEU A 249 7.69 -13.98 -16.73
C LEU A 249 7.65 -15.41 -17.25
N MET A 250 6.73 -15.66 -18.19
CA MET A 250 6.40 -17.05 -18.56
C MET A 250 7.47 -17.75 -19.40
N THR A 251 8.32 -16.98 -20.07
CA THR A 251 9.45 -17.55 -20.82
C THR A 251 10.80 -17.24 -20.18
N ASP A 252 11.18 -15.97 -20.16
CA ASP A 252 12.53 -15.60 -19.74
C ASP A 252 12.89 -15.99 -18.32
N VAL A 253 12.03 -15.74 -17.35
CA VAL A 253 12.34 -16.13 -15.96
C VAL A 253 12.09 -17.62 -15.76
N LEU A 254 10.87 -18.04 -16.05
CA LEU A 254 10.42 -19.39 -15.74
C LEU A 254 11.26 -20.49 -16.43
N ARG A 255 11.46 -20.34 -17.73
CA ARG A 255 12.22 -21.31 -18.53
C ARG A 255 13.66 -20.88 -18.64
N GLY A 256 13.87 -19.67 -19.13
CA GLY A 256 15.23 -19.14 -19.34
C GLY A 256 16.13 -19.19 -18.12
N GLN A 257 15.66 -18.65 -17.00
CA GLN A 257 16.46 -18.58 -15.77
C GLN A 257 16.36 -19.82 -14.90
N TRP A 258 15.14 -20.33 -14.71
CA TRP A 258 14.91 -21.42 -13.75
C TRP A 258 14.84 -22.81 -14.39
N GLY A 259 14.84 -22.88 -15.72
CA GLY A 259 14.84 -24.15 -16.44
C GLY A 259 13.61 -25.03 -16.20
N PHE A 260 12.46 -24.40 -15.95
CA PHE A 260 11.19 -25.12 -15.87
C PHE A 260 10.92 -25.93 -17.13
N ASN A 261 10.65 -27.23 -16.95
CA ASN A 261 10.41 -28.19 -18.05
C ASN A 261 8.94 -28.51 -18.28
N GLY A 262 8.06 -27.95 -17.44
CA GLY A 262 6.65 -28.30 -17.45
C GLY A 262 5.81 -27.37 -18.29
N PHE A 263 4.52 -27.29 -17.97
CA PHE A 263 3.59 -26.40 -18.70
C PHE A 263 2.92 -25.33 -17.82
N VAL A 264 2.47 -24.27 -18.49
CA VAL A 264 1.78 -23.16 -17.84
C VAL A 264 0.29 -23.16 -18.17
N VAL A 265 -0.51 -23.14 -17.12
CA VAL A 265 -1.96 -23.02 -17.25
C VAL A 265 -2.35 -21.61 -16.80
N THR A 266 -3.42 -21.06 -17.37
CA THR A 266 -3.91 -19.78 -16.90
C THR A 266 -4.72 -20.03 -15.63
N ASP A 267 -5.06 -18.94 -14.96
CA ASP A 267 -6.10 -18.97 -13.94
C ASP A 267 -7.44 -18.82 -14.69
N TYR A 268 -8.53 -18.79 -13.94
CA TYR A 268 -9.89 -18.90 -14.45
C TYR A 268 -10.25 -17.74 -15.39
N THR A 269 -10.47 -18.06 -16.66
CA THR A 269 -10.71 -17.05 -17.72
C THR A 269 -9.63 -15.96 -17.75
N GLY A 270 -8.42 -16.32 -17.37
CA GLY A 270 -7.30 -15.35 -17.38
C GLY A 270 -7.07 -14.72 -18.74
N ILE A 271 -7.23 -15.49 -19.82
CA ILE A 271 -7.01 -14.94 -21.17
C ILE A 271 -8.08 -13.93 -21.57
N SER A 272 -9.35 -14.26 -21.45
CA SER A 272 -10.39 -13.32 -21.88
C SER A 272 -10.42 -12.06 -20.99
N GLU A 273 -9.97 -12.21 -19.74
CA GLU A 273 -9.89 -11.08 -18.81
C GLU A 273 -8.82 -10.06 -19.23
N MET A 274 -7.89 -10.45 -20.09
CA MET A 274 -6.95 -9.48 -20.69
C MET A 274 -7.62 -8.44 -21.57
N ILE A 275 -8.80 -8.75 -22.09
CA ILE A 275 -9.61 -7.78 -22.82
C ILE A 275 -9.98 -6.67 -21.83
N ASP A 276 -10.52 -7.06 -20.68
CA ASP A 276 -10.81 -6.09 -19.60
C ASP A 276 -9.59 -5.34 -19.11
N HIS A 277 -8.48 -6.02 -18.88
CA HIS A 277 -7.22 -5.36 -18.50
C HIS A 277 -6.89 -4.19 -19.43
N GLY A 278 -7.20 -4.37 -20.72
CA GLY A 278 -7.09 -3.31 -21.73
C GLY A 278 -5.96 -3.47 -22.73
N ILE A 279 -5.57 -4.71 -23.04
CA ILE A 279 -4.49 -4.97 -24.00
C ILE A 279 -4.95 -5.60 -25.33
N GLY A 280 -6.25 -5.64 -25.59
CA GLY A 280 -6.73 -6.03 -26.91
C GLY A 280 -7.86 -7.01 -26.90
N ASP A 281 -8.23 -7.43 -28.10
CA ASP A 281 -9.33 -8.35 -28.31
C ASP A 281 -8.91 -9.79 -28.04
N LEU A 282 -9.89 -10.68 -28.02
CA LEU A 282 -9.66 -12.07 -27.66
C LEU A 282 -8.55 -12.73 -28.49
N GLN A 283 -8.64 -12.58 -29.81
CA GLN A 283 -7.60 -13.13 -30.67
C GLN A 283 -6.24 -12.55 -30.34
N THR A 284 -6.17 -11.23 -30.19
CA THR A 284 -4.87 -10.58 -29.94
C THR A 284 -4.25 -11.06 -28.64
N VAL A 285 -5.04 -11.09 -27.57
CA VAL A 285 -4.50 -11.45 -26.26
C VAL A 285 -4.19 -12.95 -26.14
N SER A 286 -4.98 -13.80 -26.82
CA SER A 286 -4.69 -15.25 -26.88
C SER A 286 -3.38 -15.55 -27.59
N ALA A 287 -3.18 -14.91 -28.74
CA ALA A 287 -1.93 -15.02 -29.47
C ALA A 287 -0.77 -14.55 -28.59
N ARG A 288 -0.98 -13.45 -27.85
CA ARG A 288 0.07 -12.94 -26.98
C ARG A 288 0.39 -13.91 -25.85
N ALA A 289 -0.66 -14.51 -25.27
CA ALA A 289 -0.50 -15.50 -24.21
C ALA A 289 0.34 -16.69 -24.65
N ILE A 290 -0.02 -17.31 -25.78
CA ILE A 290 0.72 -18.50 -26.22
C ILE A 290 2.16 -18.14 -26.60
N ASN A 291 2.32 -16.98 -27.25
CA ASN A 291 3.64 -16.45 -27.56
C ASN A 291 4.48 -16.13 -26.33
N ALA A 292 3.81 -15.78 -25.24
CA ALA A 292 4.50 -15.55 -23.99
C ALA A 292 4.97 -16.81 -23.28
N GLY A 293 4.37 -17.96 -23.56
CA GLY A 293 4.71 -19.21 -22.87
C GLY A 293 3.60 -19.85 -22.07
N VAL A 294 2.37 -19.38 -22.25
CA VAL A 294 1.18 -19.99 -21.68
C VAL A 294 0.76 -21.17 -22.55
N ASP A 295 0.57 -22.34 -21.93
CA ASP A 295 0.30 -23.59 -22.65
C ASP A 295 -1.13 -24.10 -22.55
N MET A 296 -1.85 -23.76 -21.47
CA MET A 296 -3.22 -24.25 -21.31
C MET A 296 -4.21 -23.16 -20.86
N ASP A 297 -5.35 -23.12 -21.55
CA ASP A 297 -6.32 -22.03 -21.45
C ASP A 297 -7.49 -22.46 -20.56
N MET A 298 -7.51 -22.01 -19.31
CA MET A 298 -8.63 -22.30 -18.38
C MET A 298 -9.90 -21.50 -18.73
N VAL A 299 -10.89 -22.19 -19.33
CA VAL A 299 -12.27 -21.69 -19.58
C VAL A 299 -12.52 -20.64 -20.68
N SER A 300 -11.60 -19.69 -20.91
N SER A 300 -11.61 -19.69 -20.90
CA SER A 300 -11.86 -18.55 -21.82
CA SER A 300 -11.92 -18.56 -21.77
C SER A 300 -12.20 -18.95 -23.25
C SER A 300 -12.18 -18.93 -23.24
N GLU A 301 -11.65 -20.07 -23.68
CA GLU A 301 -11.75 -20.53 -25.10
C GLU A 301 -11.06 -19.58 -26.09
N GLY A 302 -10.10 -18.82 -25.59
CA GLY A 302 -9.27 -17.95 -26.39
C GLY A 302 -8.48 -18.78 -27.38
N PHE A 303 -7.75 -19.76 -26.88
CA PHE A 303 -6.95 -20.64 -27.73
C PHE A 303 -7.84 -21.40 -28.75
N VAL A 304 -8.86 -22.10 -28.27
CA VAL A 304 -9.61 -23.00 -29.15
C VAL A 304 -10.38 -22.23 -30.26
N SER A 305 -10.85 -21.04 -29.94
CA SER A 305 -11.69 -20.27 -30.85
C SER A 305 -10.90 -19.31 -31.77
N THR A 306 -9.62 -19.06 -31.48
CA THR A 306 -8.85 -18.06 -32.27
C THR A 306 -7.45 -18.45 -32.78
N LEU A 307 -6.85 -19.52 -32.28
CA LEU A 307 -5.47 -19.84 -32.66
C LEU A 307 -5.30 -20.23 -34.14
N LYS A 308 -6.27 -20.94 -34.71
CA LYS A 308 -6.14 -21.31 -36.13
C LYS A 308 -6.06 -20.09 -37.03
N LYS A 309 -6.96 -19.13 -36.80
CA LYS A 309 -6.92 -17.83 -37.50
C LYS A 309 -5.59 -17.11 -37.29
N SER A 310 -5.10 -17.09 -36.05
CA SER A 310 -3.78 -16.49 -35.76
C SER A 310 -2.63 -17.22 -36.47
N ILE A 311 -2.74 -18.54 -36.60
CA ILE A 311 -1.75 -19.34 -37.34
C ILE A 311 -1.81 -19.04 -38.83
N GLN A 312 -3.02 -19.02 -39.37
CA GLN A 312 -3.26 -18.59 -40.77
C GLN A 312 -2.70 -17.20 -41.06
N GLU A 313 -2.86 -16.29 -40.11
CA GLU A 313 -2.43 -14.89 -40.24
C GLU A 313 -0.96 -14.60 -39.89
N GLY A 314 -0.25 -15.60 -39.39
CA GLY A 314 1.16 -15.48 -39.02
C GLY A 314 1.44 -14.87 -37.64
N LYS A 315 0.40 -14.70 -36.83
CA LYS A 315 0.53 -14.10 -35.49
C LYS A 315 1.06 -15.11 -34.46
N VAL A 316 0.84 -16.39 -34.74
CA VAL A 316 1.38 -17.49 -33.96
C VAL A 316 1.96 -18.46 -34.97
N SER A 317 3.15 -18.98 -34.68
CA SER A 317 3.78 -19.95 -35.56
C SER A 317 3.35 -21.36 -35.20
N MET A 318 3.48 -22.24 -36.17
N MET A 318 3.52 -22.30 -36.12
CA MET A 318 3.36 -23.69 -35.96
CA MET A 318 3.33 -23.73 -35.82
C MET A 318 4.32 -24.19 -34.87
C MET A 318 4.37 -24.26 -34.84
N GLU A 319 5.54 -23.65 -34.82
CA GLU A 319 6.56 -24.04 -33.82
C GLU A 319 6.09 -23.69 -32.41
N THR A 320 5.38 -22.57 -32.28
CA THR A 320 4.85 -22.11 -30.98
C THR A 320 3.75 -23.06 -30.53
N LEU A 321 2.80 -23.31 -31.43
CA LEU A 321 1.72 -24.27 -31.16
C LEU A 321 2.25 -25.66 -30.83
N ASN A 322 3.18 -26.17 -31.64
CA ASN A 322 3.77 -27.49 -31.37
C ASN A 322 4.44 -27.57 -29.99
N THR A 323 5.12 -26.51 -29.60
CA THR A 323 5.79 -26.46 -28.32
C THR A 323 4.78 -26.54 -27.17
N ALA A 324 3.69 -25.77 -27.26
CA ALA A 324 2.65 -25.75 -26.22
C ALA A 324 1.98 -27.13 -26.13
N CYS A 325 1.65 -27.70 -27.29
CA CYS A 325 1.03 -29.04 -27.36
C CYS A 325 1.95 -30.12 -26.78
N ARG A 326 3.22 -30.09 -27.16
CA ARG A 326 4.19 -31.04 -26.64
C ARG A 326 4.29 -31.01 -25.12
N ARG A 327 4.25 -29.81 -24.55
CA ARG A 327 4.32 -29.67 -23.10
C ARG A 327 3.13 -30.36 -22.41
N ILE A 328 1.95 -30.22 -22.98
CA ILE A 328 0.74 -30.83 -22.40
C ILE A 328 0.86 -32.34 -22.50
N LEU A 329 1.32 -32.83 -23.65
CA LEU A 329 1.43 -34.27 -23.86
C LEU A 329 2.47 -34.87 -22.95
N GLU A 330 3.58 -34.16 -22.78
CA GLU A 330 4.62 -34.56 -21.86
C GLU A 330 4.10 -34.71 -20.42
N ALA A 331 3.25 -33.79 -19.99
CA ALA A 331 2.64 -33.87 -18.66
C ALA A 331 1.85 -35.16 -18.50
N LYS A 332 1.00 -35.43 -19.48
CA LYS A 332 0.18 -36.65 -19.53
C LYS A 332 1.07 -37.91 -19.55
N TYR A 333 2.12 -37.87 -20.35
CA TYR A 333 3.07 -38.98 -20.40
C TYR A 333 3.75 -39.27 -19.05
N LYS A 334 4.22 -38.20 -18.41
CA LYS A 334 4.92 -38.29 -17.13
C LYS A 334 4.00 -38.75 -15.99
N LEU A 335 2.70 -38.42 -16.08
CA LEU A 335 1.71 -38.91 -15.12
C LEU A 335 1.28 -40.37 -15.35
N GLY A 336 1.78 -40.99 -16.42
CA GLY A 336 1.44 -42.36 -16.78
C GLY A 336 0.09 -42.57 -17.43
N LEU A 337 -0.49 -41.52 -18.01
CA LEU A 337 -1.81 -41.60 -18.61
C LEU A 337 -1.82 -42.26 -19.99
N PHE A 338 -0.71 -42.24 -20.72
CA PHE A 338 -0.64 -43.02 -21.96
C PHE A 338 -0.47 -44.50 -21.66
N ASP A 339 0.29 -44.82 -20.63
CA ASP A 339 0.42 -46.20 -20.15
C ASP A 339 -0.93 -46.73 -19.64
N ASN A 340 -1.63 -45.90 -18.86
CA ASN A 340 -2.97 -46.25 -18.37
C ASN A 340 -3.84 -45.02 -18.14
N PRO A 341 -4.71 -44.69 -19.12
CA PRO A 341 -5.66 -43.57 -19.01
C PRO A 341 -6.51 -43.59 -17.74
N TYR A 342 -6.79 -44.80 -17.25
CA TYR A 342 -7.61 -45.02 -16.07
C TYR A 342 -6.80 -45.24 -14.79
N LYS A 343 -5.54 -44.83 -14.78
CA LYS A 343 -4.68 -44.88 -13.59
C LYS A 343 -5.35 -44.42 -12.31
N TYR A 344 -6.07 -43.29 -12.42
CA TYR A 344 -6.77 -42.69 -11.28
C TYR A 344 -8.27 -43.03 -11.24
N CYS A 345 -8.73 -43.97 -12.06
CA CYS A 345 -10.16 -44.29 -12.15
C CYS A 345 -10.50 -45.65 -11.53
N ASP A 346 -9.91 -45.94 -10.37
CA ASP A 346 -10.23 -47.16 -9.62
C ASP A 346 -11.51 -46.90 -8.81
N LEU A 347 -12.62 -47.48 -9.25
CA LEU A 347 -13.91 -47.25 -8.61
C LEU A 347 -13.97 -47.77 -7.17
N LYS A 348 -13.04 -48.65 -6.81
CA LYS A 348 -13.01 -49.25 -5.48
C LYS A 348 -12.14 -48.51 -4.46
N ARG A 349 -11.33 -47.56 -4.93
CA ARG A 349 -10.44 -46.83 -4.02
C ARG A 349 -11.11 -45.86 -3.03
N PRO A 350 -12.16 -45.12 -3.46
CA PRO A 350 -12.76 -44.14 -2.54
C PRO A 350 -13.22 -44.74 -1.22
N ALA A 351 -13.85 -45.92 -1.28
CA ALA A 351 -14.32 -46.58 -0.05
C ALA A 351 -13.22 -46.86 0.97
N ARG A 352 -11.99 -47.10 0.50
CA ARG A 352 -10.90 -47.39 1.42
C ARG A 352 -9.83 -46.30 1.63
N ASP A 353 -9.78 -45.29 0.76
CA ASP A 353 -8.72 -44.26 0.82
C ASP A 353 -9.17 -42.88 1.28
N ILE A 354 -10.47 -42.64 1.34
CA ILE A 354 -10.98 -41.29 1.59
C ILE A 354 -11.69 -41.17 2.93
N PHE A 355 -11.26 -40.18 3.70
CA PHE A 355 -11.89 -39.82 4.97
C PHE A 355 -11.81 -40.99 5.95
N THR A 356 -10.64 -41.61 5.99
CA THR A 356 -10.39 -42.75 6.85
C THR A 356 -10.04 -42.22 8.22
N LYS A 357 -10.20 -43.05 9.24
CA LYS A 357 -9.73 -42.70 10.58
C LYS A 357 -8.25 -42.28 10.63
N ALA A 358 -7.37 -43.02 9.95
CA ALA A 358 -5.94 -42.69 9.98
C ALA A 358 -5.68 -41.28 9.45
N HIS A 359 -6.33 -40.95 8.33
CA HIS A 359 -6.22 -39.60 7.75
C HIS A 359 -6.72 -38.54 8.72
N ARG A 360 -7.88 -38.80 9.29
CA ARG A 360 -8.50 -37.84 10.20
C ARG A 360 -7.72 -37.67 11.51
N ASP A 361 -7.14 -38.75 12.03
CA ASP A 361 -6.27 -38.64 13.19
C ASP A 361 -5.04 -37.74 12.88
N ALA A 362 -4.47 -37.89 11.69
CA ALA A 362 -3.34 -37.06 11.30
C ALA A 362 -3.75 -35.58 11.22
N ALA A 363 -4.92 -35.32 10.62
CA ALA A 363 -5.45 -33.96 10.50
C ALA A 363 -5.69 -33.31 11.87
N ARG A 364 -6.23 -34.09 12.80
CA ARG A 364 -6.40 -33.64 14.18
C ARG A 364 -5.09 -33.26 14.88
N ARG A 365 -4.06 -34.11 14.73
CA ARG A 365 -2.72 -33.80 15.24
C ARG A 365 -2.18 -32.52 14.61
N ILE A 366 -2.29 -32.41 13.30
CA ILE A 366 -1.71 -31.29 12.55
C ILE A 366 -2.49 -30.00 12.86
N ALA A 367 -3.80 -30.10 13.00
CA ALA A 367 -4.58 -28.93 13.41
C ALA A 367 -4.13 -28.39 14.77
N ALA A 368 -3.96 -29.27 15.77
CA ALA A 368 -3.51 -28.81 17.10
C ALA A 368 -2.13 -28.16 17.04
N GLU A 369 -1.28 -28.68 16.15
CA GLU A 369 0.07 -28.16 15.94
C GLU A 369 0.11 -26.77 15.29
N SER A 370 -0.95 -26.42 14.57
CA SER A 370 -1.06 -25.17 13.80
C SER A 370 -1.51 -23.98 14.64
N PHE A 371 -2.14 -24.23 15.79
CA PHE A 371 -2.70 -23.14 16.57
C PHE A 371 -1.59 -22.28 17.19
N VAL A 372 -1.88 -20.99 17.32
CA VAL A 372 -0.95 -20.04 17.92
C VAL A 372 -1.55 -19.44 19.19
N LEU A 373 -0.91 -19.75 20.31
CA LEU A 373 -1.29 -19.17 21.59
C LEU A 373 -0.74 -17.74 21.61
N LEU A 374 -1.65 -16.76 21.54
CA LEU A 374 -1.26 -15.35 21.47
C LEU A 374 -1.12 -14.67 22.84
N LYS A 375 -1.88 -15.16 23.81
CA LYS A 375 -1.89 -14.62 25.18
C LYS A 375 -2.48 -15.66 26.11
N ASN A 376 -1.95 -15.71 27.32
CA ASN A 376 -2.41 -16.65 28.33
C ASN A 376 -1.97 -16.17 29.71
N ASP A 377 -2.53 -15.03 30.12
CA ASP A 377 -2.15 -14.36 31.39
C ASP A 377 -2.70 -15.08 32.62
N ASN A 378 -2.01 -14.93 33.75
CA ASN A 378 -2.53 -15.45 35.02
C ASN A 378 -3.84 -14.77 35.40
N VAL A 379 -4.74 -15.56 35.98
CA VAL A 379 -6.03 -15.11 36.49
C VAL A 379 -6.22 -15.69 37.89
N THR A 380 -6.71 -14.86 38.81
CA THR A 380 -7.07 -15.33 40.15
C THR A 380 -8.47 -15.95 40.09
N LEU A 381 -8.57 -17.26 40.30
CA LEU A 381 -9.87 -17.95 40.23
C LEU A 381 -10.62 -17.94 41.57
N ARG A 382 -9.89 -17.85 42.67
CA ARG A 382 -10.49 -17.99 43.99
C ARG A 382 -9.53 -17.37 45.01
N PRO A 383 -10.08 -16.59 45.98
CA PRO A 383 -9.19 -15.97 46.98
C PRO A 383 -8.38 -17.02 47.76
N GLY A 384 -7.11 -16.69 48.03
CA GLY A 384 -6.20 -17.58 48.75
C GLY A 384 -5.28 -18.44 47.90
N THR A 385 -5.66 -18.66 46.64
CA THR A 385 -4.93 -19.49 45.68
C THR A 385 -4.15 -18.58 44.73
N PRO A 386 -2.84 -18.82 44.54
CA PRO A 386 -2.07 -18.06 43.55
C PRO A 386 -2.64 -18.11 42.14
N ALA A 387 -2.54 -17.00 41.41
CA ALA A 387 -3.10 -16.92 40.06
C ALA A 387 -2.39 -17.91 39.10
N GLU A 388 -3.18 -18.51 38.21
CA GLU A 388 -2.71 -19.45 37.16
C GLU A 388 -3.30 -19.02 35.82
N PRO A 389 -2.69 -19.44 34.69
CA PRO A 389 -3.35 -19.16 33.42
C PRO A 389 -4.63 -19.98 33.26
N LEU A 390 -5.55 -19.47 32.45
CA LEU A 390 -6.78 -20.19 32.16
C LEU A 390 -6.54 -21.45 31.34
N LEU A 391 -5.51 -21.43 30.50
CA LEU A 391 -5.20 -22.55 29.62
C LEU A 391 -3.91 -23.22 30.06
N PRO A 392 -3.87 -24.55 30.09
CA PRO A 392 -4.99 -25.44 29.83
C PRO A 392 -5.81 -25.63 31.09
N PHE A 393 -6.96 -26.27 30.97
CA PHE A 393 -7.81 -26.56 32.12
C PHE A 393 -8.39 -27.96 32.00
N ASN A 394 -8.64 -28.58 33.13
CA ASN A 394 -9.31 -29.87 33.19
C ASN A 394 -10.82 -29.73 32.92
N PRO A 395 -11.37 -30.60 32.05
CA PRO A 395 -12.79 -30.47 31.72
C PRO A 395 -13.69 -30.95 32.86
N LYS A 396 -14.36 -29.99 33.50
CA LYS A 396 -15.17 -30.22 34.71
C LYS A 396 -16.15 -29.08 34.89
N GLY A 397 -17.26 -29.36 35.56
CA GLY A 397 -18.24 -28.32 35.85
C GLY A 397 -19.04 -27.92 34.62
N ASN A 398 -19.26 -26.62 34.49
CA ASN A 398 -20.05 -26.05 33.41
C ASN A 398 -19.14 -25.21 32.51
N ILE A 399 -18.95 -25.68 31.28
CA ILE A 399 -18.09 -25.02 30.29
C ILE A 399 -19.01 -24.41 29.27
N ALA A 400 -19.02 -23.08 29.20
CA ALA A 400 -19.82 -22.38 28.22
C ALA A 400 -19.05 -22.29 26.92
N VAL A 401 -19.76 -22.48 25.81
CA VAL A 401 -19.20 -22.25 24.48
C VAL A 401 -20.16 -21.32 23.78
N ILE A 402 -19.70 -20.10 23.52
CA ILE A 402 -20.59 -19.01 23.13
C ILE A 402 -20.05 -18.28 21.92
N GLY A 403 -20.94 -17.96 20.97
CA GLY A 403 -20.57 -17.12 19.83
C GLY A 403 -20.97 -17.75 18.52
N PRO A 404 -20.95 -16.96 17.42
CA PRO A 404 -21.39 -17.49 16.12
C PRO A 404 -20.49 -18.60 15.51
N LEU A 405 -19.25 -18.73 15.98
CA LEU A 405 -18.35 -19.84 15.57
C LEU A 405 -18.37 -21.05 16.54
N ALA A 406 -19.23 -20.97 17.56
CA ALA A 406 -19.35 -22.02 18.56
C ALA A 406 -20.01 -23.28 18.02
N ASP A 407 -21.03 -23.10 17.21
CA ASP A 407 -21.83 -24.24 16.76
C ASP A 407 -22.11 -24.17 15.27
N SER A 408 -21.03 -24.11 14.49
CA SER A 408 -21.13 -24.17 13.04
C SER A 408 -20.21 -25.25 12.53
N ARG A 409 -20.79 -26.32 11.97
CA ARG A 409 -19.99 -27.36 11.33
C ARG A 409 -19.32 -26.87 10.08
N THR A 410 -20.08 -26.15 9.26
CA THR A 410 -19.66 -25.85 7.88
C THR A 410 -18.56 -24.79 7.82
N ASN A 411 -18.45 -23.97 8.87
CA ASN A 411 -17.34 -23.02 8.96
C ASN A 411 -16.04 -23.59 9.53
N MET A 412 -16.01 -24.86 9.95
CA MET A 412 -14.79 -25.44 10.53
C MET A 412 -13.63 -25.69 9.57
N PRO A 413 -13.92 -26.24 8.37
CA PRO A 413 -12.79 -26.62 7.53
C PRO A 413 -11.99 -25.45 6.97
N GLY A 414 -12.66 -24.32 6.78
CA GLY A 414 -12.00 -23.15 6.20
C GLY A 414 -12.35 -23.00 4.74
N THR A 415 -11.97 -21.85 4.20
CA THR A 415 -12.11 -21.60 2.77
C THR A 415 -11.26 -22.58 1.97
N TRP A 416 -11.54 -22.64 0.68
CA TRP A 416 -10.85 -23.56 -0.23
C TRP A 416 -10.91 -25.00 0.27
N SER A 417 -12.13 -25.45 0.49
CA SER A 417 -12.39 -26.82 0.89
C SER A 417 -13.44 -27.35 -0.06
N VAL A 418 -13.18 -27.27 -1.37
CA VAL A 418 -14.28 -27.48 -2.35
C VAL A 418 -14.79 -28.91 -2.47
N ALA A 419 -14.01 -29.88 -2.00
CA ALA A 419 -14.44 -31.28 -2.02
C ALA A 419 -14.83 -31.81 -0.66
N ALA A 420 -14.76 -30.97 0.38
CA ALA A 420 -15.08 -31.43 1.72
C ALA A 420 -16.59 -31.62 1.82
N VAL A 421 -17.00 -32.47 2.76
CA VAL A 421 -18.41 -32.61 3.12
C VAL A 421 -18.59 -31.70 4.35
N LEU A 422 -19.05 -30.50 4.10
CA LEU A 422 -18.99 -29.43 5.12
C LEU A 422 -19.84 -29.74 6.35
N ASP A 423 -21.04 -30.24 6.13
CA ASP A 423 -21.97 -30.56 7.21
C ASP A 423 -21.64 -31.84 7.97
N ARG A 424 -20.55 -32.52 7.61
CA ARG A 424 -20.06 -33.68 8.36
C ARG A 424 -19.06 -33.32 9.46
N CYS A 425 -18.44 -32.15 9.36
CA CYS A 425 -17.43 -31.74 10.32
C CYS A 425 -18.09 -31.41 11.65
N PRO A 426 -17.56 -31.94 12.77
CA PRO A 426 -18.19 -31.57 14.05
C PRO A 426 -18.05 -30.09 14.36
N SER A 427 -19.08 -29.48 14.92
CA SER A 427 -18.92 -28.11 15.42
C SER A 427 -18.10 -28.12 16.71
N LEU A 428 -17.65 -26.94 17.14
CA LEU A 428 -16.86 -26.85 18.34
C LEU A 428 -17.65 -27.38 19.55
N VAL A 429 -18.91 -26.98 19.67
CA VAL A 429 -19.77 -27.50 20.74
C VAL A 429 -19.87 -29.02 20.65
N GLU A 430 -20.10 -29.54 19.44
CA GLU A 430 -20.21 -31.00 19.27
C GLU A 430 -18.96 -31.73 19.70
N GLY A 431 -17.82 -31.22 19.26
CA GLY A 431 -16.55 -31.83 19.59
C GLY A 431 -16.23 -31.82 21.07
N LEU A 432 -16.43 -30.66 21.71
CA LEU A 432 -16.18 -30.55 23.14
C LEU A 432 -17.15 -31.40 23.95
N LYS A 433 -18.40 -31.50 23.50
CA LYS A 433 -19.38 -32.38 24.15
C LYS A 433 -18.93 -33.83 24.12
N GLU A 434 -18.52 -34.30 22.95
CA GLU A 434 -17.96 -35.65 22.81
C GLU A 434 -16.78 -35.88 23.74
N MET A 435 -15.84 -34.93 23.73
CA MET A 435 -14.61 -35.07 24.51
C MET A 435 -14.78 -34.97 26.02
N THR A 436 -15.89 -34.44 26.48
CA THR A 436 -16.12 -34.22 27.91
C THR A 436 -17.29 -35.03 28.48
N ALA A 437 -17.83 -35.96 27.70
CA ALA A 437 -19.04 -36.68 28.09
C ALA A 437 -18.82 -37.42 29.42
N GLY A 438 -19.69 -37.13 30.39
CA GLY A 438 -19.54 -37.65 31.77
C GLY A 438 -18.60 -36.89 32.70
N LYS A 439 -17.86 -35.90 32.17
CA LYS A 439 -16.90 -35.11 32.95
C LYS A 439 -17.35 -33.66 33.17
N ALA A 440 -18.02 -33.07 32.18
CA ALA A 440 -18.42 -31.68 32.22
C ALA A 440 -19.69 -31.48 31.43
N ASN A 441 -20.41 -30.39 31.72
CA ASN A 441 -21.60 -30.01 30.99
C ASN A 441 -21.22 -28.89 30.03
N ILE A 442 -21.49 -29.07 28.75
CA ILE A 442 -21.22 -28.04 27.76
C ILE A 442 -22.47 -27.21 27.59
N LEU A 443 -22.39 -25.94 27.96
CA LEU A 443 -23.49 -24.99 27.83
C LEU A 443 -23.25 -24.14 26.61
N TYR A 444 -24.33 -23.77 25.94
CA TYR A 444 -24.23 -23.12 24.66
C TYR A 444 -25.19 -21.96 24.50
N ALA A 445 -24.70 -20.89 23.88
CA ALA A 445 -25.54 -19.85 23.34
C ALA A 445 -24.86 -19.27 22.14
N LYS A 446 -25.64 -18.97 21.09
CA LYS A 446 -25.10 -18.33 19.92
C LYS A 446 -24.48 -16.98 20.25
N GLY A 447 -25.18 -16.19 21.06
CA GLY A 447 -24.61 -14.97 21.61
C GLY A 447 -24.68 -13.76 20.70
N SER A 448 -24.25 -13.91 19.46
CA SER A 448 -24.42 -12.85 18.47
C SER A 448 -24.46 -13.44 17.07
N ASN A 449 -24.93 -12.64 16.13
CA ASN A 449 -24.72 -12.90 14.70
C ASN A 449 -23.26 -12.70 14.32
N LEU A 450 -22.93 -12.96 13.06
CA LEU A 450 -21.54 -12.77 12.62
C LEU A 450 -21.13 -11.31 12.62
N ILE A 451 -22.03 -10.46 12.14
CA ILE A 451 -21.80 -9.04 11.99
C ILE A 451 -23.18 -8.39 11.97
N SER A 452 -23.30 -7.13 12.40
CA SER A 452 -24.61 -6.50 12.45
C SER A 452 -25.33 -6.52 11.10
N ASP A 453 -24.60 -6.23 10.03
CA ASP A 453 -25.20 -6.13 8.70
C ASP A 453 -25.54 -7.50 8.08
N ALA A 454 -26.83 -7.74 7.86
CA ALA A 454 -27.30 -9.03 7.35
C ALA A 454 -26.85 -9.33 5.92
N SER A 455 -26.80 -8.30 5.07
CA SER A 455 -26.27 -8.47 3.71
C SER A 455 -24.80 -8.90 3.72
N TYR A 456 -24.00 -8.30 4.61
CA TYR A 456 -22.61 -8.74 4.76
C TYR A 456 -22.56 -10.18 5.26
N GLU A 457 -23.33 -10.50 6.29
CA GLU A 457 -23.31 -11.88 6.77
C GLU A 457 -23.60 -12.91 5.66
N GLU A 458 -24.61 -12.61 4.83
CA GLU A 458 -24.93 -13.44 3.66
C GLU A 458 -23.72 -13.65 2.75
N ARG A 459 -23.08 -12.56 2.31
CA ARG A 459 -21.94 -12.76 1.38
C ARG A 459 -20.75 -13.43 2.06
N ALA A 460 -20.61 -13.23 3.38
CA ALA A 460 -19.54 -13.84 4.17
C ALA A 460 -19.73 -15.35 4.48
N THR A 461 -20.94 -15.83 4.25
CA THR A 461 -21.34 -17.20 4.53
C THR A 461 -21.82 -17.93 3.27
N MET A 462 -21.45 -17.42 2.11
CA MET A 462 -21.76 -18.12 0.85
C MET A 462 -21.01 -19.46 0.74
N PHE A 463 -21.26 -20.20 -0.35
CA PHE A 463 -20.67 -21.54 -0.55
C PHE A 463 -21.04 -22.52 0.56
N GLY A 464 -22.26 -22.41 1.09
CA GLY A 464 -22.78 -23.37 2.06
C GLY A 464 -22.33 -23.19 3.49
N ARG A 465 -21.94 -21.97 3.85
CA ARG A 465 -21.47 -21.67 5.21
C ARG A 465 -22.46 -20.87 6.06
N SER A 466 -23.73 -20.90 5.72
CA SER A 466 -24.71 -20.17 6.51
C SER A 466 -24.57 -20.50 8.00
N LEU A 467 -24.66 -19.47 8.83
CA LEU A 467 -24.77 -19.65 10.28
C LEU A 467 -26.21 -19.78 10.74
N ASN A 468 -27.14 -19.89 9.80
CA ASN A 468 -28.56 -19.99 10.10
C ASN A 468 -29.04 -18.80 10.92
N ARG A 469 -28.60 -17.61 10.53
CA ARG A 469 -29.08 -16.38 11.13
C ARG A 469 -30.59 -16.32 11.09
N ASP A 470 -31.19 -15.98 12.22
CA ASP A 470 -32.66 -15.93 12.38
C ASP A 470 -33.10 -14.48 12.64
N ASN A 471 -34.37 -14.26 12.96
CA ASN A 471 -34.86 -12.93 13.26
C ASN A 471 -34.92 -12.60 14.75
N ARG A 472 -34.14 -13.31 15.55
CA ARG A 472 -33.96 -12.94 16.95
C ARG A 472 -33.25 -11.59 17.06
N THR A 473 -33.62 -10.82 18.07
CA THR A 473 -33.04 -9.51 18.29
C THR A 473 -31.66 -9.73 18.89
N ASP A 474 -30.80 -8.72 18.80
CA ASP A 474 -29.47 -8.81 19.45
C ASP A 474 -29.64 -9.00 20.94
N GLU A 475 -30.66 -8.35 21.49
CA GLU A 475 -31.11 -8.51 22.86
C GLU A 475 -31.42 -9.97 23.24
N GLN A 476 -32.20 -10.65 22.41
CA GLN A 476 -32.48 -12.08 22.65
C GLN A 476 -31.19 -12.89 22.66
N LEU A 477 -30.33 -12.64 21.67
CA LEU A 477 -29.09 -13.40 21.53
C LEU A 477 -28.18 -13.15 22.72
N LEU A 478 -27.98 -11.89 23.03
CA LEU A 478 -27.13 -11.52 24.15
C LEU A 478 -27.65 -12.00 25.50
N ASN A 479 -28.95 -11.83 25.75
CA ASN A 479 -29.51 -12.24 27.03
C ASN A 479 -29.39 -13.74 27.27
N GLU A 480 -29.60 -14.53 26.24
CA GLU A 480 -29.45 -15.98 26.36
C GLU A 480 -28.00 -16.33 26.70
N ALA A 481 -27.07 -15.62 26.08
CA ALA A 481 -25.67 -15.86 26.34
C ALA A 481 -25.26 -15.49 27.78
N LEU A 482 -25.82 -14.41 28.30
CA LEU A 482 -25.49 -13.95 29.65
C LEU A 482 -26.03 -14.88 30.73
N THR A 483 -27.21 -15.43 30.51
CA THR A 483 -27.76 -16.47 31.37
C THR A 483 -26.86 -17.72 31.39
N VAL A 484 -26.36 -18.13 30.23
CA VAL A 484 -25.35 -19.19 30.20
C VAL A 484 -24.08 -18.80 30.98
N ALA A 485 -23.53 -17.65 30.65
CA ALA A 485 -22.25 -17.21 31.21
C ALA A 485 -22.29 -17.15 32.72
N ASN A 486 -23.36 -16.57 33.25
CA ASN A 486 -23.48 -16.43 34.71
C ASN A 486 -23.64 -17.77 35.51
N GLN A 487 -23.93 -18.89 34.83
CA GLN A 487 -23.88 -20.26 35.45
C GLN A 487 -22.63 -21.07 35.13
N SER A 488 -21.67 -20.51 34.42
CA SER A 488 -20.55 -21.27 33.88
C SER A 488 -19.30 -21.07 34.72
N ASP A 489 -18.44 -22.08 34.74
CA ASP A 489 -17.15 -22.00 35.41
C ASP A 489 -16.08 -21.34 34.54
N ILE A 490 -16.22 -21.48 33.23
CA ILE A 490 -15.32 -20.85 32.27
C ILE A 490 -16.11 -20.63 30.99
N ILE A 491 -15.74 -19.59 30.23
CA ILE A 491 -16.41 -19.23 28.99
C ILE A 491 -15.41 -19.37 27.84
N ILE A 492 -15.76 -20.21 26.88
CA ILE A 492 -15.04 -20.29 25.60
C ILE A 492 -15.80 -19.41 24.62
N ALA A 493 -15.22 -18.25 24.31
CA ALA A 493 -15.81 -17.32 23.33
C ALA A 493 -15.25 -17.69 21.96
N ALA A 494 -16.09 -18.28 21.12
CA ALA A 494 -15.74 -18.78 19.81
C ALA A 494 -16.13 -17.72 18.80
N LEU A 495 -15.19 -16.84 18.48
CA LEU A 495 -15.44 -15.64 17.69
C LEU A 495 -14.43 -15.49 16.58
N GLY A 496 -14.74 -14.57 15.66
CA GLY A 496 -13.84 -14.14 14.60
C GLY A 496 -14.53 -14.12 13.26
N GLU A 497 -13.83 -14.64 12.24
CA GLU A 497 -14.30 -14.62 10.88
C GLU A 497 -15.11 -15.87 10.61
N SER A 498 -16.07 -15.75 9.70
CA SER A 498 -16.58 -16.93 8.98
C SER A 498 -15.52 -17.34 7.96
N SER A 499 -15.55 -18.58 7.51
CA SER A 499 -14.48 -19.04 6.60
C SER A 499 -14.44 -18.25 5.29
N GLU A 500 -15.57 -17.84 4.76
CA GLU A 500 -15.58 -17.14 3.47
C GLU A 500 -15.42 -15.62 3.60
N MET A 501 -15.08 -15.13 4.80
CA MET A 501 -14.52 -13.78 4.95
C MET A 501 -13.07 -13.74 4.49
N SER A 502 -12.47 -14.90 4.24
CA SER A 502 -11.22 -14.97 3.49
C SER A 502 -11.39 -15.85 2.25
N GLY A 503 -10.26 -16.19 1.63
CA GLY A 503 -10.22 -16.88 0.34
C GLY A 503 -10.28 -15.90 -0.82
N GLU A 504 -10.69 -16.39 -1.98
CA GLU A 504 -10.70 -15.57 -3.18
C GLU A 504 -11.81 -14.53 -3.16
N SER A 505 -11.51 -13.34 -3.65
CA SER A 505 -12.49 -12.28 -3.74
C SER A 505 -13.12 -11.98 -2.37
N SER A 506 -12.29 -12.01 -1.33
CA SER A 506 -12.74 -11.77 0.04
C SER A 506 -11.75 -10.85 0.71
N SER A 507 -11.73 -9.60 0.25
CA SER A 507 -10.83 -8.58 0.81
C SER A 507 -11.60 -7.72 1.82
N ARG A 508 -10.93 -7.33 2.90
CA ARG A 508 -11.53 -6.50 3.97
C ARG A 508 -10.74 -5.22 4.16
N THR A 509 -11.44 -4.10 4.38
CA THR A 509 -10.82 -2.80 4.67
C THR A 509 -10.74 -2.55 6.19
N ASP A 510 -11.48 -3.31 6.98
CA ASP A 510 -11.40 -3.33 8.44
C ASP A 510 -11.03 -4.76 8.85
N LEU A 511 -10.12 -4.90 9.81
CA LEU A 511 -9.64 -6.22 10.23
C LEU A 511 -9.96 -6.58 11.68
N ASN A 512 -11.02 -5.98 12.22
N ASN A 512 -11.05 -6.03 12.19
CA ASN A 512 -11.48 -6.27 13.59
CA ASN A 512 -11.46 -6.33 13.55
C ASN A 512 -12.31 -7.53 13.62
C ASN A 512 -12.25 -7.62 13.59
N ILE A 513 -12.42 -8.10 14.81
CA ILE A 513 -13.53 -9.00 15.12
C ILE A 513 -14.81 -8.18 14.87
N PRO A 514 -15.75 -8.72 14.09
CA PRO A 514 -16.89 -7.86 13.73
C PRO A 514 -17.69 -7.30 14.92
N ASP A 515 -18.30 -6.16 14.67
CA ASP A 515 -19.00 -5.34 15.68
C ASP A 515 -19.80 -6.11 16.75
N VAL A 516 -20.82 -6.87 16.33
CA VAL A 516 -21.69 -7.54 17.31
C VAL A 516 -20.96 -8.63 18.13
N GLN A 517 -19.96 -9.25 17.51
CA GLN A 517 -19.14 -10.24 18.20
C GLN A 517 -18.23 -9.59 19.24
N GLN A 518 -17.67 -8.43 18.91
CA GLN A 518 -16.83 -7.72 19.88
C GLN A 518 -17.68 -7.19 21.03
N ASN A 519 -18.89 -6.73 20.73
CA ASN A 519 -19.81 -6.32 21.80
C ASN A 519 -20.14 -7.51 22.72
N LEU A 520 -20.42 -8.66 22.12
CA LEU A 520 -20.62 -9.90 22.87
C LEU A 520 -19.45 -10.21 23.77
N LEU A 521 -18.24 -10.11 23.22
CA LEU A 521 -17.02 -10.33 23.99
C LEU A 521 -16.93 -9.39 25.19
N LYS A 522 -17.21 -8.10 24.97
CA LYS A 522 -17.20 -7.11 26.06
C LYS A 522 -18.17 -7.52 27.18
N GLU A 523 -19.37 -7.94 26.79
CA GLU A 523 -20.40 -8.34 27.76
C GLU A 523 -20.03 -9.61 28.53
N LEU A 524 -19.41 -10.57 27.85
CA LEU A 524 -18.96 -11.78 28.51
C LEU A 524 -17.88 -11.45 29.53
N LEU A 525 -16.95 -10.58 29.16
CA LEU A 525 -15.89 -10.18 30.09
C LEU A 525 -16.48 -9.45 31.30
N LYS A 526 -17.51 -8.64 31.08
CA LYS A 526 -18.19 -7.93 32.17
C LYS A 526 -18.86 -8.84 33.22
N THR A 527 -19.19 -10.08 32.86
CA THR A 527 -19.75 -11.01 33.86
C THR A 527 -18.78 -11.30 35.00
N GLY A 528 -17.48 -11.15 34.73
CA GLY A 528 -16.44 -11.48 35.69
C GLY A 528 -16.01 -12.93 35.68
N LYS A 529 -16.67 -13.75 34.86
CA LYS A 529 -16.27 -15.13 34.65
C LYS A 529 -15.02 -15.20 33.78
N PRO A 530 -14.23 -16.25 33.95
CA PRO A 530 -13.01 -16.27 33.11
C PRO A 530 -13.34 -16.58 31.66
N VAL A 531 -12.74 -15.82 30.75
CA VAL A 531 -13.03 -15.87 29.32
C VAL A 531 -11.77 -16.24 28.54
N VAL A 532 -11.91 -17.25 27.68
CA VAL A 532 -10.90 -17.62 26.70
C VAL A 532 -11.45 -17.26 25.32
N LEU A 533 -10.70 -16.46 24.56
CA LEU A 533 -11.03 -16.19 23.17
C LEU A 533 -10.40 -17.26 22.29
N VAL A 534 -11.25 -18.10 21.70
CA VAL A 534 -10.85 -19.04 20.65
C VAL A 534 -11.20 -18.35 19.34
N LEU A 535 -10.15 -17.90 18.66
CA LEU A 535 -10.29 -16.97 17.55
C LEU A 535 -10.15 -17.72 16.25
N PHE A 536 -11.19 -17.66 15.44
CA PHE A 536 -11.19 -18.21 14.08
C PHE A 536 -10.89 -17.09 13.12
N THR A 537 -9.93 -17.31 12.22
CA THR A 537 -9.58 -16.30 11.23
C THR A 537 -8.80 -16.88 10.08
N GLY A 538 -8.93 -16.24 8.92
CA GLY A 538 -8.16 -16.61 7.75
C GLY A 538 -7.01 -15.66 7.47
N ARG A 539 -6.79 -14.69 8.35
CA ARG A 539 -5.88 -13.57 8.10
C ARG A 539 -5.50 -12.93 9.44
N PRO A 540 -4.40 -12.17 9.46
CA PRO A 540 -4.19 -11.30 10.62
C PRO A 540 -5.35 -10.36 10.87
N LEU A 541 -5.67 -10.18 12.15
CA LEU A 541 -6.69 -9.27 12.61
C LEU A 541 -6.02 -8.23 13.48
N THR A 542 -6.72 -7.10 13.64
CA THR A 542 -6.32 -6.00 14.52
C THR A 542 -6.89 -6.24 15.92
N LEU A 543 -6.06 -6.74 16.82
CA LEU A 543 -6.49 -7.27 18.12
C LEU A 543 -5.98 -6.51 19.34
N THR A 544 -5.70 -5.22 19.21
CA THR A 544 -5.18 -4.47 20.38
C THR A 544 -6.13 -4.46 21.57
N TRP A 545 -7.42 -4.28 21.31
CA TRP A 545 -8.42 -4.29 22.38
C TRP A 545 -8.40 -5.66 23.09
N GLU A 546 -8.46 -6.72 22.31
CA GLU A 546 -8.52 -8.07 22.86
C GLU A 546 -7.25 -8.41 23.66
N GLN A 547 -6.08 -8.02 23.15
CA GLN A 547 -4.82 -8.24 23.85
C GLN A 547 -4.82 -7.53 25.20
N GLU A 548 -5.42 -6.34 25.28
CA GLU A 548 -5.52 -5.61 26.55
C GLU A 548 -6.52 -6.26 27.54
N HIS A 549 -7.63 -6.79 27.04
CA HIS A 549 -8.78 -7.14 27.91
C HIS A 549 -9.13 -8.62 28.13
N VAL A 550 -8.70 -9.51 27.25
CA VAL A 550 -9.03 -10.92 27.38
C VAL A 550 -7.83 -11.63 27.97
N PRO A 551 -8.05 -12.50 28.98
CA PRO A 551 -6.88 -13.15 29.58
C PRO A 551 -6.14 -14.13 28.67
N ALA A 552 -6.89 -14.91 27.90
CA ALA A 552 -6.33 -15.95 27.05
C ALA A 552 -6.89 -15.83 25.64
N ILE A 553 -5.99 -15.91 24.66
CA ILE A 553 -6.31 -15.77 23.25
C ILE A 553 -5.60 -16.90 22.51
N LEU A 554 -6.38 -17.81 21.95
CA LEU A 554 -5.87 -18.89 21.11
C LEU A 554 -6.33 -18.69 19.67
N ASN A 555 -5.36 -18.46 18.78
CA ASN A 555 -5.65 -18.34 17.37
C ASN A 555 -5.68 -19.75 16.76
N VAL A 556 -6.87 -20.19 16.38
CA VAL A 556 -7.08 -21.53 15.82
C VAL A 556 -7.25 -21.49 14.29
N TRP A 557 -7.03 -20.32 13.70
CA TRP A 557 -7.19 -20.12 12.25
C TRP A 557 -8.51 -20.78 11.76
N PHE A 558 -8.41 -21.67 10.78
CA PHE A 558 -9.45 -22.65 10.52
C PHE A 558 -8.71 -23.98 10.45
N GLY A 559 -8.98 -24.83 11.43
CA GLY A 559 -8.22 -26.07 11.66
C GLY A 559 -8.53 -27.25 10.78
N GLY A 560 -9.58 -27.18 9.96
CA GLY A 560 -9.95 -28.29 9.09
C GLY A 560 -11.13 -29.04 9.62
N SER A 561 -11.34 -30.24 9.10
CA SER A 561 -12.55 -31.00 9.39
C SER A 561 -12.57 -31.50 10.85
N GLU A 562 -11.39 -31.69 11.44
CA GLU A 562 -11.23 -32.15 12.82
C GLU A 562 -10.88 -31.04 13.80
N ALA A 563 -11.09 -29.78 13.39
CA ALA A 563 -10.76 -28.60 14.19
C ALA A 563 -11.31 -28.65 15.62
N ALA A 564 -12.56 -29.08 15.76
CA ALA A 564 -13.22 -29.08 17.07
C ALA A 564 -12.47 -29.97 18.05
N TYR A 565 -12.01 -31.13 17.59
CA TYR A 565 -11.27 -32.06 18.46
C TYR A 565 -9.90 -31.51 18.84
N ALA A 566 -9.19 -30.98 17.84
CA ALA A 566 -7.90 -30.35 18.07
C ALA A 566 -7.99 -29.18 19.05
N ILE A 567 -9.09 -28.42 18.96
CA ILE A 567 -9.32 -27.31 19.87
C ILE A 567 -9.50 -27.85 21.27
N GLY A 568 -10.30 -28.90 21.44
CA GLY A 568 -10.37 -29.59 22.73
C GLY A 568 -9.00 -30.05 23.23
N ASP A 569 -8.21 -30.64 22.36
CA ASP A 569 -6.83 -31.07 22.70
C ASP A 569 -5.99 -29.95 23.33
N ALA A 570 -6.09 -28.76 22.75
CA ALA A 570 -5.33 -27.60 23.23
C ALA A 570 -5.89 -27.07 24.55
N LEU A 571 -7.21 -26.88 24.60
CA LEU A 571 -7.88 -26.35 25.79
C LEU A 571 -7.63 -27.19 27.03
N PHE A 572 -7.66 -28.51 26.83
CA PHE A 572 -7.58 -29.46 27.94
C PHE A 572 -6.15 -29.91 28.24
N GLY A 573 -5.19 -29.49 27.42
CA GLY A 573 -3.79 -29.77 27.71
C GLY A 573 -3.30 -31.13 27.25
N TYR A 574 -4.01 -31.75 26.32
CA TYR A 574 -3.53 -32.95 25.63
C TYR A 574 -2.43 -32.57 24.63
N VAL A 575 -2.47 -31.34 24.13
CA VAL A 575 -1.43 -30.78 23.28
C VAL A 575 -1.04 -29.42 23.83
N ASN A 576 0.26 -29.15 23.85
CA ASN A 576 0.81 -27.85 24.25
C ASN A 576 1.00 -27.01 22.98
N PRO A 577 0.24 -25.89 22.85
CA PRO A 577 0.41 -25.09 21.63
C PRO A 577 1.87 -24.74 21.35
N GLY A 578 2.28 -24.84 20.09
CA GLY A 578 3.66 -24.48 19.68
C GLY A 578 3.74 -23.74 18.36
N GLY A 579 2.60 -23.28 17.86
CA GLY A 579 2.54 -22.52 16.64
C GLY A 579 3.22 -21.18 16.77
N LYS A 580 3.79 -20.72 15.66
CA LYS A 580 4.37 -19.38 15.55
C LYS A 580 3.82 -18.70 14.31
N LEU A 581 3.43 -17.44 14.45
CA LEU A 581 2.91 -16.65 13.32
C LEU A 581 3.89 -16.59 12.15
N THR A 582 3.37 -16.65 10.94
CA THR A 582 4.15 -16.46 9.73
C THR A 582 3.77 -15.16 9.00
N MET A 583 2.89 -14.38 9.60
CA MET A 583 2.53 -13.06 9.05
C MET A 583 2.27 -12.10 10.19
N SER A 584 2.86 -10.91 10.11
CA SER A 584 2.69 -9.82 11.09
C SER A 584 1.23 -9.47 11.36
N PHE A 585 0.89 -9.21 12.62
CA PHE A 585 -0.47 -8.76 13.01
C PHE A 585 -0.36 -7.28 13.34
N PRO A 586 -0.91 -6.41 12.48
CA PRO A 586 -0.80 -4.96 12.70
C PRO A 586 -1.71 -4.49 13.82
N LYS A 587 -1.33 -3.38 14.44
CA LYS A 587 -2.21 -2.72 15.40
C LYS A 587 -3.40 -2.04 14.71
N ASN A 588 -3.21 -1.54 13.50
CA ASN A 588 -4.31 -1.01 12.71
C ASN A 588 -4.02 -1.08 11.22
N VAL A 589 -5.05 -0.91 10.39
N VAL A 589 -5.07 -0.88 10.45
CA VAL A 589 -4.89 -1.00 8.92
CA VAL A 589 -5.01 -0.97 9.01
C VAL A 589 -4.13 0.17 8.31
C VAL A 589 -4.13 0.12 8.37
N GLY A 590 -4.04 1.28 9.05
CA GLY A 590 -3.20 2.39 8.64
C GLY A 590 -1.71 2.13 8.72
N GLN A 591 -1.29 1.05 9.37
CA GLN A 591 0.12 0.66 9.36
C GLN A 591 0.54 -0.20 8.17
N ILE A 592 -0.42 -0.68 7.40
CA ILE A 592 -0.12 -1.61 6.31
C ILE A 592 0.70 -0.89 5.25
N PRO A 593 1.78 -1.48 4.73
CA PRO A 593 2.22 -2.85 5.02
C PRO A 593 3.24 -2.91 6.15
N LEU A 594 3.03 -3.84 7.07
N LEU A 594 3.03 -3.79 7.15
CA LEU A 594 3.94 -4.13 8.16
CA LEU A 594 4.06 -4.09 8.14
C LEU A 594 4.61 -5.45 7.77
C LEU A 594 4.60 -5.46 7.94
N TYR A 595 5.92 -5.54 7.94
CA TYR A 595 6.63 -6.78 7.72
C TYR A 595 7.96 -6.66 8.39
N TYR A 596 8.44 -7.76 8.93
CA TYR A 596 9.64 -7.74 9.77
C TYR A 596 10.92 -7.48 8.94
N ALA A 597 11.00 -7.98 7.70
CA ALA A 597 12.21 -7.87 6.87
C ALA A 597 12.29 -6.55 6.09
N HIS A 598 12.28 -5.45 6.83
CA HIS A 598 12.15 -4.13 6.22
C HIS A 598 13.51 -3.41 6.22
N LYS A 599 13.64 -2.41 5.36
CA LYS A 599 14.85 -1.59 5.26
C LYS A 599 14.91 -0.68 6.49
N ASN A 600 16.09 -0.17 6.82
CA ASN A 600 16.25 0.69 7.98
C ASN A 600 15.70 2.12 7.79
N THR A 601 15.65 2.59 6.55
CA THR A 601 15.47 4.00 6.18
C THR A 601 16.67 4.83 6.65
N GLY A 602 16.68 6.08 6.20
CA GLY A 602 17.71 7.03 6.62
C GLY A 602 17.44 7.72 7.95
N ARG A 603 16.24 7.52 8.50
CA ARG A 603 15.81 8.13 9.76
C ARG A 603 15.08 7.12 10.65
N PRO A 604 15.75 6.00 10.99
CA PRO A 604 15.10 4.97 11.80
C PRO A 604 14.76 5.49 13.18
N LEU A 605 13.57 5.13 13.65
CA LEU A 605 13.19 5.39 15.03
C LEU A 605 13.87 4.35 15.92
N ALA A 606 14.73 4.81 16.84
CA ALA A 606 15.40 3.92 17.79
C ALA A 606 14.38 3.22 18.70
N GLN A 607 14.68 2.03 19.16
CA GLN A 607 13.72 1.27 19.97
C GLN A 607 13.35 2.04 21.24
N GLY A 608 12.07 2.04 21.57
CA GLY A 608 11.55 2.73 22.73
C GLY A 608 11.42 4.24 22.65
N LYS A 609 11.67 4.83 21.47
CA LYS A 609 11.69 6.29 21.31
C LYS A 609 10.44 6.88 20.67
N TRP A 610 9.46 6.04 20.31
CA TRP A 610 8.19 6.58 19.83
C TRP A 610 7.59 7.52 20.90
N PHE A 611 7.17 8.74 20.58
CA PHE A 611 7.24 9.41 19.29
C PHE A 611 8.47 10.32 19.27
N GLU A 612 9.09 10.42 18.10
CA GLU A 612 10.17 11.41 17.88
C GLU A 612 9.99 12.14 16.55
N LYS A 613 9.88 13.47 16.62
CA LYS A 613 9.79 14.29 15.43
C LYS A 613 11.09 14.14 14.60
N PHE A 614 10.91 14.13 13.29
CA PHE A 614 11.98 13.93 12.29
C PHE A 614 12.59 12.50 12.25
N ARG A 615 11.88 11.51 12.81
CA ARG A 615 12.19 10.10 12.59
C ARG A 615 11.05 9.49 11.77
N SER A 616 11.31 8.32 11.18
CA SER A 616 10.27 7.58 10.44
C SER A 616 9.30 6.92 11.41
N ASN A 617 8.21 7.62 11.69
CA ASN A 617 7.21 7.19 12.66
C ASN A 617 5.92 7.99 12.46
N TYR A 618 4.83 7.48 13.02
CA TYR A 618 3.51 8.09 12.90
C TYR A 618 3.16 8.88 14.17
N LEU A 619 2.24 9.81 14.02
CA LEU A 619 1.73 10.60 15.13
C LEU A 619 0.89 9.82 16.15
N ASP A 620 0.25 8.73 15.71
CA ASP A 620 -0.85 8.13 16.47
C ASP A 620 -0.68 6.69 16.92
N VAL A 621 0.42 6.06 16.54
CA VAL A 621 0.74 4.69 16.91
C VAL A 621 2.22 4.54 16.62
N ASP A 622 2.86 3.59 17.31
CA ASP A 622 4.26 3.27 17.04
C ASP A 622 4.39 2.44 15.76
N ASN A 623 5.59 2.00 15.43
CA ASN A 623 5.83 1.35 14.14
C ASN A 623 5.58 -0.15 14.13
N GLU A 624 5.19 -0.71 15.27
CA GLU A 624 5.31 -2.13 15.52
C GLU A 624 4.00 -2.86 15.30
N PRO A 625 4.07 -4.11 14.81
CA PRO A 625 2.89 -4.95 14.86
C PRO A 625 2.52 -5.29 16.30
N LEU A 626 1.25 -5.58 16.55
CA LEU A 626 0.85 -6.11 17.85
C LEU A 626 1.59 -7.42 18.14
N TYR A 627 1.62 -8.33 17.17
CA TYR A 627 2.36 -9.58 17.29
C TYR A 627 3.28 -9.69 16.09
N PRO A 628 4.61 -9.84 16.31
CA PRO A 628 5.54 -9.90 15.18
C PRO A 628 5.58 -11.25 14.48
N PHE A 629 6.17 -11.26 13.29
CA PHE A 629 6.51 -12.49 12.61
C PHE A 629 7.25 -13.41 13.58
N GLY A 630 6.84 -14.67 13.60
CA GLY A 630 7.48 -15.69 14.45
C GLY A 630 6.99 -15.77 15.88
N TYR A 631 5.99 -14.94 16.21
CA TYR A 631 5.44 -14.86 17.55
C TYR A 631 4.58 -16.07 17.87
N GLY A 632 4.80 -16.63 19.06
CA GLY A 632 3.88 -17.63 19.58
C GLY A 632 4.26 -18.09 20.96
N LEU A 633 3.25 -18.27 21.83
CA LEU A 633 3.51 -18.69 23.20
C LEU A 633 3.30 -20.20 23.36
N SER A 634 3.57 -20.66 24.56
CA SER A 634 3.45 -22.06 24.96
C SER A 634 2.87 -22.12 26.36
N TYR A 635 2.44 -23.31 26.77
CA TYR A 635 2.14 -23.54 28.19
C TYR A 635 3.39 -23.58 29.05
N THR A 636 4.55 -23.65 28.41
CA THR A 636 5.81 -23.49 29.11
C THR A 636 6.55 -22.23 28.64
N THR A 637 7.71 -22.01 29.24
CA THR A 637 8.58 -20.90 28.89
C THR A 637 9.93 -21.47 28.48
N PHE A 638 10.58 -20.80 27.55
CA PHE A 638 11.91 -21.15 27.07
C PHE A 638 12.86 -19.99 27.28
N SER A 639 14.08 -20.30 27.72
CA SER A 639 15.11 -19.27 27.88
C SER A 639 16.26 -19.58 26.95
N TYR A 640 16.91 -18.51 26.50
CA TYR A 640 17.98 -18.57 25.51
C TYR A 640 19.25 -18.07 26.19
N GLY A 641 20.34 -18.82 26.06
CA GLY A 641 21.67 -18.35 26.49
C GLY A 641 22.24 -17.44 25.42
N ASP A 642 23.50 -17.02 25.58
CA ASP A 642 24.15 -16.15 24.59
C ASP A 642 24.60 -16.97 23.39
N ILE A 643 24.65 -16.34 22.22
CA ILE A 643 25.06 -17.04 20.99
C ILE A 643 26.57 -17.31 20.98
N ASP A 644 26.92 -18.50 20.50
CA ASP A 644 28.31 -18.94 20.36
C ASP A 644 28.59 -19.11 18.87
N LEU A 645 29.46 -18.25 18.32
CA LEU A 645 29.90 -18.37 16.93
C LEU A 645 31.24 -19.10 16.91
N SER A 646 31.33 -20.14 16.07
CA SER A 646 32.54 -21.01 15.98
C SER A 646 33.78 -20.29 15.44
N ARG A 647 33.57 -19.29 14.59
CA ARG A 647 34.58 -18.28 14.26
C ARG A 647 33.93 -16.95 13.97
N SER A 648 34.75 -15.90 14.05
CA SER A 648 34.30 -14.53 13.88
C SER A 648 34.61 -13.97 12.49
N THR A 649 35.42 -14.68 11.71
CA THR A 649 35.67 -14.32 10.32
C THR A 649 35.67 -15.58 9.46
N ILE A 650 35.00 -15.49 8.32
CA ILE A 650 35.08 -16.52 7.30
C ILE A 650 35.30 -15.85 5.95
N ASP A 651 35.74 -16.64 4.97
CA ASP A 651 35.77 -16.17 3.58
C ASP A 651 34.69 -16.89 2.76
N MET A 652 34.68 -16.66 1.45
CA MET A 652 33.63 -17.20 0.57
C MET A 652 33.64 -18.73 0.50
N THR A 653 34.77 -19.35 0.89
CA THR A 653 34.92 -20.80 0.89
C THR A 653 34.48 -21.44 2.20
N GLY A 654 34.34 -20.63 3.24
CA GLY A 654 34.20 -21.10 4.60
C GLY A 654 32.77 -21.28 5.06
N GLU A 655 32.67 -21.45 6.36
CA GLU A 655 31.43 -21.74 7.06
C GLU A 655 31.71 -21.45 8.53
N LEU A 656 30.65 -21.15 9.28
CA LEU A 656 30.73 -21.12 10.72
C LEU A 656 29.44 -21.73 11.27
N THR A 657 29.43 -21.97 12.58
CA THR A 657 28.27 -22.52 13.27
C THR A 657 27.85 -21.57 14.37
N ALA A 658 26.56 -21.22 14.39
CA ALA A 658 25.98 -20.44 15.48
C ALA A 658 25.20 -21.37 16.39
N ALA A 659 25.53 -21.32 17.68
CA ALA A 659 24.96 -22.20 18.69
C ALA A 659 24.40 -21.40 19.85
N VAL A 660 23.28 -21.88 20.38
CA VAL A 660 22.65 -21.30 21.55
C VAL A 660 22.00 -22.41 22.35
N MET A 661 22.06 -22.30 23.66
CA MET A 661 21.38 -23.23 24.55
C MET A 661 19.97 -22.73 24.81
N VAL A 662 18.98 -23.57 24.51
CA VAL A 662 17.58 -23.27 24.83
C VAL A 662 17.18 -24.20 25.97
N THR A 663 16.62 -23.62 27.03
CA THR A 663 16.18 -24.38 28.20
C THR A 663 14.68 -24.22 28.38
N ASN A 664 13.99 -25.34 28.64
CA ASN A 664 12.62 -25.30 29.15
C ASN A 664 12.60 -24.96 30.64
N THR A 665 12.20 -23.73 30.93
CA THR A 665 12.19 -23.15 32.28
C THR A 665 10.82 -23.19 32.97
N GLY A 666 9.82 -23.76 32.32
CA GLY A 666 8.46 -23.84 32.87
C GLY A 666 8.13 -25.24 33.34
N THR A 667 6.85 -25.52 33.51
CA THR A 667 6.36 -26.75 34.13
C THR A 667 5.74 -27.74 33.14
N TRP A 668 5.77 -27.41 31.84
CA TRP A 668 5.15 -28.24 30.81
C TRP A 668 6.17 -28.69 29.77
N PRO A 669 6.05 -29.95 29.30
CA PRO A 669 6.78 -30.33 28.09
C PRO A 669 6.18 -29.55 26.92
N GLY A 670 7.01 -29.15 25.97
CA GLY A 670 6.49 -28.57 24.75
C GLY A 670 7.53 -28.21 23.73
N SER A 671 7.05 -27.83 22.56
CA SER A 671 7.94 -27.47 21.45
C SER A 671 8.19 -25.96 21.36
N GLU A 672 9.39 -25.64 20.91
CA GLU A 672 9.82 -24.27 20.65
C GLU A 672 10.38 -24.21 19.24
N VAL A 673 9.98 -23.20 18.48
CA VAL A 673 10.55 -22.96 17.16
C VAL A 673 11.67 -21.94 17.31
N VAL A 674 12.90 -22.43 17.26
CA VAL A 674 14.10 -21.62 17.40
C VAL A 674 14.40 -21.03 16.03
N GLN A 675 14.43 -19.71 15.94
CA GLN A 675 14.46 -19.01 14.65
C GLN A 675 15.77 -18.30 14.43
N LEU A 676 16.37 -18.48 13.24
CA LEU A 676 17.63 -17.84 12.85
C LEU A 676 17.37 -16.71 11.87
N TYR A 677 17.85 -15.52 12.24
CA TYR A 677 17.78 -14.34 11.40
C TYR A 677 19.18 -13.82 11.14
N ILE A 678 19.41 -13.34 9.93
CA ILE A 678 20.67 -12.69 9.58
C ILE A 678 20.42 -11.28 9.07
N ARG A 679 21.25 -10.34 9.54
CA ARG A 679 21.30 -8.99 8.98
C ARG A 679 22.63 -8.76 8.31
N ASP A 680 22.57 -8.37 7.04
CA ASP A 680 23.72 -7.90 6.30
C ASP A 680 23.78 -6.42 6.62
N LEU A 681 24.74 -6.01 7.44
CA LEU A 681 24.73 -4.67 8.03
C LEU A 681 24.91 -3.53 7.03
N VAL A 682 25.79 -3.73 6.06
CA VAL A 682 26.10 -2.71 5.05
C VAL A 682 25.97 -3.32 3.68
N GLY A 683 25.36 -2.64 2.74
CA GLY A 683 25.22 -3.17 1.38
C GLY A 683 25.53 -2.13 0.34
N SER A 684 25.79 -2.57 -0.89
CA SER A 684 25.83 -1.66 -2.03
C SER A 684 24.43 -1.11 -2.32
N THR A 685 23.41 -1.86 -1.93
CA THR A 685 22.03 -1.42 -1.82
C THR A 685 21.60 -1.64 -0.36
N THR A 686 20.53 -0.99 0.06
CA THR A 686 20.04 -1.13 1.44
C THR A 686 19.51 -2.55 1.65
N ARG A 687 19.84 -3.13 2.80
CA ARG A 687 19.49 -4.51 3.12
C ARG A 687 18.52 -4.54 4.29
N PRO A 688 17.64 -5.57 4.35
CA PRO A 688 16.69 -5.62 5.45
C PRO A 688 17.37 -5.74 6.80
N VAL A 689 16.70 -5.24 7.83
CA VAL A 689 17.22 -5.28 9.20
C VAL A 689 17.32 -6.70 9.75
N LYS A 690 16.55 -7.61 9.15
CA LYS A 690 16.80 -9.03 9.27
C LYS A 690 16.00 -9.85 8.26
N GLU A 691 16.47 -11.07 8.09
CA GLU A 691 15.85 -12.05 7.21
C GLU A 691 15.99 -13.41 7.85
N LEU A 692 14.89 -14.15 7.88
CA LEU A 692 14.90 -15.53 8.32
C LEU A 692 15.76 -16.38 7.39
N LYS A 693 16.74 -17.08 7.95
CA LYS A 693 17.62 -17.97 7.16
C LYS A 693 17.68 -19.40 7.70
N GLY A 694 16.86 -19.72 8.70
CA GLY A 694 16.81 -21.06 9.26
C GLY A 694 15.90 -21.13 10.47
N PHE A 695 15.58 -22.36 10.86
CA PHE A 695 14.85 -22.61 12.09
C PHE A 695 14.97 -24.06 12.47
N GLN A 696 14.78 -24.32 13.76
CA GLN A 696 14.65 -25.68 14.24
C GLN A 696 13.56 -25.76 15.32
N LYS A 697 12.58 -26.62 15.07
CA LYS A 697 11.52 -26.89 16.04
C LYS A 697 12.01 -28.00 16.95
N ILE A 698 12.14 -27.69 18.23
CA ILE A 698 12.65 -28.63 19.23
C ILE A 698 11.57 -28.95 20.25
N PHE A 699 11.64 -30.12 20.86
CA PHE A 699 10.74 -30.53 21.95
C PHE A 699 11.58 -30.73 23.20
N LEU A 700 11.21 -30.05 24.27
CA LEU A 700 11.89 -30.16 25.56
C LEU A 700 10.90 -30.50 26.68
N GLU A 701 11.35 -31.38 27.57
CA GLU A 701 10.70 -31.65 28.85
C GLU A 701 11.02 -30.50 29.79
N PRO A 702 10.24 -30.32 30.88
CA PRO A 702 10.55 -29.30 31.87
C PRO A 702 11.94 -29.44 32.44
N GLY A 703 12.69 -28.34 32.48
CA GLY A 703 14.06 -28.34 32.94
C GLY A 703 15.12 -28.78 31.93
N GLN A 704 14.70 -29.45 30.86
CA GLN A 704 15.60 -29.92 29.80
C GLN A 704 16.19 -28.76 29.02
N SER A 705 17.43 -28.94 28.58
CA SER A 705 18.12 -27.99 27.69
C SER A 705 18.60 -28.71 26.43
N GLU A 706 18.83 -27.91 25.39
N GLU A 706 18.78 -27.94 25.35
CA GLU A 706 19.30 -28.39 24.09
CA GLU A 706 19.33 -28.45 24.10
C GLU A 706 20.17 -27.30 23.49
C GLU A 706 20.10 -27.36 23.36
N ILE A 707 21.34 -27.67 22.95
CA ILE A 707 22.17 -26.71 22.21
C ILE A 707 21.69 -26.81 20.75
N VAL A 708 21.12 -25.73 20.24
CA VAL A 708 20.66 -25.68 18.85
C VAL A 708 21.75 -25.04 17.99
N ARG A 709 22.16 -25.74 16.93
CA ARG A 709 23.26 -25.30 16.06
C ARG A 709 22.79 -25.03 14.63
N PHE A 710 23.17 -23.87 14.11
CA PHE A 710 22.90 -23.50 12.72
C PHE A 710 24.18 -23.37 11.90
N LYS A 711 24.26 -24.11 10.80
CA LYS A 711 25.30 -23.87 9.79
C LYS A 711 25.06 -22.55 9.07
N ILE A 712 26.05 -21.66 9.10
CA ILE A 712 26.02 -20.42 8.33
C ILE A 712 27.13 -20.45 7.28
N ALA A 713 26.73 -20.43 6.00
CA ALA A 713 27.66 -20.43 4.86
C ALA A 713 27.40 -19.22 3.95
N PRO A 714 28.44 -18.74 3.25
CA PRO A 714 28.27 -17.62 2.34
C PRO A 714 27.13 -17.73 1.32
N GLU A 715 26.81 -18.94 0.88
CA GLU A 715 25.65 -19.14 0.01
C GLU A 715 24.31 -18.61 0.59
N MET A 716 24.15 -18.68 1.90
CA MET A 716 22.99 -18.13 2.63
C MET A 716 22.93 -16.61 2.67
N LEU A 717 24.08 -15.98 2.44
CA LEU A 717 24.25 -14.54 2.54
C LEU A 717 24.10 -13.81 1.20
N ARG A 718 23.73 -14.53 0.14
CA ARG A 718 23.56 -13.92 -1.18
C ARG A 718 22.23 -13.20 -1.31
N TYR A 719 22.23 -12.15 -2.12
CA TYR A 719 20.99 -11.47 -2.50
C TYR A 719 21.18 -10.84 -3.87
N TYR A 720 20.09 -10.35 -4.45
CA TYR A 720 20.14 -9.68 -5.74
C TYR A 720 20.54 -8.23 -5.53
N ASN A 721 21.72 -7.88 -6.04
CA ASN A 721 22.21 -6.53 -5.93
C ASN A 721 21.50 -5.60 -6.93
N TYR A 722 21.97 -4.35 -7.02
CA TYR A 722 21.37 -3.36 -7.91
C TYR A 722 21.23 -3.86 -9.35
N ASP A 723 22.24 -4.60 -9.82
CA ASP A 723 22.25 -5.11 -11.19
C ASP A 723 21.61 -6.51 -11.33
N LEU A 724 20.86 -6.93 -10.31
CA LEU A 724 20.22 -8.26 -10.22
C LEU A 724 21.19 -9.43 -10.29
N GLN A 725 22.40 -9.22 -9.78
CA GLN A 725 23.39 -10.28 -9.65
C GLN A 725 23.24 -10.90 -8.27
N LEU A 726 23.07 -12.21 -8.23
CA LEU A 726 22.92 -12.94 -6.98
C LEU A 726 24.29 -13.16 -6.34
N VAL A 727 24.63 -12.30 -5.40
CA VAL A 727 26.00 -12.17 -4.89
C VAL A 727 25.99 -12.04 -3.37
N ALA A 728 27.04 -12.52 -2.73
CA ALA A 728 27.32 -12.17 -1.33
C ALA A 728 28.44 -11.15 -1.37
N GLU A 729 28.30 -10.08 -0.60
CA GLU A 729 29.35 -9.05 -0.50
C GLU A 729 30.12 -9.19 0.78
N PRO A 730 31.45 -8.98 0.73
CA PRO A 730 32.17 -8.99 1.99
C PRO A 730 31.75 -7.84 2.90
N GLY A 731 31.91 -8.06 4.19
CA GLY A 731 31.53 -7.10 5.22
C GLY A 731 30.98 -7.78 6.46
N GLU A 732 30.36 -6.98 7.32
CA GLU A 732 29.83 -7.46 8.61
C GLU A 732 28.41 -8.00 8.50
N PHE A 733 28.16 -9.07 9.26
CA PHE A 733 26.83 -9.68 9.42
C PHE A 733 26.47 -9.83 10.89
N GLU A 734 25.19 -9.68 11.19
CA GLU A 734 24.68 -9.93 12.53
C GLU A 734 23.81 -11.19 12.49
N VAL A 735 24.11 -12.13 13.39
CA VAL A 735 23.36 -13.37 13.55
C VAL A 735 22.44 -13.17 14.74
N MET A 736 21.15 -13.45 14.54
CA MET A 736 20.17 -13.31 15.59
C MET A 736 19.37 -14.58 15.69
N ILE A 737 19.19 -15.04 16.92
CA ILE A 737 18.44 -16.26 17.20
C ILE A 737 17.48 -15.98 18.35
N GLY A 738 16.25 -16.45 18.20
CA GLY A 738 15.30 -16.32 19.27
C GLY A 738 13.92 -16.90 18.99
N THR A 739 12.99 -16.53 19.85
CA THR A 739 11.67 -17.16 19.98
C THR A 739 10.64 -16.55 19.01
N ASN A 740 11.01 -15.44 18.41
CA ASN A 740 10.25 -14.75 17.37
C ASN A 740 11.22 -13.74 16.72
N SER A 741 10.77 -13.00 15.72
CA SER A 741 11.64 -12.05 15.01
C SER A 741 12.01 -10.77 15.78
N ARG A 742 11.33 -10.52 16.89
CA ARG A 742 11.54 -9.32 17.71
C ARG A 742 12.50 -9.55 18.88
N ASP A 743 12.36 -10.71 19.55
CA ASP A 743 13.02 -11.04 20.82
C ASP A 743 14.18 -12.00 20.57
N VAL A 744 15.35 -11.44 20.31
CA VAL A 744 16.49 -12.24 19.82
C VAL A 744 17.78 -11.97 20.58
N LYS A 745 18.65 -12.98 20.63
CA LYS A 745 20.05 -12.78 21.02
C LYS A 745 20.84 -12.51 19.75
N SER A 746 21.92 -11.74 19.88
CA SER A 746 22.75 -11.34 18.73
C SER A 746 24.23 -11.68 18.89
N ALA A 747 24.86 -11.96 17.76
CA ALA A 747 26.32 -12.03 17.66
C ALA A 747 26.73 -11.50 16.29
N ARG A 748 28.00 -11.15 16.16
CA ARG A 748 28.52 -10.59 14.90
C ARG A 748 29.69 -11.41 14.31
N PHE A 749 29.79 -11.39 12.98
CA PHE A 749 30.89 -12.02 12.24
C PHE A 749 31.19 -11.24 10.96
N THR A 750 32.40 -11.46 10.44
CA THR A 750 32.86 -10.78 9.23
C THR A 750 33.01 -11.82 8.10
N LEU A 751 32.53 -11.45 6.92
CA LEU A 751 32.79 -12.19 5.68
C LEU A 751 33.87 -11.48 4.87
N LYS A 752 34.89 -12.23 4.43
CA LYS A 752 35.99 -11.70 3.60
C LYS A 752 36.07 -12.40 2.25
N LEU A 753 36.75 -11.79 1.26
CA LEU A 753 36.94 -12.45 -0.06
C LEU A 753 38.00 -13.53 0.02
N ASP B 9 31.61 36.90 -20.66
CA ASP B 9 30.69 35.73 -20.48
C ASP B 9 31.14 34.77 -19.37
N MET B 10 30.24 33.85 -19.04
CA MET B 10 30.32 33.04 -17.82
C MET B 10 31.45 32.01 -17.79
N ASP B 11 31.56 31.22 -18.86
CA ASP B 11 32.55 30.14 -18.92
C ASP B 11 33.96 30.65 -18.62
N ARG B 12 34.38 31.77 -19.24
CA ARG B 12 35.70 32.36 -18.97
C ARG B 12 35.87 32.83 -17.52
N PHE B 13 34.87 33.57 -17.02
CA PHE B 13 34.93 34.06 -15.64
C PHE B 13 35.16 32.93 -14.65
N ILE B 14 34.37 31.86 -14.81
CA ILE B 14 34.42 30.73 -13.89
C ILE B 14 35.68 29.88 -14.13
N ASP B 15 36.08 29.68 -15.38
CA ASP B 15 37.39 29.08 -15.70
C ASP B 15 38.50 29.81 -14.92
N ALA B 16 38.51 31.14 -15.05
CA ALA B 16 39.52 31.98 -14.42
C ALA B 16 39.50 31.89 -12.89
N LEU B 17 38.31 31.94 -12.30
CA LEU B 17 38.19 31.84 -10.84
C LEU B 17 38.61 30.46 -10.31
N MET B 18 38.22 29.39 -11.02
CA MET B 18 38.54 28.01 -10.58
C MET B 18 40.02 27.65 -10.69
N LYS B 19 40.69 28.15 -11.74
CA LYS B 19 42.16 28.03 -11.84
C LYS B 19 42.88 28.62 -10.62
N LYS B 20 42.29 29.63 -10.00
CA LYS B 20 42.79 30.19 -8.74
C LYS B 20 42.57 29.35 -7.47
N MET B 21 41.64 28.39 -7.49
CA MET B 21 41.25 27.74 -6.23
C MET B 21 42.07 26.55 -5.80
N THR B 22 42.18 26.42 -4.49
CA THR B 22 42.67 25.20 -3.86
C THR B 22 41.56 24.14 -3.91
N VAL B 23 41.95 22.91 -3.65
CA VAL B 23 41.01 21.79 -3.59
C VAL B 23 40.01 22.00 -2.45
N GLU B 24 40.52 22.41 -1.30
CA GLU B 24 39.71 22.80 -0.13
C GLU B 24 38.66 23.86 -0.47
N GLU B 25 39.04 24.86 -1.27
CA GLU B 25 38.12 25.92 -1.70
C GLU B 25 37.02 25.45 -2.65
N LYS B 26 37.39 24.56 -3.57
CA LYS B 26 36.43 23.91 -4.45
C LYS B 26 35.44 23.03 -3.66
N ILE B 27 35.97 22.28 -2.69
CA ILE B 27 35.14 21.48 -1.79
C ILE B 27 34.18 22.38 -1.01
N GLY B 28 34.67 23.54 -0.59
CA GLY B 28 33.89 24.47 0.22
C GLY B 28 32.65 25.03 -0.44
N GLN B 29 32.70 25.20 -1.76
CA GLN B 29 31.57 25.64 -2.56
C GLN B 29 30.39 24.68 -2.46
N LEU B 30 30.70 23.43 -2.13
CA LEU B 30 29.72 22.34 -2.00
C LEU B 30 29.16 22.18 -0.58
N ASN B 31 29.52 23.07 0.34
CA ASN B 31 29.13 22.95 1.73
C ASN B 31 28.01 23.94 2.05
N LEU B 32 26.89 23.41 2.54
CA LEU B 32 25.74 24.20 2.95
C LEU B 32 25.38 23.88 4.43
N PRO B 33 26.09 24.51 5.39
CA PRO B 33 25.70 24.39 6.82
C PRO B 33 24.44 25.19 7.17
N VAL B 34 23.93 24.96 8.38
CA VAL B 34 22.74 25.66 8.91
C VAL B 34 23.07 26.51 10.14
N ILE B 48 30.87 28.74 12.27
CA ILE B 48 30.40 29.33 11.01
C ILE B 48 31.25 30.51 10.52
N ALA B 49 31.55 31.47 11.39
CA ALA B 49 32.25 32.68 10.98
C ALA B 49 33.64 32.32 10.46
N ALA B 50 34.31 31.39 11.16
CA ALA B 50 35.61 30.88 10.78
C ALA B 50 35.60 29.98 9.54
N LYS B 51 34.53 29.21 9.35
CA LYS B 51 34.35 28.42 8.12
C LYS B 51 34.34 29.30 6.88
N ILE B 52 33.61 30.42 6.93
CA ILE B 52 33.54 31.38 5.82
C ILE B 52 34.92 31.98 5.50
N LYS B 53 35.70 32.26 6.53
CA LYS B 53 37.05 32.83 6.39
C LYS B 53 37.97 31.85 5.65
N ARG B 54 37.88 30.58 6.03
CA ARG B 54 38.59 29.48 5.35
C ARG B 54 38.06 29.08 3.94
N GLY B 55 37.02 29.74 3.45
CA GLY B 55 36.41 29.39 2.16
C GLY B 55 35.65 28.05 2.15
N GLU B 56 35.26 27.57 3.32
CA GLU B 56 34.57 26.28 3.47
C GLU B 56 33.05 26.33 3.37
N VAL B 57 32.48 27.45 2.94
CA VAL B 57 31.02 27.65 2.93
C VAL B 57 30.54 28.14 1.58
N GLY B 58 29.64 27.38 0.97
CA GLY B 58 29.04 27.73 -0.32
C GLY B 58 27.76 28.50 -0.18
N GLY B 59 27.07 28.31 0.92
CA GLY B 59 25.77 28.93 1.15
C GLY B 59 25.34 28.65 2.57
N LEU B 60 24.31 29.34 2.99
CA LEU B 60 23.68 29.11 4.27
C LEU B 60 22.19 29.03 4.07
N PHE B 61 21.51 28.49 5.06
CA PHE B 61 20.05 28.50 5.06
C PHE B 61 19.42 28.61 6.44
N ASN B 62 18.16 29.04 6.40
CA ASN B 62 17.31 29.36 7.57
C ASN B 62 17.71 30.57 8.38
N LEU B 63 18.56 31.42 7.83
CA LEU B 63 18.85 32.69 8.45
C LEU B 63 17.82 33.70 7.93
N LYS B 64 17.09 34.32 8.85
CA LYS B 64 16.10 35.34 8.53
C LYS B 64 16.58 36.76 8.88
N GLY B 65 16.43 37.68 7.93
CA GLY B 65 16.66 39.12 8.14
C GLY B 65 17.75 39.67 7.23
N VAL B 66 17.39 40.66 6.41
CA VAL B 66 18.31 41.29 5.45
C VAL B 66 19.58 41.85 6.13
N GLU B 67 19.44 42.28 7.38
CA GLU B 67 20.55 42.72 8.27
C GLU B 67 21.58 41.63 8.57
N LYS B 68 21.11 40.50 9.08
CA LYS B 68 21.98 39.39 9.43
C LYS B 68 22.62 38.87 8.14
N ILE B 69 21.81 38.67 7.12
CA ILE B 69 22.28 38.16 5.83
C ILE B 69 23.34 39.05 5.15
N ARG B 70 23.05 40.35 5.01
CA ARG B 70 24.01 41.30 4.41
C ARG B 70 25.37 41.26 5.11
N ASP B 71 25.36 41.13 6.43
CA ASP B 71 26.59 41.03 7.22
C ASP B 71 27.33 39.70 7.05
N VAL B 72 26.61 38.60 6.90
CA VAL B 72 27.25 37.33 6.56
C VAL B 72 27.83 37.41 5.14
N GLN B 73 27.11 38.03 4.21
CA GLN B 73 27.63 38.19 2.83
C GLN B 73 28.92 39.00 2.84
N LYS B 74 28.94 40.06 3.65
CA LYS B 74 30.10 40.95 3.77
C LYS B 74 31.35 40.16 4.17
N GLN B 75 31.24 39.32 5.21
CA GLN B 75 32.34 38.45 5.63
C GLN B 75 32.86 37.57 4.50
N ALA B 76 31.93 36.87 3.85
CA ALA B 76 32.26 36.06 2.67
C ALA B 76 33.03 36.87 1.60
N VAL B 77 32.52 38.05 1.28
CA VAL B 77 33.09 38.91 0.21
C VAL B 77 34.42 39.56 0.57
N GLU B 78 34.56 40.01 1.82
N GLU B 78 34.53 40.01 1.82
CA GLU B 78 35.76 40.76 2.24
CA GLU B 78 35.65 40.82 2.33
C GLU B 78 36.73 40.02 3.18
C GLU B 78 36.70 40.02 3.16
N GLN B 79 36.28 38.95 3.83
CA GLN B 79 37.15 38.15 4.76
C GLN B 79 37.55 36.69 4.38
N SER B 80 37.21 36.22 3.19
CA SER B 80 37.71 34.93 2.69
C SER B 80 38.78 35.23 1.66
N ARG B 81 39.77 34.34 1.54
CA ARG B 81 40.85 34.54 0.55
C ARG B 81 40.29 35.03 -0.80
N LEU B 82 39.22 34.39 -1.28
CA LEU B 82 38.72 34.61 -2.64
C LEU B 82 37.46 35.49 -2.81
N GLY B 83 36.76 35.78 -1.73
CA GLY B 83 35.59 36.68 -1.78
C GLY B 83 34.34 36.17 -2.49
N ILE B 84 34.19 34.85 -2.61
CA ILE B 84 33.07 34.26 -3.37
C ILE B 84 31.74 34.47 -2.61
N PRO B 85 30.71 35.09 -3.25
CA PRO B 85 29.48 35.39 -2.51
C PRO B 85 28.65 34.13 -2.20
N LEU B 86 27.93 34.14 -1.07
CA LEU B 86 27.09 33.00 -0.64
C LEU B 86 25.71 33.07 -1.25
N LEU B 87 25.13 31.90 -1.48
CA LEU B 87 23.67 31.75 -1.63
C LEU B 87 23.06 31.77 -0.24
N PHE B 88 21.86 32.34 -0.12
CA PHE B 88 21.08 32.26 1.12
C PHE B 88 19.73 31.64 0.83
N GLY B 89 19.51 30.48 1.45
CA GLY B 89 18.32 29.67 1.23
C GLY B 89 17.29 29.71 2.34
N MET B 90 16.06 29.42 1.96
CA MET B 90 14.99 29.21 2.93
C MET B 90 13.90 28.34 2.33
N ASP B 91 13.15 27.66 3.20
CA ASP B 91 11.90 27.02 2.79
C ASP B 91 10.84 28.10 2.68
N VAL B 92 10.82 28.74 1.51
CA VAL B 92 9.74 29.67 1.16
C VAL B 92 8.78 28.83 0.28
N ILE B 93 7.78 28.27 0.94
CA ILE B 93 6.96 27.17 0.40
C ILE B 93 5.59 27.65 -0.07
N HIS B 94 4.90 28.41 0.76
CA HIS B 94 3.66 29.07 0.34
C HIS B 94 3.57 30.47 0.95
N GLY B 95 4.71 31.16 0.98
CA GLY B 95 4.78 32.54 1.43
C GLY B 95 5.97 32.76 2.33
N TYR B 96 6.39 34.02 2.39
CA TYR B 96 7.44 34.46 3.30
C TYR B 96 6.82 34.92 4.64
N GLU B 97 6.25 36.12 4.68
CA GLU B 97 5.45 36.57 5.83
C GLU B 97 3.97 36.60 5.47
N THR B 98 3.64 37.14 4.30
CA THR B 98 2.28 36.99 3.76
C THR B 98 2.12 35.54 3.36
N MET B 99 1.24 34.83 4.05
CA MET B 99 1.09 33.40 3.83
C MET B 99 -0.12 33.10 2.97
N PHE B 100 0.13 32.40 1.88
CA PHE B 100 -0.87 31.87 1.01
C PHE B 100 -1.33 30.53 1.57
N PRO B 101 -2.34 29.90 0.95
CA PRO B 101 -2.70 28.58 1.46
C PRO B 101 -1.57 27.59 1.32
N ILE B 102 -1.56 26.58 2.18
CA ILE B 102 -0.65 25.45 1.99
C ILE B 102 -0.76 24.94 0.55
N PRO B 103 0.36 24.45 -0.02
CA PRO B 103 0.32 24.10 -1.44
C PRO B 103 -0.82 23.17 -1.87
N LEU B 104 -1.18 22.22 -1.01
CA LEU B 104 -2.24 21.28 -1.37
C LEU B 104 -3.56 22.03 -1.52
N GLY B 105 -3.83 22.93 -0.59
CA GLY B 105 -5.00 23.83 -0.75
C GLY B 105 -4.90 24.73 -1.97
N LEU B 106 -3.73 25.35 -2.14
CA LEU B 106 -3.52 26.21 -3.28
C LEU B 106 -3.74 25.50 -4.64
N SER B 107 -3.38 24.21 -4.73
CA SER B 107 -3.59 23.47 -5.97
C SER B 107 -5.07 23.38 -6.42
N CYS B 108 -5.98 23.43 -5.44
CA CYS B 108 -7.41 23.40 -5.69
C CYS B 108 -7.97 24.64 -6.33
N THR B 109 -7.18 25.71 -6.44
CA THR B 109 -7.61 26.85 -7.27
C THR B 109 -7.68 26.51 -8.76
N TRP B 110 -6.89 25.52 -9.18
CA TRP B 110 -6.69 25.18 -10.58
C TRP B 110 -6.46 26.42 -11.43
N ASP B 111 -5.64 27.34 -10.91
CA ASP B 111 -5.50 28.67 -11.48
C ASP B 111 -4.00 28.96 -11.51
N MET B 112 -3.40 28.74 -12.66
CA MET B 112 -1.95 28.86 -12.81
C MET B 112 -1.47 30.30 -12.69
N THR B 113 -2.34 31.25 -13.05
CA THR B 113 -2.03 32.67 -12.93
C THR B 113 -1.89 33.07 -11.47
N ALA B 114 -2.88 32.70 -10.66
CA ALA B 114 -2.85 32.95 -9.21
C ALA B 114 -1.70 32.22 -8.52
N ILE B 115 -1.42 31.00 -8.97
CA ILE B 115 -0.32 30.23 -8.40
C ILE B 115 1.01 30.92 -8.67
N GLU B 116 1.26 31.27 -9.94
CA GLU B 116 2.44 32.08 -10.30
C GLU B 116 2.51 33.38 -9.46
N GLU B 117 1.38 34.04 -9.28
CA GLU B 117 1.31 35.29 -8.52
C GLU B 117 1.77 35.09 -7.08
N SER B 118 1.32 33.99 -6.46
CA SER B 118 1.69 33.69 -5.07
C SER B 118 3.21 33.47 -4.89
N ALA B 119 3.81 32.81 -5.86
CA ALA B 119 5.26 32.60 -5.90
C ALA B 119 6.02 33.91 -6.12
N ARG B 120 5.52 34.71 -7.07
CA ARG B 120 6.04 36.09 -7.35
C ARG B 120 6.06 36.88 -6.05
N ILE B 121 4.93 36.92 -5.35
CA ILE B 121 4.84 37.70 -4.12
C ILE B 121 5.80 37.17 -3.05
N ALA B 122 5.84 35.85 -2.84
CA ALA B 122 6.78 35.27 -1.90
C ALA B 122 8.22 35.61 -2.25
N ALA B 123 8.53 35.60 -3.54
CA ALA B 123 9.88 35.94 -4.01
C ALA B 123 10.19 37.42 -3.73
N ILE B 124 9.23 38.30 -4.01
CA ILE B 124 9.37 39.74 -3.72
C ILE B 124 9.70 39.95 -2.23
N GLU B 125 8.95 39.27 -1.35
CA GLU B 125 9.16 39.39 0.10
C GLU B 125 10.47 38.78 0.61
N ALA B 126 10.79 37.58 0.16
CA ALA B 126 11.99 36.87 0.58
C ALA B 126 13.25 37.57 0.05
N SER B 127 13.23 37.99 -1.22
CA SER B 127 14.35 38.74 -1.84
C SER B 127 14.60 40.07 -1.14
N ALA B 128 13.51 40.76 -0.78
CA ALA B 128 13.57 41.96 0.05
C ALA B 128 14.32 41.73 1.36
N ASP B 129 14.24 40.52 1.90
CA ASP B 129 14.87 40.19 3.17
C ASP B 129 16.19 39.39 3.09
N GLY B 130 16.85 39.38 1.93
CA GLY B 130 18.16 38.74 1.81
C GLY B 130 18.20 37.39 1.13
N ILE B 131 17.05 36.74 0.99
CA ILE B 131 16.99 35.40 0.42
C ILE B 131 17.11 35.41 -1.11
N SER B 132 18.07 34.62 -1.60
CA SER B 132 18.33 34.40 -3.03
C SER B 132 17.88 33.05 -3.55
N TRP B 133 17.45 32.15 -2.65
CA TRP B 133 17.19 30.75 -3.01
C TRP B 133 16.06 30.17 -2.16
N THR B 134 15.04 29.62 -2.80
CA THR B 134 13.99 28.91 -2.05
C THR B 134 13.94 27.43 -2.36
N PHE B 135 13.72 26.63 -1.32
CA PHE B 135 13.58 25.18 -1.45
C PHE B 135 12.12 24.84 -1.79
N SER B 136 11.73 25.23 -2.99
CA SER B 136 10.36 25.15 -3.52
C SER B 136 10.47 25.19 -5.06
N PRO B 137 9.61 24.51 -5.82
CA PRO B 137 8.41 23.82 -5.34
C PRO B 137 8.60 22.35 -4.97
N MET B 138 7.75 21.90 -4.06
CA MET B 138 7.63 20.49 -3.77
C MET B 138 6.59 19.93 -4.73
N VAL B 139 6.97 18.92 -5.51
CA VAL B 139 6.14 18.43 -6.62
C VAL B 139 5.93 16.92 -6.57
N ASP B 140 6.14 16.34 -5.40
CA ASP B 140 6.06 14.88 -5.24
C ASP B 140 4.61 14.42 -5.41
N ILE B 141 4.40 13.47 -6.31
CA ILE B 141 3.06 12.87 -6.50
C ILE B 141 2.82 12.01 -5.27
N SER B 142 1.63 12.12 -4.67
CA SER B 142 1.26 11.11 -3.66
C SER B 142 -0.18 10.71 -3.85
N ARG B 143 -0.32 9.43 -3.64
CA ARG B 143 -1.58 8.75 -3.66
C ARG B 143 -1.91 8.27 -2.28
N ASP B 144 -1.18 8.75 -1.27
CA ASP B 144 -1.28 8.19 0.07
C ASP B 144 -1.50 9.29 1.11
N PRO B 145 -2.78 9.53 1.47
CA PRO B 145 -3.09 10.64 2.35
C PRO B 145 -2.62 10.48 3.81
N ARG B 146 -2.06 9.33 4.16
CA ARG B 146 -1.46 9.16 5.48
C ARG B 146 -0.22 10.03 5.61
N TRP B 147 0.44 10.31 4.49
CA TRP B 147 1.69 11.08 4.50
C TRP B 147 1.44 12.56 4.74
N GLY B 148 2.06 13.09 5.79
CA GLY B 148 1.87 14.48 6.14
C GLY B 148 2.33 15.46 5.10
N ARG B 149 3.27 15.07 4.26
CA ARG B 149 3.80 16.00 3.28
C ARG B 149 2.92 16.15 2.05
N VAL B 150 1.77 15.47 1.98
CA VAL B 150 0.80 15.82 0.93
C VAL B 150 0.40 17.30 0.99
N SER B 151 0.41 17.88 2.20
CA SER B 151 0.17 19.31 2.37
C SER B 151 1.13 20.22 1.56
N GLU B 152 2.32 19.70 1.28
N GLU B 152 2.32 19.73 1.30
CA GLU B 152 3.42 20.43 0.64
CA GLU B 152 3.37 20.50 0.61
C GLU B 152 3.35 20.38 -0.88
C GLU B 152 3.32 20.42 -0.91
N GLY B 153 2.55 19.47 -1.43
CA GLY B 153 2.43 19.25 -2.88
C GLY B 153 1.14 19.72 -3.51
N SER B 154 0.88 19.18 -4.69
CA SER B 154 -0.28 19.59 -5.49
C SER B 154 -1.19 18.43 -5.85
N GLY B 155 -1.11 17.37 -5.06
CA GLY B 155 -2.04 16.26 -5.16
C GLY B 155 -1.49 15.07 -5.94
N GLU B 156 -2.43 14.26 -6.44
CA GLU B 156 -2.10 12.96 -7.00
C GLU B 156 -1.82 12.95 -8.50
N ASP B 157 -2.10 14.04 -9.21
CA ASP B 157 -2.06 14.03 -10.66
C ASP B 157 -0.82 14.67 -11.29
N PRO B 158 -0.14 13.95 -12.19
CA PRO B 158 1.09 14.52 -12.81
C PRO B 158 0.89 15.66 -13.82
N PHE B 159 -0.20 15.64 -14.58
CA PHE B 159 -0.47 16.72 -15.52
C PHE B 159 -0.65 18.04 -14.79
N LEU B 160 -1.56 18.05 -13.81
CA LEU B 160 -1.78 19.26 -13.00
C LEU B 160 -0.52 19.62 -12.19
N GLY B 161 0.12 18.60 -11.62
CA GLY B 161 1.39 18.78 -10.91
C GLY B 161 2.44 19.45 -11.78
N ALA B 162 2.52 19.03 -13.04
CA ALA B 162 3.47 19.62 -13.98
C ALA B 162 3.15 21.06 -14.25
N MET B 163 1.89 21.38 -14.48
CA MET B 163 1.51 22.75 -14.77
C MET B 163 1.83 23.65 -13.58
N ILE B 164 1.58 23.17 -12.37
CA ILE B 164 1.85 23.94 -11.16
C ILE B 164 3.35 24.12 -10.92
N ALA B 165 4.12 23.08 -11.16
CA ALA B 165 5.58 23.14 -11.08
C ALA B 165 6.13 24.28 -11.94
N GLU B 166 5.64 24.37 -13.18
CA GLU B 166 6.03 25.42 -14.12
C GLU B 166 5.65 26.82 -13.61
N ALA B 167 4.40 26.97 -13.17
CA ALA B 167 3.90 28.22 -12.60
C ALA B 167 4.72 28.72 -11.41
N MET B 168 5.15 27.80 -10.54
CA MET B 168 5.91 28.14 -9.33
C MET B 168 7.34 28.57 -9.69
N VAL B 169 7.97 27.81 -10.60
CA VAL B 169 9.34 28.13 -11.01
C VAL B 169 9.38 29.52 -11.65
N LEU B 170 8.45 29.75 -12.58
CA LEU B 170 8.34 31.03 -13.29
C LEU B 170 8.04 32.17 -12.31
N GLY B 171 7.13 31.93 -11.37
CA GLY B 171 6.79 32.92 -10.34
C GLY B 171 8.01 33.39 -9.56
N TYR B 172 8.83 32.42 -9.10
CA TYR B 172 10.02 32.73 -8.33
C TYR B 172 11.13 33.34 -9.17
N GLN B 173 11.41 32.74 -10.33
CA GLN B 173 12.62 33.01 -11.11
C GLN B 173 12.47 34.07 -12.20
N GLY B 174 11.24 34.19 -12.70
CA GLY B 174 10.97 34.90 -13.94
C GLY B 174 11.73 34.31 -15.11
N LYS B 175 11.88 35.12 -16.14
CA LYS B 175 12.65 34.81 -17.36
C LYS B 175 14.02 34.21 -17.09
N ASP B 176 14.78 34.86 -16.22
CA ASP B 176 16.21 34.57 -16.04
C ASP B 176 16.87 35.04 -14.74
N MET B 177 16.07 35.28 -13.69
CA MET B 177 16.55 35.66 -12.37
C MET B 177 17.39 36.94 -12.30
N GLN B 178 17.31 37.81 -13.29
CA GLN B 178 18.17 38.99 -13.27
C GLN B 178 17.59 40.15 -12.45
N ARG B 179 16.27 40.22 -12.32
CA ARG B 179 15.64 41.20 -11.41
C ARG B 179 16.05 40.93 -9.93
N ASN B 180 16.11 41.98 -9.12
CA ASN B 180 16.43 41.81 -7.68
C ASN B 180 15.26 41.30 -6.81
N ASP B 181 14.09 41.15 -7.42
CA ASP B 181 12.94 40.50 -6.77
C ASP B 181 12.64 39.09 -7.35
N GLU B 182 13.62 38.53 -8.06
CA GLU B 182 13.59 37.14 -8.53
C GLU B 182 14.68 36.33 -7.83
N ILE B 183 14.35 35.09 -7.49
CA ILE B 183 15.23 34.21 -6.72
C ILE B 183 15.30 32.86 -7.40
N MET B 184 16.27 32.04 -6.96
N MET B 184 16.28 32.04 -7.04
CA MET B 184 16.50 30.67 -7.46
CA MET B 184 16.38 30.72 -7.61
C MET B 184 15.52 29.68 -6.83
C MET B 184 15.38 29.83 -6.90
N ALA B 185 14.83 28.90 -7.67
CA ALA B 185 13.91 27.89 -7.18
C ALA B 185 14.66 26.55 -7.08
N CYS B 186 14.01 25.58 -6.45
CA CYS B 186 14.60 24.27 -6.20
C CYS B 186 13.50 23.23 -6.18
N VAL B 187 13.39 22.47 -7.27
CA VAL B 187 12.37 21.42 -7.35
C VAL B 187 12.75 20.26 -6.41
N LYS B 188 11.80 19.84 -5.58
CA LYS B 188 12.05 18.79 -4.60
C LYS B 188 10.82 17.85 -4.58
N HIS B 189 10.93 16.63 -4.08
CA HIS B 189 12.15 15.97 -3.62
C HIS B 189 12.42 14.88 -4.65
N PHE B 190 13.47 15.06 -5.45
CA PHE B 190 13.80 14.12 -6.52
C PHE B 190 14.40 12.83 -5.92
N ALA B 191 13.71 11.67 -5.94
CA ALA B 191 12.44 11.42 -6.62
C ALA B 191 11.64 10.38 -5.84
N LEU B 192 10.33 10.43 -6.02
CA LEU B 192 9.38 9.37 -5.59
C LEU B 192 9.09 9.33 -4.10
N TYR B 193 9.42 10.41 -3.39
CA TYR B 193 9.32 10.52 -1.94
C TYR B 193 7.87 10.38 -1.43
N GLY B 194 6.91 10.70 -2.28
CA GLY B 194 5.49 10.56 -1.95
C GLY B 194 4.96 9.15 -1.88
N ALA B 195 5.76 8.16 -2.30
CA ALA B 195 5.33 6.75 -2.31
C ALA B 195 5.90 5.91 -1.16
N GLY B 196 6.33 6.59 -0.09
CA GLY B 196 6.87 5.94 1.09
C GLY B 196 5.85 4.97 1.67
N GLU B 197 6.34 3.77 2.00
CA GLU B 197 5.45 2.69 2.39
C GLU B 197 4.70 3.02 3.66
N GLY B 198 3.43 2.62 3.70
CA GLY B 198 2.62 2.88 4.87
C GLY B 198 2.23 4.34 5.05
N GLY B 199 2.53 5.18 4.07
CA GLY B 199 2.44 6.62 4.22
C GLY B 199 3.31 7.20 5.34
N ARG B 200 4.33 6.44 5.75
CA ARG B 200 5.14 6.79 6.87
C ARG B 200 6.34 7.58 6.32
N ASP B 201 6.54 8.78 6.82
CA ASP B 201 7.54 9.68 6.24
C ASP B 201 8.92 9.01 6.28
N TYR B 202 9.70 9.20 5.22
CA TYR B 202 11.07 8.69 5.08
C TYR B 202 11.17 7.20 4.75
N ASN B 203 10.05 6.50 4.72
CA ASN B 203 10.08 5.06 4.58
C ASN B 203 10.36 4.66 3.13
N THR B 204 10.71 3.39 3.01
CA THR B 204 11.05 2.73 1.76
C THR B 204 10.06 3.02 0.63
N VAL B 205 10.61 3.34 -0.54
CA VAL B 205 9.86 3.53 -1.77
C VAL B 205 10.33 2.44 -2.74
N ASP B 206 9.37 1.83 -3.44
CA ASP B 206 9.68 0.85 -4.46
C ASP B 206 8.61 0.87 -5.55
N MET B 207 9.06 0.92 -6.80
CA MET B 207 8.16 0.84 -7.95
C MET B 207 8.95 0.48 -9.19
N SER B 208 8.23 0.08 -10.22
CA SER B 208 8.80 -0.20 -11.55
C SER B 208 9.24 1.10 -12.22
N ARG B 209 10.09 0.98 -13.23
CA ARG B 209 10.54 2.14 -14.01
C ARG B 209 9.38 2.72 -14.83
N GLN B 210 8.50 1.83 -15.29
CA GLN B 210 7.35 2.22 -16.06
C GLN B 210 6.43 3.12 -15.21
N ARG B 211 6.17 2.72 -13.98
CA ARG B 211 5.38 3.55 -13.04
C ARG B 211 6.07 4.88 -12.74
N MET B 212 7.38 4.86 -12.50
CA MET B 212 8.11 6.10 -12.29
C MET B 212 7.77 7.11 -13.36
N PHE B 213 8.02 6.75 -14.62
CA PHE B 213 7.89 7.70 -15.70
C PHE B 213 6.46 8.09 -16.07
N ASN B 214 5.55 7.13 -16.05
CA ASN B 214 4.17 7.42 -16.39
C ASN B 214 3.38 8.10 -15.28
N GLU B 215 3.73 7.83 -14.03
CA GLU B 215 2.87 8.21 -12.90
C GLU B 215 3.51 9.16 -11.87
N TYR B 216 4.83 9.23 -11.80
CA TYR B 216 5.52 10.04 -10.79
C TYR B 216 6.48 11.11 -11.26
N MET B 217 7.09 10.97 -12.43
CA MET B 217 8.22 11.82 -12.80
C MET B 217 7.89 13.16 -13.45
N LEU B 218 6.75 13.25 -14.12
CA LEU B 218 6.46 14.43 -14.95
C LEU B 218 6.65 15.79 -14.23
N PRO B 219 6.18 15.93 -12.97
CA PRO B 219 6.32 17.25 -12.35
C PRO B 219 7.76 17.68 -12.12
N TYR B 220 8.66 16.74 -11.83
CA TYR B 220 10.10 17.08 -11.71
C TYR B 220 10.64 17.54 -13.06
N GLU B 221 10.25 16.82 -14.12
CA GLU B 221 10.70 17.11 -15.48
C GLU B 221 10.21 18.46 -15.95
N ALA B 222 8.95 18.77 -15.61
CA ALA B 222 8.34 20.05 -15.95
C ALA B 222 9.13 21.21 -15.30
N ALA B 223 9.51 21.05 -14.04
CA ALA B 223 10.32 22.07 -13.35
C ALA B 223 11.69 22.29 -14.00
N VAL B 224 12.38 21.18 -14.31
CA VAL B 224 13.64 21.22 -15.09
C VAL B 224 13.44 21.96 -16.42
N GLU B 225 12.42 21.56 -17.18
CA GLU B 225 12.14 22.21 -18.46
C GLU B 225 11.67 23.68 -18.36
N ALA B 226 11.14 24.08 -17.20
CA ALA B 226 10.83 25.50 -16.90
C ALA B 226 12.09 26.30 -16.52
N GLY B 227 13.24 25.65 -16.43
CA GLY B 227 14.51 26.31 -16.16
C GLY B 227 14.83 26.46 -14.69
N VAL B 228 14.29 25.57 -13.86
CA VAL B 228 14.58 25.61 -12.43
C VAL B 228 16.09 25.53 -12.20
N GLY B 229 16.60 26.40 -11.34
CA GLY B 229 18.02 26.50 -11.08
C GLY B 229 18.65 25.34 -10.34
N SER B 230 17.87 24.67 -9.50
CA SER B 230 18.39 23.62 -8.63
C SER B 230 17.32 22.55 -8.41
N VAL B 231 17.81 21.41 -7.90
CA VAL B 231 17.02 20.21 -7.60
C VAL B 231 17.46 19.69 -6.24
N MET B 232 16.52 19.28 -5.40
CA MET B 232 16.83 18.67 -4.11
C MET B 232 16.58 17.16 -4.16
N ALA B 233 17.61 16.43 -3.75
CA ALA B 233 17.57 14.98 -3.65
C ALA B 233 16.76 14.52 -2.44
N SER B 234 15.99 13.47 -2.61
CA SER B 234 15.05 13.01 -1.58
C SER B 234 15.66 12.05 -0.56
N PHE B 235 14.95 11.90 0.56
CA PHE B 235 15.37 11.05 1.69
C PHE B 235 15.19 9.55 1.44
N ASN B 236 14.24 9.20 0.57
CA ASN B 236 13.90 7.82 0.32
C ASN B 236 14.92 7.13 -0.57
N GLU B 237 15.06 5.82 -0.37
CA GLU B 237 15.65 4.95 -1.37
C GLU B 237 14.75 4.78 -2.62
N VAL B 238 15.41 4.51 -3.75
CA VAL B 238 14.80 4.13 -5.02
C VAL B 238 15.65 2.99 -5.54
N ASP B 239 15.02 1.86 -5.88
CA ASP B 239 15.74 0.64 -6.32
C ASP B 239 16.84 0.21 -5.34
N GLY B 240 16.55 0.37 -4.04
CA GLY B 240 17.47 0.02 -2.97
C GLY B 240 18.66 0.95 -2.78
N VAL B 241 18.67 2.09 -3.45
CA VAL B 241 19.75 3.08 -3.28
C VAL B 241 19.12 4.39 -2.83
N PRO B 242 19.54 4.91 -1.66
CA PRO B 242 19.12 6.26 -1.24
C PRO B 242 19.25 7.21 -2.43
N ALA B 243 18.26 8.05 -2.67
CA ALA B 243 18.27 8.91 -3.85
C ALA B 243 19.54 9.76 -3.92
N THR B 244 20.07 10.10 -2.75
CA THR B 244 21.26 10.95 -2.65
C THR B 244 22.55 10.26 -3.15
N ALA B 245 22.53 8.93 -3.27
CA ALA B 245 23.59 8.16 -3.95
C ALA B 245 23.16 7.51 -5.28
N ASN B 246 22.01 7.88 -5.81
CA ASN B 246 21.47 7.22 -6.99
C ASN B 246 21.88 7.98 -8.25
N LYS B 247 22.97 7.51 -8.86
CA LYS B 247 23.51 8.08 -10.11
C LYS B 247 22.56 7.98 -11.29
N TRP B 248 21.77 6.90 -11.34
CA TRP B 248 20.77 6.74 -12.37
C TRP B 248 19.82 7.93 -12.32
N LEU B 249 19.42 8.34 -11.12
CA LEU B 249 18.50 9.48 -10.98
C LEU B 249 19.20 10.81 -11.24
N MET B 250 20.25 11.04 -10.47
CA MET B 250 20.88 12.37 -10.38
C MET B 250 21.74 12.73 -11.59
N THR B 251 22.25 11.72 -12.29
CA THR B 251 22.94 11.92 -13.59
C THR B 251 22.14 11.43 -14.82
N ASP B 252 21.87 10.12 -14.90
CA ASP B 252 21.28 9.56 -16.13
C ASP B 252 19.91 10.15 -16.47
N VAL B 253 19.02 10.28 -15.49
CA VAL B 253 17.71 10.87 -15.76
C VAL B 253 17.77 12.38 -15.82
N LEU B 254 18.21 12.99 -14.72
CA LEU B 254 18.16 14.44 -14.56
C LEU B 254 18.93 15.19 -15.67
N ARG B 255 20.19 14.80 -15.86
CA ARG B 255 21.03 15.40 -16.92
C ARG B 255 20.90 14.67 -18.27
N GLY B 256 21.10 13.37 -18.26
CA GLY B 256 21.14 12.60 -19.51
C GLY B 256 19.86 12.63 -20.33
N GLN B 257 18.71 12.47 -19.67
CA GLN B 257 17.44 12.48 -20.36
C GLN B 257 16.81 13.86 -20.44
N TRP B 258 16.91 14.65 -19.37
CA TRP B 258 16.16 15.92 -19.33
C TRP B 258 17.00 17.17 -19.60
N GLY B 259 18.31 17.01 -19.60
CA GLY B 259 19.22 18.10 -19.95
C GLY B 259 19.36 19.17 -18.88
N PHE B 260 19.07 18.82 -17.63
CA PHE B 260 19.24 19.74 -16.50
C PHE B 260 20.63 20.36 -16.48
N ASN B 261 20.70 21.68 -16.40
CA ASN B 261 22.01 22.36 -16.41
C ASN B 261 22.38 22.99 -15.07
N GLY B 262 21.55 22.81 -14.05
CA GLY B 262 21.77 23.42 -12.74
C GLY B 262 22.51 22.51 -11.80
N PHE B 263 22.27 22.69 -10.51
CA PHE B 263 22.90 21.85 -9.49
C PHE B 263 21.88 21.16 -8.59
N VAL B 264 22.37 20.11 -7.95
CA VAL B 264 21.63 19.24 -7.04
C VAL B 264 22.13 19.47 -5.63
N VAL B 265 21.19 19.77 -4.74
CA VAL B 265 21.43 19.87 -3.32
C VAL B 265 20.80 18.67 -2.61
N THR B 266 21.38 18.27 -1.49
CA THR B 266 20.77 17.23 -0.67
C THR B 266 19.61 17.85 0.10
N ASP B 267 18.78 16.99 0.67
CA ASP B 267 17.89 17.40 1.73
C ASP B 267 18.69 17.41 3.06
N TYR B 268 18.02 17.73 4.15
CA TYR B 268 18.65 17.94 5.46
C TYR B 268 19.38 16.69 6.02
N THR B 269 20.71 16.79 6.09
CA THR B 269 21.62 15.66 6.41
C THR B 269 21.38 14.39 5.59
N GLY B 270 20.93 14.57 4.35
CA GLY B 270 20.71 13.47 3.41
C GLY B 270 21.90 12.56 3.25
N ILE B 271 23.12 13.11 3.26
CA ILE B 271 24.32 12.29 3.07
C ILE B 271 24.62 11.39 4.25
N SER B 272 24.74 11.95 5.45
CA SER B 272 25.04 11.14 6.64
C SER B 272 23.92 10.16 6.99
N GLU B 273 22.68 10.50 6.65
CA GLU B 273 21.58 9.55 6.82
C GLU B 273 21.70 8.30 5.94
N MET B 274 22.50 8.35 4.86
CA MET B 274 22.80 7.14 4.09
C MET B 274 23.59 6.09 4.87
N ILE B 275 24.25 6.52 5.94
CA ILE B 275 24.91 5.61 6.87
C ILE B 275 23.82 4.76 7.53
N ASP B 276 22.79 5.41 8.06
CA ASP B 276 21.67 4.72 8.68
C ASP B 276 20.90 3.87 7.67
N HIS B 277 20.70 4.39 6.46
CA HIS B 277 20.12 3.60 5.36
C HIS B 277 20.83 2.24 5.22
N GLY B 278 22.14 2.25 5.44
CA GLY B 278 22.94 1.03 5.53
C GLY B 278 23.79 0.75 4.30
N ILE B 279 24.26 1.81 3.61
CA ILE B 279 25.11 1.63 2.42
C ILE B 279 26.57 2.05 2.61
N GLY B 280 26.97 2.29 3.84
CA GLY B 280 28.38 2.58 4.13
C GLY B 280 28.64 3.68 5.14
N ASP B 281 29.93 3.93 5.33
CA ASP B 281 30.41 4.97 6.22
C ASP B 281 30.38 6.33 5.54
N LEU B 282 30.66 7.39 6.31
CA LEU B 282 30.49 8.77 5.84
C LEU B 282 31.33 9.05 4.59
N GLN B 283 32.60 8.65 4.60
CA GLN B 283 33.42 8.80 3.40
C GLN B 283 32.81 8.09 2.19
N THR B 284 32.39 6.84 2.38
CA THR B 284 31.90 6.02 1.27
C THR B 284 30.64 6.61 0.61
N VAL B 285 29.69 7.02 1.42
CA VAL B 285 28.44 7.57 0.88
C VAL B 285 28.60 9.02 0.38
N SER B 286 29.51 9.78 1.00
CA SER B 286 29.84 11.12 0.51
C SER B 286 30.46 11.03 -0.91
N ALA B 287 31.43 10.13 -1.07
CA ALA B 287 31.99 9.84 -2.39
C ALA B 287 30.94 9.38 -3.40
N ARG B 288 30.07 8.46 -2.96
CA ARG B 288 29.03 7.96 -3.84
C ARG B 288 28.06 9.07 -4.24
N ALA B 289 27.74 9.96 -3.31
CA ALA B 289 26.84 11.08 -3.61
C ALA B 289 27.40 12.05 -4.64
N ILE B 290 28.65 12.50 -4.47
CA ILE B 290 29.22 13.41 -5.48
C ILE B 290 29.38 12.72 -6.85
N ASN B 291 29.80 11.45 -6.84
CA ASN B 291 29.88 10.60 -8.03
C ASN B 291 28.53 10.36 -8.72
N ALA B 292 27.45 10.34 -7.94
CA ALA B 292 26.08 10.24 -8.47
C ALA B 292 25.57 11.50 -9.18
N GLY B 293 26.16 12.65 -8.87
CA GLY B 293 25.70 13.94 -9.38
C GLY B 293 25.14 14.90 -8.33
N VAL B 294 25.39 14.64 -7.05
CA VAL B 294 25.03 15.55 -5.97
C VAL B 294 26.12 16.61 -5.84
N ASP B 295 25.72 17.88 -5.83
CA ASP B 295 26.66 19.00 -5.87
C ASP B 295 26.80 19.77 -4.58
N MET B 296 25.80 19.72 -3.71
CA MET B 296 25.84 20.51 -2.48
C MET B 296 25.24 19.76 -1.33
N ASP B 297 25.93 19.85 -0.21
CA ASP B 297 25.74 19.00 0.95
C ASP B 297 25.10 19.81 2.07
N MET B 298 23.80 19.58 2.30
CA MET B 298 23.06 20.25 3.37
C MET B 298 23.33 19.64 4.75
N VAL B 299 24.10 20.38 5.56
CA VAL B 299 24.35 20.09 7.00
C VAL B 299 25.30 18.94 7.33
N SER B 300 25.33 17.85 6.56
CA SER B 300 26.05 16.65 7.00
C SER B 300 27.57 16.83 7.18
N GLU B 301 28.17 17.79 6.46
CA GLU B 301 29.63 17.99 6.44
C GLU B 301 30.40 16.77 5.92
N GLY B 302 29.71 15.95 5.11
CA GLY B 302 30.32 14.81 4.43
C GLY B 302 31.28 15.23 3.35
N PHE B 303 30.87 16.18 2.49
CA PHE B 303 31.76 16.61 1.41
C PHE B 303 32.99 17.30 2.01
N VAL B 304 32.77 18.23 2.94
CA VAL B 304 33.88 19.00 3.53
C VAL B 304 34.89 18.16 4.30
N SER B 305 34.40 17.18 5.06
CA SER B 305 35.24 16.40 5.96
C SER B 305 35.88 15.14 5.35
N THR B 306 35.46 14.76 4.14
CA THR B 306 35.96 13.51 3.52
C THR B 306 36.42 13.59 2.06
N LEU B 307 36.06 14.64 1.32
CA LEU B 307 36.35 14.65 -0.12
C LEU B 307 37.84 14.72 -0.45
N LYS B 308 38.63 15.44 0.33
CA LYS B 308 40.07 15.49 0.05
C LYS B 308 40.69 14.10 0.16
N LYS B 309 40.42 13.43 1.27
CA LYS B 309 40.83 12.05 1.48
C LYS B 309 40.40 11.12 0.33
N SER B 310 39.17 11.27 -0.17
CA SER B 310 38.69 10.43 -1.28
C SER B 310 39.35 10.75 -2.62
N ILE B 311 39.71 12.03 -2.81
CA ILE B 311 40.44 12.44 -4.01
C ILE B 311 41.84 11.82 -3.98
N GLN B 312 42.47 11.80 -2.80
CA GLN B 312 43.79 11.18 -2.62
C GLN B 312 43.81 9.67 -2.87
N GLU B 313 42.71 8.98 -2.54
CA GLU B 313 42.58 7.53 -2.72
C GLU B 313 42.04 7.07 -4.09
N GLY B 314 41.72 8.02 -4.98
CA GLY B 314 41.18 7.70 -6.32
C GLY B 314 39.70 7.38 -6.37
N LYS B 315 39.01 7.60 -5.26
CA LYS B 315 37.57 7.27 -5.16
C LYS B 315 36.69 8.33 -5.80
N VAL B 316 37.19 9.57 -5.86
CA VAL B 316 36.55 10.69 -6.53
C VAL B 316 37.63 11.42 -7.33
N SER B 317 37.35 11.70 -8.59
CA SER B 317 38.31 12.39 -9.45
C SER B 317 38.21 13.90 -9.31
N MET B 318 39.29 14.58 -9.66
CA MET B 318 39.28 16.04 -9.74
C MET B 318 38.24 16.56 -10.75
N GLU B 319 38.03 15.81 -11.82
CA GLU B 319 37.00 16.09 -12.82
C GLU B 319 35.62 16.24 -12.16
N THR B 320 35.30 15.27 -11.30
CA THR B 320 34.01 15.23 -10.58
C THR B 320 33.85 16.42 -9.65
N LEU B 321 34.91 16.69 -8.88
CA LEU B 321 34.92 17.83 -7.95
C LEU B 321 34.77 19.14 -8.72
N ASN B 322 35.56 19.30 -9.79
CA ASN B 322 35.49 20.51 -10.59
C ASN B 322 34.10 20.73 -11.17
N THR B 323 33.47 19.65 -11.64
CA THR B 323 32.12 19.74 -12.16
C THR B 323 31.12 20.26 -11.12
N ALA B 324 31.17 19.71 -9.91
CA ALA B 324 30.26 20.11 -8.81
C ALA B 324 30.45 21.57 -8.42
N CYS B 325 31.71 21.95 -8.23
CA CYS B 325 32.10 23.34 -7.93
C CYS B 325 31.62 24.31 -9.00
N ARG B 326 31.92 24.00 -10.26
CA ARG B 326 31.48 24.81 -11.40
C ARG B 326 29.98 25.05 -11.37
N ARG B 327 29.21 24.00 -11.08
CA ARG B 327 27.75 24.13 -11.04
C ARG B 327 27.29 25.15 -9.98
N ILE B 328 27.88 25.07 -8.79
CA ILE B 328 27.60 26.04 -7.70
C ILE B 328 27.93 27.46 -8.17
N LEU B 329 29.11 27.64 -8.76
CA LEU B 329 29.52 28.96 -9.25
C LEU B 329 28.67 29.49 -10.40
N GLU B 330 28.24 28.60 -11.28
CA GLU B 330 27.29 29.01 -12.32
C GLU B 330 25.97 29.54 -11.72
N ALA B 331 25.47 28.88 -10.68
CA ALA B 331 24.23 29.32 -10.03
C ALA B 331 24.37 30.72 -9.43
N LYS B 332 25.48 30.94 -8.74
CA LYS B 332 25.81 32.26 -8.18
C LYS B 332 25.94 33.32 -9.27
N TYR B 333 26.64 32.98 -10.36
CA TYR B 333 26.76 33.89 -11.51
C TYR B 333 25.41 34.24 -12.17
N LYS B 334 24.56 33.24 -12.38
CA LYS B 334 23.24 33.45 -13.02
C LYS B 334 22.28 34.29 -12.19
N LEU B 335 22.44 34.22 -10.86
CA LEU B 335 21.72 35.08 -9.91
C LEU B 335 22.25 36.52 -9.86
N GLY B 336 23.31 36.81 -10.61
CA GLY B 336 23.98 38.11 -10.55
C GLY B 336 24.81 38.39 -9.30
N LEU B 337 25.16 37.36 -8.53
CA LEU B 337 25.93 37.54 -7.29
C LEU B 337 27.40 37.95 -7.46
N PHE B 338 27.99 37.70 -8.63
CA PHE B 338 29.36 38.17 -8.92
C PHE B 338 29.35 39.62 -9.41
N ASP B 339 28.30 40.03 -10.12
CA ASP B 339 28.06 41.44 -10.44
C ASP B 339 27.86 42.25 -9.16
N ASN B 340 27.06 41.70 -8.24
CA ASN B 340 26.81 42.33 -6.95
C ASN B 340 26.42 41.30 -5.89
N PRO B 341 27.34 40.99 -4.96
CA PRO B 341 27.06 40.12 -3.82
C PRO B 341 25.85 40.54 -2.97
N TYR B 342 25.54 41.84 -2.95
CA TYR B 342 24.44 42.42 -2.15
C TYR B 342 23.21 42.76 -2.96
N LYS B 343 23.03 42.07 -4.07
CA LYS B 343 21.86 42.20 -4.92
C LYS B 343 20.56 42.18 -4.12
N TYR B 344 20.51 41.30 -3.13
CA TYR B 344 19.30 41.05 -2.33
C TYR B 344 19.43 41.63 -0.92
N CYS B 345 20.39 42.53 -0.70
CA CYS B 345 20.58 43.19 0.60
C CYS B 345 20.40 44.70 0.56
N ASP B 346 19.19 45.11 0.20
CA ASP B 346 18.77 46.49 0.30
C ASP B 346 18.02 46.64 1.62
N LEU B 347 18.65 47.30 2.59
CA LEU B 347 18.03 47.51 3.91
C LEU B 347 16.69 48.27 3.89
N LYS B 348 16.41 49.03 2.83
CA LYS B 348 15.14 49.75 2.69
C LYS B 348 13.99 48.88 2.14
N ARG B 349 14.28 47.64 1.73
CA ARG B 349 13.25 46.84 1.06
C ARG B 349 12.22 46.18 1.95
N PRO B 350 12.63 45.62 3.11
CA PRO B 350 11.64 45.01 4.00
C PRO B 350 10.40 45.85 4.31
N ALA B 351 10.61 47.11 4.66
CA ALA B 351 9.50 48.05 4.93
C ALA B 351 8.55 48.26 3.74
N ARG B 352 9.11 48.25 2.54
CA ARG B 352 8.35 48.48 1.32
C ARG B 352 7.66 47.22 0.80
N ASP B 353 8.30 46.07 1.01
CA ASP B 353 7.93 44.84 0.29
C ASP B 353 7.31 43.72 1.13
N ILE B 354 7.49 43.73 2.45
CA ILE B 354 7.10 42.57 3.26
C ILE B 354 5.84 42.84 4.08
N PHE B 355 4.87 41.94 3.91
CA PHE B 355 3.63 41.95 4.71
C PHE B 355 2.80 43.22 4.46
N THR B 356 2.74 43.62 3.20
CA THR B 356 2.01 44.81 2.77
C THR B 356 0.53 44.48 2.60
N LYS B 357 -0.30 45.51 2.70
CA LYS B 357 -1.73 45.33 2.46
C LYS B 357 -1.99 44.70 1.09
N ALA B 358 -1.28 45.18 0.07
CA ALA B 358 -1.45 44.69 -1.30
C ALA B 358 -1.22 43.18 -1.35
N HIS B 359 -0.16 42.72 -0.70
CA HIS B 359 0.20 41.30 -0.67
C HIS B 359 -0.82 40.48 0.09
N ARG B 360 -1.24 41.02 1.23
CA ARG B 360 -2.21 40.35 2.10
C ARG B 360 -3.60 40.26 1.47
N ASP B 361 -4.00 41.31 0.76
CA ASP B 361 -5.23 41.25 -0.03
C ASP B 361 -5.17 40.17 -1.12
N ALA B 362 -4.02 40.04 -1.77
CA ALA B 362 -3.83 39.00 -2.80
C ALA B 362 -3.94 37.61 -2.15
N ALA B 363 -3.32 37.46 -0.99
CA ALA B 363 -3.40 36.20 -0.22
C ALA B 363 -4.84 35.87 0.18
N ARG B 364 -5.60 36.88 0.60
CA ARG B 364 -7.01 36.66 0.95
C ARG B 364 -7.86 36.20 -0.25
N ARG B 365 -7.65 36.84 -1.39
CA ARG B 365 -8.30 36.46 -2.65
C ARG B 365 -7.97 35.01 -3.02
N ILE B 366 -6.69 34.66 -2.95
CA ILE B 366 -6.24 33.34 -3.36
C ILE B 366 -6.73 32.27 -2.39
N ALA B 367 -6.72 32.58 -1.09
CA ALA B 367 -7.25 31.69 -0.07
C ALA B 367 -8.72 31.36 -0.33
N ALA B 368 -9.57 32.36 -0.56
CA ALA B 368 -10.99 32.07 -0.83
C ALA B 368 -11.20 31.20 -2.09
N GLU B 369 -10.30 31.38 -3.07
CA GLU B 369 -10.34 30.67 -4.34
C GLU B 369 -9.92 29.20 -4.14
N SER B 370 -9.16 28.93 -3.08
CA SER B 370 -8.65 27.59 -2.81
C SER B 370 -9.63 26.65 -2.14
N PHE B 371 -10.64 27.21 -1.48
CA PHE B 371 -11.52 26.39 -0.65
C PHE B 371 -12.37 25.52 -1.55
N VAL B 372 -12.71 24.33 -1.04
CA VAL B 372 -13.48 23.36 -1.78
C VAL B 372 -14.78 23.12 -1.03
N LEU B 373 -15.89 23.46 -1.68
CA LEU B 373 -17.20 23.22 -1.12
C LEU B 373 -17.53 21.75 -1.38
N LEU B 374 -17.51 20.95 -0.33
CA LEU B 374 -17.71 19.49 -0.43
C LEU B 374 -19.18 19.10 -0.36
N LYS B 375 -19.99 19.91 0.32
CA LYS B 375 -21.41 19.62 0.53
C LYS B 375 -22.15 20.90 0.92
N ASN B 376 -23.39 21.04 0.46
CA ASN B 376 -24.21 22.20 0.79
C ASN B 376 -25.67 21.84 0.50
N ASP B 377 -26.18 20.90 1.29
CA ASP B 377 -27.53 20.38 1.08
C ASP B 377 -28.58 21.39 1.51
N ASN B 378 -29.75 21.25 0.92
CA ASN B 378 -30.92 22.01 1.34
C ASN B 378 -31.35 21.54 2.73
N VAL B 379 -31.62 22.50 3.60
CA VAL B 379 -31.98 22.31 4.98
C VAL B 379 -33.28 23.06 5.20
N THR B 380 -34.13 22.53 6.07
CA THR B 380 -35.32 23.22 6.50
C THR B 380 -34.89 24.24 7.55
N LEU B 381 -34.94 25.51 7.18
CA LEU B 381 -34.49 26.60 8.03
C LEU B 381 -35.65 27.24 8.78
N ARG B 382 -36.61 27.77 8.02
CA ARG B 382 -37.81 28.40 8.57
C ARG B 382 -39.01 27.47 8.34
N PRO B 383 -39.85 27.22 9.38
CA PRO B 383 -40.99 26.31 9.20
C PRO B 383 -41.81 26.53 7.94
N GLY B 384 -42.14 25.45 7.23
CA GLY B 384 -43.05 25.51 6.09
C GLY B 384 -42.46 25.88 4.74
N THR B 385 -41.26 26.46 4.74
CA THR B 385 -40.60 26.93 3.52
C THR B 385 -39.87 25.83 2.79
N PRO B 386 -39.63 26.03 1.47
CA PRO B 386 -38.81 25.01 0.81
C PRO B 386 -37.41 24.98 1.39
N ALA B 387 -36.84 23.79 1.46
CA ALA B 387 -35.51 23.63 2.00
C ALA B 387 -34.53 24.42 1.14
N GLU B 388 -33.53 25.04 1.77
CA GLU B 388 -32.53 25.83 1.07
C GLU B 388 -31.17 25.58 1.73
N PRO B 389 -30.06 25.85 1.00
CA PRO B 389 -28.75 25.60 1.61
C PRO B 389 -28.38 26.58 2.72
N LEU B 390 -27.49 26.16 3.61
CA LEU B 390 -26.97 27.04 4.66
C LEU B 390 -25.99 28.07 4.14
N LEU B 391 -25.26 27.73 3.08
CA LEU B 391 -24.24 28.61 2.51
C LEU B 391 -24.66 29.12 1.14
N PRO B 392 -24.41 30.40 0.84
CA PRO B 392 -23.91 31.38 1.79
C PRO B 392 -25.04 31.94 2.66
N PHE B 393 -24.66 32.63 3.72
CA PHE B 393 -25.64 33.32 4.56
C PHE B 393 -25.24 34.77 4.81
N ASN B 394 -26.25 35.61 5.05
CA ASN B 394 -26.02 37.00 5.43
C ASN B 394 -25.60 37.12 6.89
N PRO B 395 -24.52 37.89 7.16
CA PRO B 395 -24.06 38.06 8.54
C PRO B 395 -25.01 38.92 9.40
N LYS B 396 -25.88 38.23 10.12
CA LYS B 396 -26.79 38.85 11.09
C LYS B 396 -27.07 37.89 12.26
N GLY B 397 -27.76 38.40 13.27
CA GLY B 397 -28.12 37.63 14.47
C GLY B 397 -26.91 37.18 15.29
N ASN B 398 -27.02 35.97 15.82
CA ASN B 398 -26.01 35.38 16.68
C ASN B 398 -25.35 34.21 15.96
N ILE B 399 -24.06 34.35 15.64
CA ILE B 399 -23.31 33.33 14.89
C ILE B 399 -22.36 32.68 15.87
N ALA B 400 -22.63 31.41 16.19
CA ALA B 400 -21.72 30.61 17.02
C ALA B 400 -20.54 30.15 16.19
N VAL B 401 -19.34 30.32 16.72
CA VAL B 401 -18.13 29.80 16.10
C VAL B 401 -17.50 28.92 17.17
N ILE B 402 -17.50 27.61 16.93
CA ILE B 402 -17.19 26.62 17.97
C ILE B 402 -16.16 25.62 17.48
N GLY B 403 -15.20 25.27 18.33
CA GLY B 403 -14.20 24.24 18.02
C GLY B 403 -12.78 24.67 18.30
N PRO B 404 -11.86 23.70 18.41
CA PRO B 404 -10.46 24.00 18.70
C PRO B 404 -9.73 24.76 17.60
N LEU B 405 -10.28 24.83 16.38
CA LEU B 405 -9.73 25.70 15.31
C LEU B 405 -10.45 27.03 15.17
N ALA B 406 -11.39 27.34 16.08
CA ALA B 406 -12.19 28.58 15.98
C ALA B 406 -11.41 29.80 16.42
N ASP B 407 -10.60 29.68 17.48
CA ASP B 407 -9.86 30.81 18.03
C ASP B 407 -8.40 30.47 18.22
N SER B 408 -7.76 30.03 17.13
CA SER B 408 -6.30 29.87 17.10
C SER B 408 -5.71 30.71 15.99
N ARG B 409 -4.87 31.67 16.36
CA ARG B 409 -4.11 32.44 15.39
C ARG B 409 -3.05 31.57 14.71
N THR B 410 -2.28 30.89 15.55
CA THR B 410 -1.04 30.23 15.14
C THR B 410 -1.27 29.04 14.19
N ASN B 411 -2.43 28.40 14.30
CA ASN B 411 -2.79 27.31 13.37
C ASN B 411 -3.39 27.74 12.02
N MET B 412 -3.61 29.03 11.80
CA MET B 412 -4.19 29.49 10.52
C MET B 412 -3.29 29.38 9.29
N PRO B 413 -1.99 29.75 9.39
CA PRO B 413 -1.20 29.79 8.14
C PRO B 413 -0.87 28.46 7.54
N GLY B 414 -0.78 27.44 8.40
CA GLY B 414 -0.46 26.10 8.01
C GLY B 414 0.97 25.75 8.36
N THR B 415 1.30 24.49 8.20
CA THR B 415 2.70 24.07 8.31
C THR B 415 3.50 24.68 7.17
N TRP B 416 4.82 24.51 7.20
N TRP B 416 4.83 24.54 7.31
CA TRP B 416 5.70 25.11 6.17
CA TRP B 416 5.81 25.14 6.40
C TRP B 416 5.58 26.66 6.15
C TRP B 416 5.59 26.62 6.18
N SER B 417 5.57 27.31 7.31
CA SER B 417 5.44 28.79 7.38
C SER B 417 6.56 29.34 8.26
N VAL B 418 7.80 28.94 7.99
CA VAL B 418 8.89 29.18 8.94
C VAL B 418 9.28 30.65 9.14
N ALA B 419 8.98 31.51 8.17
CA ALA B 419 9.23 32.96 8.25
C ALA B 419 8.00 33.76 8.70
N ALA B 420 6.87 33.08 8.89
CA ALA B 420 5.63 33.75 9.27
C ALA B 420 5.68 34.25 10.72
N VAL B 421 4.95 35.31 11.01
CA VAL B 421 4.67 35.71 12.38
C VAL B 421 3.33 35.08 12.72
N LEU B 422 3.38 33.93 13.38
CA LEU B 422 2.21 33.07 13.55
C LEU B 422 1.11 33.71 14.37
N ASP B 423 1.50 34.35 15.48
CA ASP B 423 0.54 34.96 16.41
C ASP B 423 0.04 36.34 15.98
N ARG B 424 0.42 36.76 14.77
CA ARG B 424 -0.13 37.92 14.10
C ARG B 424 -1.31 37.60 13.18
N CYS B 425 -1.49 36.34 12.79
CA CYS B 425 -2.61 35.98 11.90
C CYS B 425 -3.91 36.04 12.69
N PRO B 426 -4.97 36.63 12.13
CA PRO B 426 -6.22 36.67 12.88
C PRO B 426 -6.79 35.27 13.05
N SER B 427 -7.33 34.96 14.22
CA SER B 427 -8.08 33.70 14.38
C SER B 427 -9.38 33.84 13.61
N LEU B 428 -10.05 32.72 13.41
CA LEU B 428 -11.32 32.72 12.68
C LEU B 428 -12.35 33.61 13.39
N VAL B 429 -12.47 33.45 14.70
CA VAL B 429 -13.36 34.29 15.51
C VAL B 429 -12.97 35.75 15.36
N GLU B 430 -11.68 36.07 15.44
CA GLU B 430 -11.26 37.46 15.30
C GLU B 430 -11.63 38.05 13.94
N GLY B 431 -11.37 37.31 12.88
CA GLY B 431 -11.66 37.79 11.54
C GLY B 431 -13.14 37.95 11.28
N LEU B 432 -13.94 36.98 11.72
CA LEU B 432 -15.38 37.07 11.55
C LEU B 432 -15.99 38.19 12.39
N LYS B 433 -15.43 38.44 13.56
CA LYS B 433 -15.82 39.56 14.43
C LYS B 433 -15.65 40.89 13.69
N GLU B 434 -14.44 41.09 13.16
CA GLU B 434 -14.13 42.26 12.33
C GLU B 434 -15.09 42.42 11.16
N MET B 435 -15.33 41.33 10.42
CA MET B 435 -16.17 41.36 9.23
C MET B 435 -17.66 41.56 9.51
N THR B 436 -18.08 41.27 10.72
CA THR B 436 -19.50 41.37 11.09
C THR B 436 -19.83 42.48 12.09
N ALA B 437 -18.83 43.31 12.42
CA ALA B 437 -18.97 44.33 13.45
C ALA B 437 -20.11 45.27 13.06
N GLY B 438 -21.01 45.46 14.01
CA GLY B 438 -22.25 46.20 13.79
C GLY B 438 -23.39 45.47 13.10
N LYS B 439 -23.14 44.25 12.62
CA LYS B 439 -24.17 43.48 11.88
C LYS B 439 -24.57 42.17 12.58
N ALA B 440 -23.64 41.53 13.27
CA ALA B 440 -23.90 40.26 13.96
C ALA B 440 -23.03 40.12 15.19
N ASN B 441 -23.46 39.24 16.09
CA ASN B 441 -22.67 38.84 17.24
C ASN B 441 -21.99 37.50 16.96
N ILE B 442 -20.68 37.46 17.17
CA ILE B 442 -19.90 36.23 17.08
C ILE B 442 -19.77 35.67 18.50
N LEU B 443 -20.37 34.50 18.72
CA LEU B 443 -20.33 33.82 20.01
C LEU B 443 -19.38 32.64 19.94
N TYR B 444 -18.30 32.71 20.71
CA TYR B 444 -17.25 31.68 20.72
C TYR B 444 -17.40 30.64 21.83
N ALA B 445 -17.07 29.39 21.50
CA ALA B 445 -16.76 28.39 22.51
C ALA B 445 -15.74 27.40 21.98
N LYS B 446 -14.79 27.06 22.81
CA LYS B 446 -13.73 26.15 22.39
C LYS B 446 -14.29 24.79 21.98
N GLY B 447 -15.23 24.26 22.75
CA GLY B 447 -15.96 23.06 22.37
C GLY B 447 -15.30 21.74 22.72
N SER B 448 -14.03 21.60 22.36
CA SER B 448 -13.26 20.40 22.67
C SER B 448 -11.80 20.75 22.58
N ASN B 449 -10.97 19.86 23.12
CA ASN B 449 -9.55 19.84 22.81
C ASN B 449 -9.34 19.41 21.36
N LEU B 450 -8.09 19.38 20.91
CA LEU B 450 -7.77 18.89 19.57
C LEU B 450 -8.13 17.42 19.45
N ILE B 451 -7.75 16.65 20.47
CA ILE B 451 -7.90 15.19 20.49
C ILE B 451 -7.93 14.79 21.95
N SER B 452 -8.47 13.62 22.27
CA SER B 452 -8.56 13.20 23.67
C SER B 452 -7.18 13.09 24.33
N ASP B 453 -6.26 12.44 23.64
CA ASP B 453 -4.95 12.14 24.19
C ASP B 453 -4.08 13.39 24.30
N ALA B 454 -3.72 13.75 25.53
CA ALA B 454 -2.93 14.96 25.82
C ALA B 454 -1.56 15.00 25.14
N SER B 455 -0.85 13.88 25.20
CA SER B 455 0.44 13.72 24.55
C SER B 455 0.37 13.90 23.03
N TYR B 456 -0.67 13.35 22.42
CA TYR B 456 -0.92 13.55 20.99
C TYR B 456 -1.09 15.03 20.73
N GLU B 457 -1.94 15.67 21.52
CA GLU B 457 -2.15 17.10 21.32
C GLU B 457 -0.85 17.89 21.38
N GLU B 458 0.01 17.56 22.34
CA GLU B 458 1.31 18.23 22.45
C GLU B 458 2.16 18.11 21.19
N ARG B 459 2.37 16.89 20.70
CA ARG B 459 3.17 16.73 19.47
C ARG B 459 2.50 17.32 18.22
N ALA B 460 1.17 17.32 18.20
CA ALA B 460 0.37 17.90 17.11
C ALA B 460 0.37 19.41 17.09
N THR B 461 0.78 20.04 18.18
CA THR B 461 0.77 21.50 18.29
C THR B 461 2.16 22.10 18.52
N MET B 462 3.19 21.33 18.13
N MET B 462 3.21 21.34 18.20
CA MET B 462 4.61 21.72 18.19
CA MET B 462 4.58 21.82 18.40
C MET B 462 4.88 22.98 17.36
C MET B 462 4.88 22.94 17.39
N PHE B 463 6.07 23.55 17.54
CA PHE B 463 6.50 24.72 16.75
C PHE B 463 5.57 25.94 16.92
N GLY B 464 5.08 26.16 18.14
CA GLY B 464 4.32 27.37 18.46
C GLY B 464 2.85 27.33 18.09
N ARG B 465 2.30 26.13 17.94
CA ARG B 465 0.88 25.97 17.60
C ARG B 465 -0.03 25.55 18.76
N SER B 466 0.37 25.77 20.01
CA SER B 466 -0.44 25.41 21.18
C SER B 466 -1.85 25.97 21.09
N LEU B 467 -2.82 25.15 21.48
CA LEU B 467 -4.21 25.60 21.64
C LEU B 467 -4.53 25.98 23.09
N ASN B 468 -3.48 26.11 23.91
CA ASN B 468 -3.62 26.36 25.35
C ASN B 468 -4.58 25.41 26.02
N ARG B 469 -4.36 24.13 25.77
CA ARG B 469 -5.02 23.08 26.52
C ARG B 469 -4.83 23.32 28.01
N ASP B 470 -5.91 23.18 28.78
CA ASP B 470 -5.85 23.37 30.24
C ASP B 470 -6.54 22.23 31.00
N ASN B 471 -6.88 22.44 32.27
CA ASN B 471 -7.49 21.39 33.10
C ASN B 471 -8.96 21.12 32.80
N ARG B 472 -9.59 21.95 31.98
CA ARG B 472 -10.97 21.72 31.58
C ARG B 472 -11.09 20.43 30.78
N THR B 473 -12.02 19.58 31.21
CA THR B 473 -12.23 18.27 30.60
C THR B 473 -13.04 18.44 29.34
N ASP B 474 -13.06 17.41 28.52
CA ASP B 474 -13.86 17.48 27.30
C ASP B 474 -15.36 17.62 27.57
N GLU B 475 -15.82 17.06 28.69
CA GLU B 475 -17.23 17.17 29.11
C GLU B 475 -17.60 18.62 29.46
N GLN B 476 -16.72 19.25 30.24
N GLN B 476 -16.72 19.31 30.19
CA GLN B 476 -16.80 20.69 30.56
CA GLN B 476 -16.94 20.71 30.52
C GLN B 476 -16.90 21.54 29.30
C GLN B 476 -16.83 21.66 29.32
N LEU B 477 -15.94 21.34 28.38
CA LEU B 477 -15.87 22.13 27.13
C LEU B 477 -17.10 21.91 26.27
N LEU B 478 -17.58 20.66 26.22
CA LEU B 478 -18.79 20.38 25.45
C LEU B 478 -19.98 21.12 26.02
N ASN B 479 -20.14 21.07 27.34
CA ASN B 479 -21.30 21.68 27.98
C ASN B 479 -21.36 23.19 27.73
N GLU B 480 -20.24 23.87 27.93
CA GLU B 480 -20.09 25.30 27.58
C GLU B 480 -20.48 25.59 26.12
N ALA B 481 -19.96 24.79 25.19
CA ALA B 481 -20.28 24.97 23.78
C ALA B 481 -21.76 24.79 23.46
N LEU B 482 -22.43 23.84 24.11
CA LEU B 482 -23.85 23.63 23.87
C LEU B 482 -24.70 24.80 24.34
N THR B 483 -24.32 25.39 25.47
CA THR B 483 -24.96 26.61 25.98
C THR B 483 -24.85 27.74 24.94
N VAL B 484 -23.65 27.97 24.43
CA VAL B 484 -23.42 28.96 23.39
C VAL B 484 -24.21 28.63 22.13
N ALA B 485 -24.18 27.36 21.74
CA ALA B 485 -24.84 26.93 20.50
C ALA B 485 -26.34 27.15 20.57
N ASN B 486 -26.91 26.95 21.75
CA ASN B 486 -28.35 27.09 21.93
C ASN B 486 -28.79 28.57 21.99
N GLN B 487 -27.85 29.48 22.19
CA GLN B 487 -28.05 30.94 22.02
C GLN B 487 -28.00 31.44 20.57
N SER B 488 -27.58 30.60 19.63
CA SER B 488 -27.22 31.07 18.30
C SER B 488 -28.26 30.76 17.24
N ASP B 489 -28.15 31.46 16.11
CA ASP B 489 -28.99 31.20 14.95
C ASP B 489 -28.34 30.20 13.99
N ILE B 490 -27.02 30.12 14.05
CA ILE B 490 -26.25 29.24 13.19
C ILE B 490 -24.95 28.89 13.90
N ILE B 491 -24.46 27.69 13.64
CA ILE B 491 -23.21 27.18 14.23
C ILE B 491 -22.20 26.95 13.13
N ILE B 492 -21.07 27.65 13.24
CA ILE B 492 -19.88 27.39 12.44
C ILE B 492 -18.98 26.50 13.28
N ALA B 493 -18.89 25.24 12.89
CA ALA B 493 -18.04 24.27 13.56
C ALA B 493 -16.68 24.28 12.87
N ALA B 494 -15.72 24.89 13.56
CA ALA B 494 -14.36 25.03 13.08
C ALA B 494 -13.52 23.89 13.64
N LEU B 495 -13.43 22.81 12.86
CA LEU B 495 -12.86 21.53 13.29
C LEU B 495 -11.85 21.01 12.28
N GLY B 496 -11.03 20.06 12.72
CA GLY B 496 -10.20 19.25 11.84
C GLY B 496 -8.83 19.06 12.44
N GLU B 497 -7.81 19.21 11.60
CA GLU B 497 -6.45 19.07 12.04
C GLU B 497 -5.88 20.38 12.58
N SER B 498 -4.92 20.24 13.50
CA SER B 498 -3.97 21.33 13.78
C SER B 498 -3.00 21.38 12.60
N SER B 499 -2.30 22.49 12.40
CA SER B 499 -1.49 22.62 11.19
C SER B 499 -0.35 21.62 11.19
N GLU B 500 0.16 21.26 12.37
CA GLU B 500 1.29 20.34 12.47
C GLU B 500 0.90 18.86 12.61
N MET B 501 -0.39 18.55 12.43
CA MET B 501 -0.79 17.17 12.15
C MET B 501 -0.48 16.76 10.72
N SER B 502 -0.09 17.72 9.88
CA SER B 502 0.53 17.47 8.58
C SER B 502 1.91 18.13 8.52
N GLY B 503 2.52 18.12 7.35
CA GLY B 503 3.89 18.57 7.16
C GLY B 503 4.87 17.43 7.35
N GLU B 504 6.13 17.77 7.61
CA GLU B 504 7.20 16.79 7.76
C GLU B 504 7.08 15.97 9.05
N SER B 505 7.32 14.66 8.92
CA SER B 505 7.26 13.76 10.06
C SER B 505 5.92 13.84 10.79
N SER B 506 4.84 13.94 10.01
CA SER B 506 3.48 14.07 10.54
C SER B 506 2.55 13.14 9.76
N SER B 507 2.83 11.85 9.93
CA SER B 507 2.03 10.80 9.30
C SER B 507 0.97 10.30 10.26
N ARG B 508 -0.22 10.04 9.72
CA ARG B 508 -1.35 9.52 10.48
C ARG B 508 -1.79 8.16 9.93
N THR B 509 -2.13 7.25 10.84
CA THR B 509 -2.77 5.96 10.52
C THR B 509 -4.29 5.99 10.52
N ASP B 510 -4.86 7.00 11.18
N ASP B 510 -4.94 6.93 11.20
CA ASP B 510 -6.27 7.28 11.13
CA ASP B 510 -6.35 7.17 10.90
C ASP B 510 -6.45 8.64 10.47
C ASP B 510 -6.57 8.61 10.57
N LEU B 511 -7.48 8.81 9.64
CA LEU B 511 -7.68 10.08 8.94
C LEU B 511 -9.03 10.71 9.25
N ASN B 512 -9.57 10.45 10.44
CA ASN B 512 -10.83 11.06 10.86
C ASN B 512 -10.55 12.47 11.39
N ILE B 513 -11.60 13.27 11.41
CA ILE B 513 -11.65 14.37 12.38
C ILE B 513 -11.46 13.74 13.75
N PRO B 514 -10.55 14.27 14.58
CA PRO B 514 -10.24 13.63 15.84
C PRO B 514 -11.43 13.41 16.79
N ASP B 515 -11.32 12.35 17.59
CA ASP B 515 -12.43 11.82 18.42
C ASP B 515 -13.33 12.87 19.10
N VAL B 516 -12.73 13.71 19.94
CA VAL B 516 -13.50 14.65 20.76
C VAL B 516 -14.15 15.73 19.89
N GLN B 517 -13.52 16.06 18.77
CA GLN B 517 -14.09 17.03 17.84
C GLN B 517 -15.28 16.45 17.09
N GLN B 518 -15.17 15.18 16.71
CA GLN B 518 -16.28 14.52 16.04
C GLN B 518 -17.44 14.33 17.01
N ASN B 519 -17.15 14.02 18.27
CA ASN B 519 -18.21 13.97 19.27
C ASN B 519 -18.89 15.33 19.46
N LEU B 520 -18.07 16.38 19.56
CA LEU B 520 -18.59 17.76 19.61
C LEU B 520 -19.51 18.02 18.42
N LEU B 521 -19.05 17.65 17.22
CA LEU B 521 -19.81 17.91 16.02
C LEU B 521 -21.17 17.22 16.12
N LYS B 522 -21.14 15.98 16.59
CA LYS B 522 -22.36 15.21 16.76
C LYS B 522 -23.30 15.92 17.72
N GLU B 523 -22.77 16.40 18.85
CA GLU B 523 -23.63 17.08 19.82
C GLU B 523 -24.18 18.41 19.32
N LEU B 524 -23.38 19.14 18.55
CA LEU B 524 -23.84 20.40 17.95
C LEU B 524 -25.01 20.17 17.00
N LEU B 525 -24.91 19.14 16.17
CA LEU B 525 -26.02 18.72 15.31
C LEU B 525 -27.29 18.42 16.08
N LYS B 526 -27.13 17.80 17.25
CA LYS B 526 -28.27 17.41 18.09
C LYS B 526 -29.01 18.60 18.73
N THR B 527 -28.43 19.79 18.69
CA THR B 527 -29.12 21.01 19.15
C THR B 527 -30.27 21.41 18.24
N GLY B 528 -30.23 20.93 16.99
CA GLY B 528 -31.20 21.31 15.98
C GLY B 528 -30.92 22.63 15.26
N LYS B 529 -29.87 23.34 15.68
CA LYS B 529 -29.42 24.56 15.01
C LYS B 529 -28.71 24.17 13.74
N PRO B 530 -28.80 25.00 12.68
CA PRO B 530 -28.03 24.68 11.48
C PRO B 530 -26.52 24.70 11.75
N VAL B 531 -25.84 23.71 11.19
CA VAL B 531 -24.41 23.51 11.39
C VAL B 531 -23.67 23.49 10.06
N VAL B 532 -22.65 24.34 9.97
CA VAL B 532 -21.75 24.34 8.84
C VAL B 532 -20.41 23.86 9.37
N LEU B 533 -19.85 22.85 8.72
CA LEU B 533 -18.53 22.36 9.06
C LEU B 533 -17.54 23.13 8.20
N VAL B 534 -16.73 23.96 8.88
CA VAL B 534 -15.58 24.62 8.28
C VAL B 534 -14.39 23.75 8.66
N LEU B 535 -13.93 22.96 7.70
CA LEU B 535 -12.91 21.92 7.92
C LEU B 535 -11.50 22.41 7.62
N PHE B 536 -10.66 22.39 8.65
CA PHE B 536 -9.21 22.66 8.51
C PHE B 536 -8.48 21.34 8.37
N THR B 537 -7.68 21.21 7.32
CA THR B 537 -6.91 19.99 7.10
C THR B 537 -5.73 20.20 6.16
N GLY B 538 -4.70 19.41 6.38
CA GLY B 538 -3.54 19.37 5.51
C GLY B 538 -3.56 18.22 4.54
N ARG B 539 -4.64 17.44 4.53
CA ARG B 539 -4.66 16.18 3.82
C ARG B 539 -6.12 15.74 3.60
N PRO B 540 -6.33 14.76 2.72
CA PRO B 540 -7.64 14.11 2.68
C PRO B 540 -7.96 13.45 4.02
N LEU B 541 -9.22 13.56 4.42
CA LEU B 541 -9.74 12.93 5.62
C LEU B 541 -10.83 11.96 5.21
N THR B 542 -11.14 11.05 6.12
CA THR B 542 -12.18 10.04 5.93
C THR B 542 -13.47 10.61 6.53
N LEU B 543 -14.35 11.06 5.65
CA LEU B 543 -15.48 11.94 6.02
C LEU B 543 -16.88 11.35 5.77
N THR B 544 -17.01 10.03 5.74
CA THR B 544 -18.34 9.46 5.41
C THR B 544 -19.43 9.83 6.43
N TRP B 545 -19.09 9.82 7.71
CA TRP B 545 -20.05 10.20 8.74
C TRP B 545 -20.52 11.65 8.55
N GLU B 546 -19.58 12.54 8.28
CA GLU B 546 -19.85 13.97 8.10
C GLU B 546 -20.68 14.22 6.84
N GLN B 547 -20.34 13.54 5.74
CA GLN B 547 -21.11 13.62 4.50
C GLN B 547 -22.57 13.17 4.72
N GLU B 548 -22.80 12.20 5.61
CA GLU B 548 -24.16 11.72 5.88
C GLU B 548 -24.96 12.72 6.74
N HIS B 549 -24.33 13.35 7.72
CA HIS B 549 -25.04 14.05 8.82
C HIS B 549 -24.94 15.58 8.89
N VAL B 550 -23.92 16.18 8.28
CA VAL B 550 -23.70 17.64 8.34
C VAL B 550 -24.24 18.28 7.06
N PRO B 551 -25.08 19.32 7.15
CA PRO B 551 -25.63 19.86 5.89
C PRO B 551 -24.62 20.52 4.95
N ALA B 552 -23.65 21.22 5.52
CA ALA B 552 -22.69 21.97 4.73
C ALA B 552 -21.29 21.71 5.21
N ILE B 553 -20.41 21.41 4.25
CA ILE B 553 -19.02 21.14 4.51
C ILE B 553 -18.16 21.97 3.56
N LEU B 554 -17.41 22.89 4.14
CA LEU B 554 -16.48 23.73 3.41
C LEU B 554 -15.05 23.35 3.86
N ASN B 555 -14.31 22.75 2.93
CA ASN B 555 -12.91 22.44 3.15
C ASN B 555 -12.04 23.70 2.89
N VAL B 556 -11.48 24.21 3.97
CA VAL B 556 -10.69 25.44 3.94
C VAL B 556 -9.19 25.15 4.01
N TRP B 557 -8.82 23.88 4.01
CA TRP B 557 -7.42 23.47 4.12
C TRP B 557 -6.72 24.24 5.26
N PHE B 558 -5.59 24.89 4.97
CA PHE B 558 -5.06 25.99 5.80
C PHE B 558 -4.80 27.12 4.80
N GLY B 559 -5.57 28.19 4.94
CA GLY B 559 -5.65 29.22 3.93
C GLY B 559 -4.57 30.30 3.99
N GLY B 560 -3.70 30.23 5.00
CA GLY B 560 -2.61 31.20 5.13
C GLY B 560 -2.89 32.24 6.20
N SER B 561 -2.17 33.37 6.15
CA SER B 561 -2.25 34.35 7.23
C SER B 561 -3.59 35.08 7.25
N GLU B 562 -4.23 35.16 6.08
CA GLU B 562 -5.52 35.84 5.93
C GLU B 562 -6.70 34.88 5.80
N ALA B 563 -6.48 33.63 6.20
CA ALA B 563 -7.53 32.60 6.13
C ALA B 563 -8.85 33.01 6.77
N ALA B 564 -8.81 33.67 7.93
CA ALA B 564 -10.05 34.06 8.60
C ALA B 564 -10.91 34.93 7.73
N TYR B 565 -10.30 35.91 7.07
CA TYR B 565 -11.04 36.83 6.21
C TYR B 565 -11.61 36.12 4.99
N ALA B 566 -10.79 35.25 4.38
CA ALA B 566 -11.20 34.47 3.22
C ALA B 566 -12.40 33.57 3.55
N ILE B 567 -12.39 33.00 4.77
CA ILE B 567 -13.47 32.11 5.22
C ILE B 567 -14.75 32.91 5.34
N GLY B 568 -14.69 34.07 6.00
CA GLY B 568 -15.81 35.02 6.00
C GLY B 568 -16.33 35.34 4.59
N ASP B 569 -15.40 35.63 3.66
CA ASP B 569 -15.78 35.91 2.26
C ASP B 569 -16.64 34.80 1.65
N ALA B 570 -16.22 33.56 1.88
CA ALA B 570 -16.93 32.40 1.39
C ALA B 570 -18.27 32.21 2.12
N LEU B 571 -18.25 32.30 3.46
CA LEU B 571 -19.47 32.03 4.26
C LEU B 571 -20.57 33.02 3.95
N PHE B 572 -20.18 34.28 3.78
CA PHE B 572 -21.13 35.38 3.54
C PHE B 572 -21.45 35.61 2.06
N GLY B 573 -20.87 34.80 1.17
CA GLY B 573 -21.14 34.87 -0.27
C GLY B 573 -20.44 35.98 -1.03
N TYR B 574 -19.44 36.62 -0.43
CA TYR B 574 -18.66 37.62 -1.18
C TYR B 574 -17.84 36.96 -2.27
N VAL B 575 -17.43 35.71 -2.03
CA VAL B 575 -16.80 34.84 -3.02
C VAL B 575 -17.62 33.53 -3.10
N ASN B 576 -17.86 33.10 -4.33
CA ASN B 576 -18.50 31.82 -4.61
C ASN B 576 -17.41 30.75 -4.71
N PRO B 577 -17.38 29.78 -3.75
CA PRO B 577 -16.42 28.69 -3.85
C PRO B 577 -16.37 28.03 -5.23
N GLY B 578 -15.15 27.84 -5.71
CA GLY B 578 -14.91 27.17 -6.99
C GLY B 578 -13.72 26.21 -7.00
N GLY B 579 -13.22 25.88 -5.81
CA GLY B 579 -12.14 24.94 -5.68
C GLY B 579 -12.56 23.55 -6.10
N LYS B 580 -11.59 22.79 -6.61
CA LYS B 580 -11.78 21.38 -6.94
C LYS B 580 -10.64 20.57 -6.35
N LEU B 581 -10.98 19.40 -5.83
CA LEU B 581 -9.99 18.55 -5.19
C LEU B 581 -8.91 18.11 -6.16
N THR B 582 -7.68 18.05 -5.65
CA THR B 582 -6.56 17.53 -6.41
C THR B 582 -6.03 16.19 -5.86
N MET B 583 -6.69 15.67 -4.84
CA MET B 583 -6.36 14.37 -4.26
C MET B 583 -7.67 13.72 -3.78
N SER B 584 -7.81 12.45 -4.12
CA SER B 584 -8.96 11.62 -3.76
C SER B 584 -9.19 11.62 -2.25
N PHE B 585 -10.46 11.66 -1.82
CA PHE B 585 -10.81 11.51 -0.41
C PHE B 585 -11.39 10.10 -0.19
N PRO B 586 -10.62 9.19 0.46
CA PRO B 586 -11.15 7.83 0.60
C PRO B 586 -12.24 7.72 1.63
N LYS B 587 -13.03 6.66 1.52
CA LYS B 587 -14.00 6.34 2.54
C LYS B 587 -13.36 5.79 3.82
N ASN B 588 -12.28 5.02 3.70
CA ASN B 588 -11.56 4.54 4.87
C ASN B 588 -10.10 4.26 4.51
N VAL B 589 -9.26 4.15 5.52
CA VAL B 589 -7.83 3.94 5.32
C VAL B 589 -7.53 2.56 4.69
N GLY B 590 -8.43 1.61 4.92
CA GLY B 590 -8.35 0.33 4.23
C GLY B 590 -8.47 0.34 2.72
N GLN B 591 -8.94 1.44 2.11
CA GLN B 591 -8.93 1.56 0.64
C GLN B 591 -7.63 2.09 0.02
N ILE B 592 -6.71 2.58 0.85
CA ILE B 592 -5.47 3.19 0.34
C ILE B 592 -4.61 2.14 -0.37
N PRO B 593 -4.10 2.43 -1.57
CA PRO B 593 -4.15 3.73 -2.25
C PRO B 593 -5.34 3.80 -3.19
N LEU B 594 -6.02 4.94 -3.17
CA LEU B 594 -7.18 5.17 -4.00
C LEU B 594 -6.84 6.39 -4.84
N TYR B 595 -6.84 6.21 -6.17
CA TYR B 595 -6.51 7.30 -7.11
C TYR B 595 -7.28 7.10 -8.40
N TYR B 596 -7.60 8.20 -9.07
CA TYR B 596 -8.54 8.15 -10.19
C TYR B 596 -7.92 7.50 -11.44
N ALA B 597 -6.62 7.68 -11.66
CA ALA B 597 -5.98 7.23 -12.90
C ALA B 597 -5.41 5.83 -12.70
N HIS B 598 -6.30 4.89 -12.36
CA HIS B 598 -5.93 3.51 -12.04
C HIS B 598 -6.17 2.64 -13.26
N LYS B 599 -5.54 1.47 -13.27
CA LYS B 599 -5.77 0.49 -14.34
C LYS B 599 -7.13 -0.17 -14.12
N ASN B 600 -7.65 -0.76 -15.18
CA ASN B 600 -8.97 -1.39 -15.12
C ASN B 600 -9.01 -2.71 -14.34
N THR B 601 -7.89 -3.42 -14.30
CA THR B 601 -7.78 -4.81 -13.85
C THR B 601 -8.45 -5.74 -14.85
N GLY B 602 -8.20 -7.03 -14.66
CA GLY B 602 -8.89 -8.05 -15.42
C GLY B 602 -10.29 -8.39 -14.93
N ARG B 603 -10.68 -7.91 -13.74
CA ARG B 603 -11.99 -8.24 -13.13
C ARG B 603 -12.62 -6.95 -12.55
N PRO B 604 -12.85 -5.96 -13.42
CA PRO B 604 -13.41 -4.70 -12.95
C PRO B 604 -14.83 -4.90 -12.43
N LEU B 605 -15.14 -4.26 -11.31
CA LEU B 605 -16.49 -4.21 -10.79
C LEU B 605 -17.23 -3.16 -11.58
N ALA B 606 -18.33 -3.55 -12.22
CA ALA B 606 -19.15 -2.59 -12.98
C ALA B 606 -19.85 -1.62 -12.03
N GLN B 607 -20.20 -0.46 -12.57
CA GLN B 607 -20.85 0.58 -11.79
C GLN B 607 -22.16 0.04 -11.21
N GLY B 608 -22.38 0.27 -9.93
CA GLY B 608 -23.59 -0.17 -9.24
C GLY B 608 -23.69 -1.65 -8.87
N LYS B 609 -22.64 -2.43 -9.13
CA LYS B 609 -22.66 -3.88 -8.92
C LYS B 609 -22.09 -4.35 -7.57
N TRP B 610 -21.57 -3.43 -6.76
CA TRP B 610 -21.03 -3.80 -5.45
C TRP B 610 -22.15 -4.38 -4.60
N PHE B 611 -22.00 -5.53 -3.94
CA PHE B 611 -20.86 -6.45 -3.99
C PHE B 611 -21.06 -7.54 -5.03
N GLU B 612 -19.99 -7.92 -5.73
CA GLU B 612 -20.03 -9.06 -6.64
C GLU B 612 -18.85 -9.99 -6.43
N LYS B 613 -19.14 -11.24 -6.08
CA LYS B 613 -18.08 -12.23 -5.88
C LYS B 613 -17.36 -12.45 -7.23
N PHE B 614 -16.04 -12.59 -7.14
CA PHE B 614 -15.13 -12.79 -8.28
C PHE B 614 -14.88 -11.53 -9.10
N ARG B 615 -15.17 -10.36 -8.52
CA ARG B 615 -14.77 -9.08 -9.12
C ARG B 615 -13.75 -8.43 -8.19
N SER B 616 -13.03 -7.44 -8.70
CA SER B 616 -12.09 -6.69 -7.88
C SER B 616 -12.86 -5.74 -6.97
N ASN B 617 -13.16 -6.22 -5.76
CA ASN B 617 -13.95 -5.47 -4.77
C ASN B 617 -13.76 -6.03 -3.38
N TYR B 618 -14.14 -5.22 -2.39
CA TYR B 618 -14.06 -5.57 -0.97
C TYR B 618 -15.41 -6.05 -0.44
N LEU B 619 -15.35 -6.77 0.68
CA LEU B 619 -16.56 -7.26 1.36
C LEU B 619 -17.34 -6.19 2.11
N ASP B 620 -16.68 -5.09 2.46
CA ASP B 620 -17.20 -4.16 3.45
C ASP B 620 -17.40 -2.70 3.01
N VAL B 621 -16.92 -2.34 1.82
CA VAL B 621 -17.11 -1.00 1.25
C VAL B 621 -16.97 -1.16 -0.27
N ASP B 622 -17.56 -0.25 -1.05
CA ASP B 622 -17.36 -0.27 -2.50
C ASP B 622 -15.94 0.26 -2.83
N ASN B 623 -15.62 0.36 -4.11
CA ASN B 623 -14.26 0.77 -4.51
C ASN B 623 -14.06 2.27 -4.59
N GLU B 624 -15.09 3.05 -4.31
CA GLU B 624 -15.07 4.47 -4.66
C GLU B 624 -14.54 5.33 -3.54
N PRO B 625 -13.85 6.44 -3.90
CA PRO B 625 -13.62 7.47 -2.91
C PRO B 625 -14.92 8.15 -2.51
N LEU B 626 -14.92 8.79 -1.36
CA LEU B 626 -16.06 9.59 -0.95
C LEU B 626 -16.19 10.78 -1.87
N TYR B 627 -15.08 11.47 -2.08
CA TYR B 627 -15.04 12.55 -3.06
C TYR B 627 -13.88 12.29 -4.02
N PRO B 628 -14.18 12.26 -5.34
CA PRO B 628 -13.16 11.95 -6.34
C PRO B 628 -12.24 13.12 -6.67
N PHE B 629 -11.13 12.80 -7.32
CA PHE B 629 -10.29 13.82 -7.95
C PHE B 629 -11.16 14.77 -8.79
N GLY B 630 -10.87 16.06 -8.66
CA GLY B 630 -11.59 17.09 -9.39
C GLY B 630 -12.94 17.49 -8.83
N TYR B 631 -13.32 16.96 -7.66
CA TYR B 631 -14.64 17.24 -7.11
C TYR B 631 -14.69 18.61 -6.42
N GLY B 632 -15.77 19.35 -6.63
CA GLY B 632 -16.02 20.54 -5.86
C GLY B 632 -17.29 21.19 -6.32
N LEU B 633 -18.07 21.67 -5.36
CA LEU B 633 -19.36 22.30 -5.63
C LEU B 633 -19.24 23.82 -5.70
N SER B 634 -20.36 24.44 -6.03
CA SER B 634 -20.48 25.90 -6.16
C SER B 634 -21.80 26.32 -5.53
N TYR B 635 -21.98 27.61 -5.26
CA TYR B 635 -23.30 28.14 -4.91
C TYR B 635 -24.25 28.15 -6.11
N THR B 636 -23.70 28.00 -7.32
CA THR B 636 -24.48 27.76 -8.54
C THR B 636 -24.33 26.32 -9.04
N THR B 637 -25.01 26.01 -10.13
CA THR B 637 -24.86 24.76 -10.85
C THR B 637 -24.45 25.01 -12.31
N PHE B 638 -23.70 24.06 -12.86
CA PHE B 638 -23.27 24.08 -14.26
C PHE B 638 -23.78 22.83 -14.95
N SER B 639 -24.18 22.99 -16.21
CA SER B 639 -24.66 21.89 -17.04
C SER B 639 -23.78 21.79 -18.27
N TYR B 640 -23.50 20.56 -18.68
CA TYR B 640 -22.63 20.27 -19.81
C TYR B 640 -23.48 19.68 -20.92
N GLY B 641 -23.29 20.19 -22.13
CA GLY B 641 -23.88 19.58 -23.30
C GLY B 641 -23.03 18.40 -23.72
N ASP B 642 -23.35 17.82 -24.87
CA ASP B 642 -22.58 16.73 -25.42
C ASP B 642 -21.27 17.23 -26.02
N ILE B 643 -20.29 16.35 -26.06
CA ILE B 643 -18.99 16.66 -26.61
C ILE B 643 -19.06 16.63 -28.12
N ASP B 644 -18.50 17.67 -28.75
CA ASP B 644 -18.27 17.65 -30.18
C ASP B 644 -16.79 17.51 -30.47
N LEU B 645 -16.46 16.46 -31.22
CA LEU B 645 -15.12 16.27 -31.75
C LEU B 645 -15.14 16.72 -33.20
N SER B 646 -14.18 17.57 -33.56
CA SER B 646 -14.09 18.12 -34.91
C SER B 646 -13.73 17.04 -35.94
N ARG B 647 -13.00 16.01 -35.50
CA ARG B 647 -12.65 14.85 -36.32
C ARG B 647 -13.05 13.56 -35.61
N SER B 648 -13.42 12.55 -36.39
CA SER B 648 -13.59 11.19 -35.89
C SER B 648 -12.29 10.38 -35.98
N THR B 649 -11.35 10.83 -36.82
CA THR B 649 -10.05 10.19 -37.01
C THR B 649 -8.99 11.24 -37.32
N ILE B 650 -7.79 11.00 -36.79
CA ILE B 650 -6.60 11.79 -37.12
C ILE B 650 -5.43 10.83 -37.27
N ASP B 651 -4.38 11.27 -37.96
CA ASP B 651 -3.15 10.48 -38.06
C ASP B 651 -2.06 11.07 -37.17
N MET B 652 -0.87 10.50 -37.23
CA MET B 652 0.23 10.81 -36.31
C MET B 652 0.67 12.28 -36.30
N THR B 653 0.36 13.01 -37.37
CA THR B 653 0.69 14.42 -37.52
C THR B 653 -0.51 15.36 -37.38
N GLY B 654 -1.70 14.80 -37.19
CA GLY B 654 -2.95 15.54 -37.23
C GLY B 654 -3.33 16.15 -35.89
N GLU B 655 -4.53 16.71 -35.86
CA GLU B 655 -5.08 17.31 -34.65
C GLU B 655 -6.60 17.36 -34.73
N LEU B 656 -7.23 17.54 -33.58
CA LEU B 656 -8.67 17.78 -33.51
C LEU B 656 -8.99 18.63 -32.29
N THR B 657 -10.21 19.16 -32.30
CA THR B 657 -10.74 20.00 -31.23
C THR B 657 -11.89 19.29 -30.56
N ALA B 658 -11.88 19.27 -29.23
CA ALA B 658 -13.00 18.74 -28.43
C ALA B 658 -13.70 19.90 -27.77
N ALA B 659 -15.01 19.99 -27.98
CA ALA B 659 -15.76 21.18 -27.63
C ALA B 659 -17.00 20.79 -26.86
N VAL B 660 -17.28 21.55 -25.80
CA VAL B 660 -18.45 21.33 -24.97
C VAL B 660 -19.03 22.67 -24.53
N MET B 661 -20.36 22.76 -24.52
CA MET B 661 -21.06 23.95 -24.06
C MET B 661 -21.36 23.81 -22.57
N VAL B 662 -20.85 24.75 -21.78
CA VAL B 662 -21.09 24.81 -20.35
C VAL B 662 -22.01 25.99 -20.02
N THR B 663 -23.07 25.69 -19.28
CA THR B 663 -24.09 26.66 -18.94
C THR B 663 -24.23 26.79 -17.44
N ASN B 664 -24.20 28.01 -16.94
CA ASN B 664 -24.54 28.31 -15.55
C ASN B 664 -26.05 28.28 -15.42
N THR B 665 -26.53 27.20 -14.80
CA THR B 665 -27.95 26.89 -14.68
C THR B 665 -28.56 27.28 -13.33
N GLY B 666 -27.76 27.84 -12.42
CA GLY B 666 -28.25 28.27 -11.10
C GLY B 666 -28.46 29.77 -11.02
N THR B 667 -28.49 30.28 -9.79
CA THR B 667 -28.81 31.68 -9.53
C THR B 667 -27.62 32.56 -9.10
N TRP B 668 -26.41 32.00 -9.14
CA TRP B 668 -25.21 32.68 -8.62
C TRP B 668 -24.14 32.80 -9.71
N PRO B 669 -23.51 33.99 -9.83
CA PRO B 669 -22.30 34.04 -10.65
C PRO B 669 -21.26 33.11 -10.02
N GLY B 670 -20.48 32.43 -10.84
CA GLY B 670 -19.46 31.53 -10.31
C GLY B 670 -18.50 30.96 -11.32
N SER B 671 -17.39 30.42 -10.82
CA SER B 671 -16.42 29.77 -11.68
C SER B 671 -16.56 28.26 -11.68
N GLU B 672 -16.22 27.67 -12.83
CA GLU B 672 -16.17 26.22 -13.02
C GLU B 672 -14.84 25.81 -13.62
N VAL B 673 -14.24 24.74 -13.09
CA VAL B 673 -13.04 24.13 -13.66
C VAL B 673 -13.54 22.98 -14.54
N VAL B 674 -13.51 23.21 -15.84
CA VAL B 674 -13.85 22.22 -16.86
C VAL B 674 -12.64 21.35 -17.09
N GLN B 675 -12.79 20.05 -16.89
CA GLN B 675 -11.69 19.11 -16.83
C GLN B 675 -11.71 18.19 -18.04
N LEU B 676 -10.55 18.08 -18.71
CA LEU B 676 -10.38 17.21 -19.87
C LEU B 676 -9.62 15.95 -19.46
N TYR B 677 -10.26 14.80 -19.68
CA TYR B 677 -9.63 13.51 -19.44
C TYR B 677 -9.60 12.70 -20.73
N ILE B 678 -8.57 11.88 -20.88
CA ILE B 678 -8.42 11.02 -22.06
C ILE B 678 -8.14 9.61 -21.56
N ARG B 679 -8.80 8.63 -22.18
CA ARG B 679 -8.54 7.21 -21.93
C ARG B 679 -8.10 6.60 -23.25
N ASP B 680 -6.93 5.98 -23.22
CA ASP B 680 -6.38 5.21 -24.32
C ASP B 680 -7.00 3.82 -24.17
N LEU B 681 -7.96 3.45 -25.02
CA LEU B 681 -8.81 2.26 -24.74
C LEU B 681 -8.03 0.95 -24.69
N VAL B 682 -7.07 0.80 -25.60
CA VAL B 682 -6.21 -0.39 -25.69
C VAL B 682 -4.75 0.00 -25.74
N GLY B 683 -3.88 -0.68 -25.01
CA GLY B 683 -2.44 -0.40 -25.07
C GLY B 683 -1.66 -1.68 -25.21
N SER B 684 -0.39 -1.55 -25.57
CA SER B 684 0.53 -2.67 -25.55
C SER B 684 0.84 -3.06 -24.11
N THR B 685 0.71 -2.08 -23.20
CA THR B 685 0.61 -2.30 -21.75
C THR B 685 -0.73 -1.73 -21.29
N THR B 686 -1.15 -2.06 -20.07
CA THR B 686 -2.46 -1.61 -19.60
C THR B 686 -2.39 -0.11 -19.31
N ARG B 687 -3.45 0.61 -19.66
CA ARG B 687 -3.48 2.05 -19.58
C ARG B 687 -4.53 2.46 -18.54
N PRO B 688 -4.35 3.61 -17.89
CA PRO B 688 -5.33 4.03 -16.90
C PRO B 688 -6.72 4.23 -17.48
N VAL B 689 -7.72 4.13 -16.63
CA VAL B 689 -9.11 4.38 -17.05
C VAL B 689 -9.39 5.83 -17.48
N LYS B 690 -8.55 6.75 -17.01
CA LYS B 690 -8.52 8.11 -17.57
C LYS B 690 -7.30 8.83 -17.04
N GLU B 691 -6.90 9.89 -17.74
CA GLU B 691 -5.80 10.75 -17.33
C GLU B 691 -6.20 12.18 -17.64
N LEU B 692 -6.03 13.07 -16.69
CA LEU B 692 -6.23 14.51 -16.92
C LEU B 692 -5.21 14.96 -17.96
N LYS B 693 -5.71 15.59 -19.02
CA LYS B 693 -4.86 16.13 -20.10
C LYS B 693 -5.12 17.59 -20.43
N GLY B 694 -6.07 18.23 -19.75
CA GLY B 694 -6.28 19.66 -19.92
C GLY B 694 -7.31 20.15 -18.91
N PHE B 695 -7.39 21.46 -18.78
CA PHE B 695 -8.50 22.06 -18.04
C PHE B 695 -8.64 23.52 -18.39
N GLN B 696 -9.82 24.07 -18.13
CA GLN B 696 -10.07 25.50 -18.25
C GLN B 696 -11.00 25.94 -17.16
N LYS B 697 -10.57 26.98 -16.43
CA LYS B 697 -11.40 27.57 -15.41
C LYS B 697 -12.16 28.73 -16.03
N ILE B 698 -13.49 28.65 -15.99
CA ILE B 698 -14.35 29.63 -16.65
C ILE B 698 -15.20 30.33 -15.59
N PHE B 699 -15.59 31.57 -15.88
CA PHE B 699 -16.49 32.31 -15.01
C PHE B 699 -17.75 32.65 -15.80
N LEU B 700 -18.90 32.31 -15.25
CA LEU B 700 -20.20 32.49 -15.92
C LEU B 700 -21.22 33.15 -14.99
N GLU B 701 -21.94 34.13 -15.53
CA GLU B 701 -23.06 34.76 -14.86
C GLU B 701 -24.25 33.79 -14.94
N PRO B 702 -25.27 33.97 -14.08
CA PRO B 702 -26.44 33.08 -14.20
C PRO B 702 -27.08 33.13 -15.60
N GLY B 703 -27.38 31.95 -16.14
CA GLY B 703 -27.90 31.81 -17.51
C GLY B 703 -26.89 31.87 -18.65
N GLN B 704 -25.66 32.30 -18.37
CA GLN B 704 -24.64 32.47 -19.39
C GLN B 704 -23.99 31.13 -19.77
N SER B 705 -23.61 31.01 -21.04
CA SER B 705 -23.00 29.81 -21.59
C SER B 705 -21.65 30.12 -22.22
N GLU B 706 -20.80 29.11 -22.28
CA GLU B 706 -19.53 29.24 -22.96
C GLU B 706 -19.18 27.88 -23.56
N ILE B 707 -18.72 27.91 -24.80
CA ILE B 707 -18.23 26.70 -25.48
C ILE B 707 -16.75 26.62 -25.16
N VAL B 708 -16.36 25.54 -24.48
CA VAL B 708 -14.99 25.31 -24.04
C VAL B 708 -14.33 24.36 -25.03
N ARG B 709 -13.21 24.79 -25.60
CA ARG B 709 -12.51 24.02 -26.62
C ARG B 709 -11.14 23.56 -26.16
N PHE B 710 -10.86 22.27 -26.37
CA PHE B 710 -9.54 21.71 -26.15
C PHE B 710 -8.96 21.16 -27.44
N LYS B 711 -7.70 21.52 -27.70
CA LYS B 711 -6.94 20.98 -28.81
C LYS B 711 -6.39 19.65 -28.36
N ILE B 712 -6.64 18.61 -29.14
CA ILE B 712 -6.11 17.28 -28.88
C ILE B 712 -5.20 16.89 -30.04
N ALA B 713 -3.95 16.56 -29.73
CA ALA B 713 -3.01 16.11 -30.75
C ALA B 713 -2.21 14.92 -30.22
N PRO B 714 -1.62 14.11 -31.13
CA PRO B 714 -0.88 12.92 -30.70
C PRO B 714 0.22 13.10 -29.67
N GLU B 715 0.86 14.26 -29.63
CA GLU B 715 1.84 14.58 -28.59
C GLU B 715 1.27 14.36 -27.16
N MET B 716 0.01 14.71 -26.97
CA MET B 716 -0.67 14.55 -25.68
C MET B 716 -1.02 13.10 -25.34
N LEU B 717 -1.05 12.26 -26.36
CA LEU B 717 -1.48 10.88 -26.29
C LEU B 717 -0.34 9.92 -26.05
N ARG B 718 0.89 10.44 -25.94
CA ARG B 718 2.06 9.62 -25.75
C ARG B 718 2.13 9.11 -24.34
N TYR B 719 2.77 7.97 -24.18
CA TYR B 719 3.01 7.39 -22.87
C TYR B 719 4.26 6.49 -22.94
N TYR B 720 4.84 6.20 -21.78
CA TYR B 720 6.00 5.32 -21.71
C TYR B 720 5.57 3.86 -21.79
N ASN B 721 5.93 3.22 -22.90
CA ASN B 721 5.55 1.82 -23.13
C ASN B 721 6.45 0.88 -22.31
N TYR B 722 6.34 -0.42 -22.58
CA TYR B 722 7.05 -1.42 -21.79
C TYR B 722 8.57 -1.24 -21.87
N ASP B 723 9.04 -0.81 -23.04
CA ASP B 723 10.46 -0.47 -23.26
C ASP B 723 10.85 0.94 -22.85
N LEU B 724 9.96 1.67 -22.18
CA LEU B 724 10.20 3.05 -21.77
C LEU B 724 10.42 4.03 -22.92
N GLN B 725 9.84 3.71 -24.07
N GLN B 725 9.90 3.70 -24.10
CA GLN B 725 9.80 4.58 -25.23
CA GLN B 725 9.86 4.64 -25.21
C GLN B 725 8.57 5.47 -25.10
C GLN B 725 8.61 5.48 -25.00
N LEU B 726 8.75 6.78 -25.19
CA LEU B 726 7.63 7.72 -25.03
C LEU B 726 6.93 7.87 -26.37
N VAL B 727 5.80 7.17 -26.52
CA VAL B 727 5.14 6.98 -27.84
C VAL B 727 3.63 7.05 -27.73
N ALA B 728 2.99 7.52 -28.81
CA ALA B 728 1.54 7.41 -29.02
C ALA B 728 1.28 6.26 -29.98
N GLU B 729 0.46 5.29 -29.56
CA GLU B 729 0.18 4.11 -30.37
C GLU B 729 -1.12 4.33 -31.12
N PRO B 730 -1.18 3.86 -32.38
CA PRO B 730 -2.46 3.99 -33.06
C PRO B 730 -3.55 3.17 -32.37
N GLY B 731 -4.78 3.63 -32.51
CA GLY B 731 -5.92 3.00 -31.86
C GLY B 731 -6.91 4.04 -31.40
N GLU B 732 -7.89 3.58 -30.64
CA GLU B 732 -9.02 4.41 -30.25
C GLU B 732 -8.80 5.08 -28.90
N PHE B 733 -9.31 6.30 -28.80
CA PHE B 733 -9.24 7.07 -27.56
C PHE B 733 -10.62 7.54 -27.18
N GLU B 734 -10.82 7.67 -25.88
CA GLU B 734 -12.03 8.23 -25.34
C GLU B 734 -11.70 9.55 -24.67
N VAL B 735 -12.42 10.59 -25.09
CA VAL B 735 -12.28 11.95 -24.60
C VAL B 735 -13.43 12.20 -23.63
N MET B 736 -13.10 12.66 -22.43
CA MET B 736 -14.10 12.85 -21.40
C MET B 736 -13.95 14.26 -20.87
N ILE B 737 -15.06 14.97 -20.75
CA ILE B 737 -15.06 16.33 -20.22
C ILE B 737 -16.13 16.48 -19.15
N GLY B 738 -15.75 17.09 -18.03
CA GLY B 738 -16.71 17.31 -16.97
C GLY B 738 -16.25 18.10 -15.77
N THR B 739 -17.15 18.17 -14.81
CA THR B 739 -17.04 18.92 -13.57
C THR B 739 -16.13 18.29 -12.50
N ASN B 740 -15.81 17.01 -12.70
CA ASN B 740 -14.87 16.25 -11.86
C ASN B 740 -14.47 14.99 -12.63
N SER B 741 -13.61 14.14 -12.06
CA SER B 741 -13.11 12.95 -12.77
C SER B 741 -14.13 11.82 -12.87
N ARG B 742 -15.24 11.94 -12.14
CA ARG B 742 -16.28 10.92 -12.10
C ARG B 742 -17.42 11.24 -13.06
N ASP B 743 -17.91 12.48 -13.02
CA ASP B 743 -19.14 12.88 -13.72
C ASP B 743 -18.74 13.59 -15.02
N VAL B 744 -18.74 12.86 -16.13
CA VAL B 744 -18.16 13.34 -17.39
C VAL B 744 -19.09 13.01 -18.57
N LYS B 745 -18.94 13.79 -19.63
CA LYS B 745 -19.58 13.52 -20.93
C LYS B 745 -18.47 12.92 -21.77
N SER B 746 -18.82 12.04 -22.70
CA SER B 746 -17.81 11.25 -23.42
C SER B 746 -17.97 11.20 -24.95
N ALA B 747 -16.85 11.08 -25.65
CA ALA B 747 -16.84 10.87 -27.10
C ALA B 747 -15.59 10.15 -27.51
N ARG B 748 -15.61 9.51 -28.67
CA ARG B 748 -14.44 8.75 -29.14
C ARG B 748 -13.89 9.17 -30.50
N PHE B 749 -12.59 8.95 -30.68
CA PHE B 749 -11.89 9.14 -31.95
C PHE B 749 -10.77 8.12 -32.09
N THR B 750 -10.30 7.94 -33.32
CA THR B 750 -9.23 7.00 -33.65
C THR B 750 -7.94 7.72 -34.09
N LEU B 751 -6.80 7.20 -33.64
CA LEU B 751 -5.49 7.61 -34.15
C LEU B 751 -4.97 6.54 -35.11
N LYS B 752 -4.55 6.97 -36.31
CA LYS B 752 -4.13 6.07 -37.40
C LYS B 752 -2.61 6.09 -37.59
MG MG C . 27.41 -6.29 3.62
C1 PEG D . -5.50 -53.13 -4.76
O1 PEG D . -5.04 -52.51 -5.96
C2 PEG D . -4.33 -53.44 -3.85
O2 PEG D . -4.43 -52.69 -2.63
C3 PEG D . -3.18 -52.33 -2.03
C4 PEG D . -3.14 -50.81 -1.88
O4 PEG D . -3.68 -50.39 -0.62
O1 PG4 E . -1.21 -48.10 -33.28
C1 PG4 E . -0.56 -47.21 -34.19
C2 PG4 E . 0.92 -47.09 -33.82
O2 PG4 E . 1.01 -46.06 -32.84
C3 PG4 E . 2.29 -45.46 -32.70
C4 PG4 E . 2.24 -44.54 -31.47
O3 PG4 E . 1.48 -43.35 -31.71
C5 PG4 E . 0.70 -42.83 -30.59
C6 PG4 E . -0.66 -42.46 -31.16
O4 PG4 E . -1.87 -42.63 -30.40
C7 PG4 E . -3.04 -42.45 -31.24
C8 PG4 E . -3.49 -43.73 -31.94
O5 PG4 E . -4.13 -43.50 -33.21
MG MG F . -4.27 2.58 -27.70
#